data_7SX7
#
_entry.id   7SX7
#
_cell.length_a   60.367
_cell.length_b   65.418
_cell.length_c   112.381
_cell.angle_alpha   90.02
_cell.angle_beta   104.85
_cell.angle_gamma   90.02
#
_symmetry.space_group_name_H-M   'P 1'
#
loop_
_entity.id
_entity.type
_entity.pdbx_description
1 polymer 'clade A/E 93TH057 HIV-1 gp120 core'
2 polymer 'N49P9.3-FR3-3 ANTIBODY FAB HEAVY CHAIN'
3 polymer 'N49P9.3-FR3-3 ANTIBODY FAB LIGHT CHAIN'
4 non-polymer 2-acetamido-2-deoxy-beta-D-glucopyranose
5 non-polymer '4-(2-HYDROXYETHYL)-1-PIPERAZINE ETHANESULFONIC ACID'
6 water water
#
loop_
_entity_poly.entity_id
_entity_poly.type
_entity_poly.pdbx_seq_one_letter_code
_entity_poly.pdbx_strand_id
1 'polypeptide(L)'
;VPVWKDADTTLFCASDAKAHETEVHNVWATHACVPTDPNPQEIHLENVTENFNMWKNNMVEQMQEDVISLWDQSLQPCVK
LTGGSVIKQACPKISFDPIPIHYCTPAGYVILKCNDKNFNGTGPCKNVSSVQCTHGIKPVVSTQLLLNGSLAEEEIIIRS
ENLTNNAKTIIVHLNKSVEINCTRPSNGGSGSGGDIRKAYCEINGTKWNKVLKQVTEKLKEHFNNKTIIFQPPSGGDLEI
TMHSFNCRGEFFYCNTTQLFNNTCIGNETMKGCNGTITLPCKIKQIINMWQGTGQAMYAPPIDGKINCVSNITGILLTRD
GGANNTSNETFRPGGGNIKDNWRSELYKYKVVQIE
;
G,A
2 'polypeptide(L)'
;HVQLVQSGGGVKKIGAAVRISCEVSGYNFMDQFINWVRQAPGQGLEWMGWMNPIYGQVNYSWRFQGRVTMTRQLSQDPDD
PDWGTAFMELRGLRVDDTAVYYCARGPSGENYPFHYWGQGVRVVVSSPSTKGPSVFPLAPSSKSTSGGTAALGCLVKDYF
PEPVTVSWNSGALTSGVHTFPAVLQSSGLYSLSSVVTVPSSSLGTQTYICNVNHKPSNTKVDKRVEPKSC
;
H,B
3 'polypeptide(L)'
;LTQPASMSASPGQSVTISCSGTRHIISAWFQQYPGKPPKLIIFDDDKRPSGVPSRFSASRPGDTASLTISNVQPEDEATY
ICNTYEFFGGGTKLTVLSQPKAAPSVTLFPPSSEELQANKATLVCLVSDFYPGAVTVAWKADGSPVKVGVETTKPSKQSN
NKYAASSYLSLTPEQWKSHRSYSCRVTHEGSTVEKTVAPAECS
;
L,C
#
loop_
_chem_comp.id
_chem_comp.type
_chem_comp.name
_chem_comp.formula
EPE non-polymer '4-(2-HYDROXYETHYL)-1-PIPERAZINE ETHANESULFONIC ACID' 'C8 H18 N2 O4 S'
NAG D-saccharide, beta linking 2-acetamido-2-deoxy-beta-D-glucopyranose 'C8 H15 N O6'
#
# COMPACT_ATOMS: atom_id res chain seq x y z
N PRO A 2 51.30 40.08 -28.29
CA PRO A 2 49.96 40.09 -27.67
C PRO A 2 49.18 38.81 -27.98
N VAL A 3 49.78 37.66 -27.74
CA VAL A 3 49.12 36.37 -27.91
C VAL A 3 48.93 35.73 -26.54
N TRP A 4 48.19 34.62 -26.53
CA TRP A 4 47.84 33.93 -25.30
C TRP A 4 47.71 32.45 -25.59
N LYS A 5 47.67 31.65 -24.52
CA LYS A 5 47.51 30.21 -24.62
C LYS A 5 46.58 29.73 -23.52
N ASP A 6 45.85 28.66 -23.81
CA ASP A 6 44.95 28.05 -22.85
C ASP A 6 45.77 27.42 -21.72
N ALA A 7 45.54 27.87 -20.48
CA ALA A 7 46.26 27.34 -19.34
C ALA A 7 45.37 27.41 -18.10
N ASP A 8 45.70 26.59 -17.11
CA ASP A 8 45.00 26.56 -15.84
C ASP A 8 45.91 27.08 -14.74
N THR A 9 45.39 27.97 -13.91
CA THR A 9 46.12 28.50 -12.77
C THR A 9 45.15 28.65 -11.60
N THR A 10 45.72 28.66 -10.40
CA THR A 10 44.88 28.80 -9.22
C THR A 10 44.32 30.21 -9.14
N LEU A 11 43.00 30.31 -9.14
CA LEU A 11 42.32 31.59 -9.09
C LEU A 11 42.23 32.09 -7.65
N PHE A 12 41.78 33.32 -7.49
CA PHE A 12 41.41 33.85 -6.18
C PHE A 12 40.04 34.50 -6.28
N CYS A 13 39.34 34.57 -5.15
CA CYS A 13 37.95 35.02 -5.14
C CYS A 13 37.82 36.42 -4.57
N ALA A 14 36.79 37.12 -5.02
CA ALA A 14 36.46 38.46 -4.53
C ALA A 14 34.97 38.49 -4.21
N SER A 15 34.60 39.32 -3.24
CA SER A 15 33.20 39.43 -2.85
C SER A 15 32.99 40.74 -2.11
N ASP A 16 31.72 41.01 -1.83
CA ASP A 16 31.33 42.13 -0.97
C ASP A 16 31.01 41.68 0.45
N ALA A 17 31.72 40.66 0.94
CA ALA A 17 31.42 40.10 2.26
C ALA A 17 31.61 41.14 3.35
N LYS A 18 30.75 41.06 4.37
CA LYS A 18 30.85 41.93 5.55
C LYS A 18 31.48 41.14 6.68
N ALA A 19 32.65 41.60 7.15
CA ALA A 19 33.36 40.93 8.23
C ALA A 19 32.56 40.88 9.53
N HIS A 20 31.58 41.77 9.70
CA HIS A 20 30.76 41.80 10.91
C HIS A 20 29.47 41.00 10.78
N GLU A 21 29.24 40.33 9.65
CA GLU A 21 28.01 39.59 9.43
C GLU A 21 28.14 38.17 9.96
N THR A 22 27.04 37.66 10.50
CA THR A 22 27.00 36.29 10.99
C THR A 22 26.73 35.27 9.89
N GLU A 23 26.23 35.72 8.74
CA GLU A 23 25.89 34.81 7.66
C GLU A 23 27.14 34.06 7.19
N VAL A 24 26.97 32.75 6.93
CA VAL A 24 28.13 31.87 6.83
C VAL A 24 28.91 32.12 5.54
N HIS A 25 28.22 32.49 4.45
CA HIS A 25 28.93 32.82 3.23
C HIS A 25 29.78 34.06 3.42
N ASN A 26 29.22 35.11 4.04
CA ASN A 26 29.99 36.29 4.42
C ASN A 26 31.21 35.91 5.27
N VAL A 27 31.01 35.02 6.25
CA VAL A 27 32.11 34.63 7.12
C VAL A 27 33.23 33.96 6.32
N TRP A 28 32.86 33.02 5.43
CA TRP A 28 33.87 32.31 4.65
C TRP A 28 34.58 33.25 3.68
N ALA A 29 33.82 34.09 2.97
CA ALA A 29 34.41 34.99 1.99
C ALA A 29 35.26 36.08 2.65
N THR A 30 34.94 36.46 3.89
CA THR A 30 35.77 37.45 4.58
C THR A 30 37.23 36.97 4.65
N HIS A 31 37.45 35.74 5.09
CA HIS A 31 38.80 35.22 5.27
C HIS A 31 39.37 34.56 4.03
N ALA A 32 38.54 34.15 3.07
CA ALA A 32 39.00 33.42 1.89
C ALA A 32 39.04 34.26 0.62
N CYS A 33 38.46 35.46 0.62
CA CYS A 33 38.38 36.28 -0.58
C CYS A 33 38.85 37.71 -0.28
N VAL A 34 39.13 38.43 -1.36
CA VAL A 34 39.52 39.83 -1.29
C VAL A 34 38.29 40.68 -1.63
N PRO A 35 38.29 41.98 -1.36
CA PRO A 35 37.15 42.80 -1.77
C PRO A 35 36.98 42.81 -3.27
N THR A 36 35.74 42.98 -3.72
CA THR A 36 35.45 43.02 -5.14
C THR A 36 36.24 44.14 -5.81
N ASP A 37 36.69 43.89 -7.05
CA ASP A 37 37.43 44.86 -7.85
C ASP A 37 36.65 46.17 -7.91
N PRO A 38 37.18 47.24 -7.32
CA PRO A 38 36.48 48.54 -7.39
C PRO A 38 36.58 49.19 -8.76
N ASN A 39 37.55 48.79 -9.59
CA ASN A 39 37.73 49.34 -10.94
C ASN A 39 37.99 48.18 -11.90
N PRO A 40 36.95 47.45 -12.29
CA PRO A 40 37.13 46.38 -13.28
C PRO A 40 37.20 46.93 -14.70
N GLN A 41 38.08 46.34 -15.50
CA GLN A 41 38.40 46.83 -16.84
C GLN A 41 38.24 45.69 -17.84
N GLU A 42 37.14 45.69 -18.57
CA GLU A 42 36.90 44.73 -19.65
C GLU A 42 37.23 45.42 -20.97
N ILE A 43 38.12 44.81 -21.75
CA ILE A 43 38.55 45.38 -23.02
C ILE A 43 38.22 44.39 -24.14
N HIS A 44 37.58 44.91 -25.18
CA HIS A 44 37.17 44.12 -26.33
C HIS A 44 38.40 43.65 -27.12
N LEU A 45 38.39 42.38 -27.52
CA LEU A 45 39.46 41.83 -28.36
C LEU A 45 39.05 41.99 -29.81
N GLU A 46 39.63 43.00 -30.47
CA GLU A 46 39.17 43.43 -31.80
C GLU A 46 39.25 42.29 -32.81
N ASN A 47 38.07 41.86 -33.27
CA ASN A 47 37.92 40.85 -34.33
C ASN A 47 38.74 39.60 -34.00
N VAL A 48 38.39 38.99 -32.87
CA VAL A 48 39.04 37.79 -32.38
C VAL A 48 37.98 36.71 -32.20
N THR A 49 38.26 35.52 -32.72
CA THR A 49 37.43 34.34 -32.54
C THR A 49 38.18 33.32 -31.71
N GLU A 50 37.57 32.88 -30.60
CA GLU A 50 38.19 31.92 -29.70
C GLU A 50 37.31 30.68 -29.55
N ASN A 51 37.87 29.67 -28.89
CA ASN A 51 37.23 28.37 -28.73
C ASN A 51 36.98 28.13 -27.24
N PHE A 52 35.71 28.08 -26.85
CA PHE A 52 35.32 27.83 -25.48
C PHE A 52 34.72 26.44 -25.34
N ASN A 53 34.89 25.84 -24.16
CA ASN A 53 34.31 24.54 -23.85
C ASN A 53 33.95 24.56 -22.37
N MET A 54 32.68 24.81 -22.07
CA MET A 54 32.24 24.92 -20.68
C MET A 54 32.36 23.59 -19.93
N TRP A 55 32.32 22.48 -20.67
CA TRP A 55 32.37 21.16 -20.06
C TRP A 55 33.78 20.70 -19.74
N LYS A 56 34.79 21.42 -20.20
CA LYS A 56 36.20 21.16 -19.86
C LYS A 56 36.79 22.50 -19.47
N ASN A 57 36.61 22.89 -18.21
CA ASN A 57 37.02 24.21 -17.75
C ASN A 57 37.39 24.12 -16.29
N ASN A 58 38.66 24.40 -15.98
CA ASN A 58 39.16 24.16 -14.63
C ASN A 58 38.62 25.16 -13.62
N MET A 59 38.09 26.31 -14.08
CA MET A 59 37.43 27.22 -13.15
C MET A 59 36.26 26.54 -12.45
N VAL A 60 35.60 25.60 -13.14
CA VAL A 60 34.47 24.89 -12.53
C VAL A 60 34.94 24.02 -11.38
N GLU A 61 36.03 23.25 -11.60
CA GLU A 61 36.57 22.43 -10.52
C GLU A 61 37.05 23.28 -9.36
N GLN A 62 37.66 24.43 -9.65
CA GLN A 62 38.15 25.30 -8.59
C GLN A 62 37.00 25.87 -7.77
N MET A 63 35.92 26.30 -8.44
CA MET A 63 34.75 26.73 -7.71
C MET A 63 34.17 25.58 -6.88
N GLN A 64 34.17 24.37 -7.43
CA GLN A 64 33.66 23.23 -6.68
C GLN A 64 34.44 23.00 -5.40
N GLU A 65 35.77 23.10 -5.46
CA GLU A 65 36.58 22.94 -4.26
C GLU A 65 36.27 24.04 -3.25
N ASP A 66 35.99 25.25 -3.73
CA ASP A 66 35.62 26.35 -2.85
C ASP A 66 34.32 26.08 -2.12
N VAL A 67 33.31 25.57 -2.84
CA VAL A 67 32.03 25.32 -2.22
C VAL A 67 32.14 24.17 -1.23
N ILE A 68 33.00 23.20 -1.53
CA ILE A 68 33.28 22.12 -0.58
C ILE A 68 33.86 22.70 0.72
N SER A 69 34.86 23.57 0.59
CA SER A 69 35.45 24.21 1.77
C SER A 69 34.41 25.04 2.51
N LEU A 70 33.57 25.78 1.77
CA LEU A 70 32.59 26.64 2.41
C LEU A 70 31.57 25.82 3.22
N TRP A 71 31.04 24.75 2.62
CA TRP A 71 30.03 23.95 3.29
C TRP A 71 30.62 23.19 4.47
N ASP A 72 31.83 22.64 4.31
CA ASP A 72 32.46 21.93 5.43
C ASP A 72 32.78 22.87 6.57
N GLN A 73 33.13 24.12 6.26
CA GLN A 73 33.44 25.08 7.32
C GLN A 73 32.18 25.61 7.98
N SER A 74 31.09 25.75 7.25
CA SER A 74 29.91 26.49 7.71
C SER A 74 28.80 25.62 8.28
N LEU A 75 28.57 24.44 7.70
CA LEU A 75 27.48 23.57 8.13
C LEU A 75 28.02 22.55 9.12
N GLN A 76 27.58 22.65 10.37
CA GLN A 76 28.04 21.78 11.45
C GLN A 76 26.95 20.78 11.82
N PRO A 77 27.04 19.53 11.37
CA PRO A 77 26.07 18.51 11.79
C PRO A 77 26.34 18.05 13.22
N CYS A 78 25.28 17.58 13.86
CA CYS A 78 25.43 17.06 15.22
C CYS A 78 26.32 15.82 15.24
N VAL A 79 26.14 14.92 14.26
CA VAL A 79 26.90 13.68 14.17
C VAL A 79 27.40 13.50 12.74
N LYS A 80 28.62 13.02 12.59
CA LYS A 80 29.17 12.65 11.28
C LYS A 80 29.54 11.18 11.30
N LEU A 81 29.03 10.42 10.33
CA LEU A 81 29.28 8.99 10.21
C LEU A 81 29.74 8.74 8.77
N THR A 82 31.05 8.86 8.53
CA THR A 82 31.58 8.74 7.17
C THR A 82 32.11 7.34 6.88
N GLY A 83 33.10 6.87 7.64
CA GLY A 83 33.62 5.54 7.46
C GLY A 83 33.48 4.71 8.73
N GLY A 84 34.60 4.47 9.41
CA GLY A 84 34.55 3.90 10.73
C GLY A 84 34.62 4.99 11.77
N SER A 85 34.07 6.16 11.43
CA SER A 85 34.16 7.36 12.24
C SER A 85 32.77 7.76 12.74
N VAL A 86 32.67 8.01 14.04
CA VAL A 86 31.44 8.48 14.67
C VAL A 86 31.85 9.70 15.52
N ILE A 87 31.81 10.88 14.93
CA ILE A 87 32.24 12.12 15.59
C ILE A 87 31.01 12.96 15.90
N LYS A 88 30.94 13.46 17.13
CA LYS A 88 29.83 14.28 17.61
C LYS A 88 30.35 15.65 17.99
N GLN A 89 29.63 16.68 17.56
CA GLN A 89 30.07 18.05 17.81
C GLN A 89 28.84 18.93 17.98
N ALA A 90 29.07 20.17 18.39
CA ALA A 90 27.99 21.13 18.49
C ALA A 90 27.41 21.41 17.12
N CYS A 91 26.08 21.56 17.06
CA CYS A 91 25.35 21.81 15.82
C CYS A 91 24.35 22.94 15.98
N PRO A 92 24.83 24.17 16.20
CA PRO A 92 23.95 25.31 16.06
C PRO A 92 23.66 25.49 14.58
N LYS A 93 22.40 25.95 14.47
CA LYS A 93 21.68 26.43 13.27
C LYS A 93 22.34 27.75 12.92
N ILE A 94 22.50 28.06 11.64
CA ILE A 94 23.24 29.23 11.23
C ILE A 94 22.41 30.12 10.29
N SER A 95 22.97 31.33 10.02
CA SER A 95 22.43 32.25 9.02
C SER A 95 23.02 31.85 7.68
N PHE A 96 22.18 31.35 6.79
CA PHE A 96 22.62 30.78 5.51
C PHE A 96 21.85 31.47 4.40
N ASP A 97 22.57 32.23 3.58
CA ASP A 97 22.02 32.84 2.38
C ASP A 97 23.17 33.13 1.42
N PRO A 98 23.25 32.40 0.30
CA PRO A 98 24.40 32.56 -0.60
C PRO A 98 24.57 34.00 -1.11
N ILE A 99 25.83 34.39 -1.28
CA ILE A 99 26.20 35.71 -1.80
C ILE A 99 27.05 35.53 -3.05
N PRO A 100 27.06 36.49 -3.98
CA PRO A 100 27.82 36.30 -5.22
C PRO A 100 29.33 36.32 -4.97
N ILE A 101 30.05 35.49 -5.73
CA ILE A 101 31.49 35.35 -5.62
C ILE A 101 32.11 35.58 -6.98
N HIS A 102 33.11 36.46 -7.05
CA HIS A 102 33.85 36.69 -8.28
C HIS A 102 35.11 35.83 -8.29
N TYR A 103 35.45 35.29 -9.45
CA TYR A 103 36.67 34.50 -9.62
C TYR A 103 37.64 35.25 -10.52
N CYS A 104 38.88 35.39 -10.05
CA CYS A 104 39.85 36.27 -10.67
C CYS A 104 41.17 35.53 -10.91
N THR A 105 41.89 35.94 -11.99
CA THR A 105 43.19 35.39 -12.35
C THR A 105 44.32 36.19 -11.72
N PRO A 106 45.43 35.53 -11.35
CA PRO A 106 46.60 36.27 -10.86
C PRO A 106 47.36 36.96 -11.99
N ALA A 107 48.52 37.53 -11.67
CA ALA A 107 49.33 38.20 -12.68
C ALA A 107 49.83 37.20 -13.71
N GLY A 108 49.87 37.63 -14.97
CA GLY A 108 50.26 36.75 -16.06
C GLY A 108 49.13 35.96 -16.67
N TYR A 109 47.93 36.03 -16.10
CA TYR A 109 46.76 35.36 -16.64
C TYR A 109 45.60 36.34 -16.73
N VAL A 110 44.69 36.08 -17.65
CA VAL A 110 43.44 36.83 -17.77
C VAL A 110 42.32 35.83 -18.05
N ILE A 111 41.10 36.35 -18.10
CA ILE A 111 39.90 35.54 -18.35
C ILE A 111 39.26 36.05 -19.63
N LEU A 112 39.12 35.17 -20.61
CA LEU A 112 38.37 35.50 -21.81
C LEU A 112 36.89 35.27 -21.55
N LYS A 113 36.06 36.25 -21.91
CA LYS A 113 34.62 36.18 -21.73
C LYS A 113 33.93 36.23 -23.09
N CYS A 114 33.04 35.28 -23.33
CA CYS A 114 32.28 35.21 -24.57
C CYS A 114 31.01 36.03 -24.44
N ASN A 115 30.89 37.08 -25.26
CA ASN A 115 29.74 37.99 -25.21
C ASN A 115 28.70 37.72 -26.28
N ASP A 116 28.75 36.55 -26.93
CA ASP A 116 27.73 36.20 -27.91
C ASP A 116 26.40 35.95 -27.21
N LYS A 117 25.36 36.66 -27.66
CA LYS A 117 24.05 36.60 -27.01
C LYS A 117 23.42 35.21 -27.06
N ASN A 118 23.80 34.38 -28.02
N ASN A 118 23.85 34.37 -28.00
CA ASN A 118 23.27 33.02 -28.12
CA ASN A 118 23.29 33.04 -28.19
C ASN A 118 24.38 31.99 -28.03
C ASN A 118 24.34 31.95 -27.98
N PHE A 119 25.35 32.22 -27.15
CA PHE A 119 26.41 31.26 -26.92
C PHE A 119 25.86 30.04 -26.19
N ASN A 120 26.13 28.86 -26.72
CA ASN A 120 25.65 27.62 -26.10
C ASN A 120 26.69 26.98 -25.19
N GLY A 121 27.87 27.57 -25.06
CA GLY A 121 28.89 27.08 -24.16
C GLY A 121 29.97 26.24 -24.81
N THR A 122 29.78 25.79 -26.04
CA THR A 122 30.75 24.94 -26.73
C THR A 122 30.97 25.45 -28.14
N GLY A 123 32.25 25.62 -28.51
CA GLY A 123 32.59 26.00 -29.86
C GLY A 123 33.18 27.39 -29.99
N PRO A 124 33.10 27.96 -31.19
CA PRO A 124 33.72 29.26 -31.43
C PRO A 124 32.88 30.42 -30.93
N CYS A 125 33.55 31.45 -30.44
CA CYS A 125 32.92 32.68 -29.98
C CYS A 125 33.43 33.85 -30.80
N LYS A 126 32.53 34.75 -31.16
CA LYS A 126 32.85 35.87 -32.03
C LYS A 126 33.15 37.16 -31.30
N ASN A 127 32.49 37.38 -30.19
CA ASN A 127 32.59 38.61 -29.43
C ASN A 127 33.35 38.26 -28.16
N VAL A 128 34.68 38.32 -28.24
CA VAL A 128 35.55 37.96 -27.14
C VAL A 128 36.03 39.24 -26.45
N SER A 129 35.95 39.25 -25.12
CA SER A 129 36.50 40.33 -24.32
C SER A 129 37.43 39.72 -23.28
N SER A 130 38.29 40.56 -22.71
CA SER A 130 39.20 40.13 -21.65
C SER A 130 38.85 40.86 -20.36
N VAL A 131 38.80 40.10 -19.27
CA VAL A 131 38.50 40.63 -17.94
C VAL A 131 39.51 40.04 -16.96
N GLN A 132 39.57 40.63 -15.77
CA GLN A 132 40.36 40.06 -14.68
C GLN A 132 39.53 39.27 -13.69
N CYS A 133 38.24 39.56 -13.58
CA CYS A 133 37.34 38.87 -12.67
C CYS A 133 36.01 38.60 -13.35
N THR A 134 35.47 37.40 -13.13
CA THR A 134 34.11 37.09 -13.57
C THR A 134 33.11 37.95 -12.80
N HIS A 135 31.86 37.93 -13.26
CA HIS A 135 30.80 38.54 -12.47
C HIS A 135 30.51 37.70 -11.23
N GLY A 136 29.79 38.28 -10.28
CA GLY A 136 29.52 37.61 -9.03
C GLY A 136 28.56 36.46 -9.23
N ILE A 137 28.93 35.27 -8.79
CA ILE A 137 28.15 34.06 -9.01
C ILE A 137 27.76 33.48 -7.66
N LYS A 138 26.46 33.33 -7.43
CA LYS A 138 25.97 32.73 -6.18
C LYS A 138 26.22 31.22 -6.18
N PRO A 139 26.86 30.68 -5.15
CA PRO A 139 27.10 29.23 -5.11
C PRO A 139 25.89 28.46 -4.59
N VAL A 140 24.85 28.41 -5.40
CA VAL A 140 23.60 27.77 -5.00
C VAL A 140 23.72 26.26 -5.23
N VAL A 141 23.58 25.49 -4.15
CA VAL A 141 23.67 24.05 -4.20
C VAL A 141 22.26 23.49 -4.32
N SER A 142 22.00 22.75 -5.40
CA SER A 142 20.67 22.20 -5.63
C SER A 142 20.78 21.11 -6.68
N THR A 143 19.71 20.32 -6.79
CA THR A 143 19.62 19.25 -7.76
C THR A 143 18.35 19.40 -8.58
N GLN A 144 18.41 18.93 -9.83
CA GLN A 144 17.27 18.88 -10.75
C GLN A 144 16.85 20.26 -11.25
N LEU A 145 17.12 21.32 -10.49
CA LEU A 145 16.64 22.65 -10.82
C LEU A 145 17.70 23.65 -10.44
N LEU A 146 18.06 24.54 -11.36
CA LEU A 146 19.01 25.61 -11.06
C LEU A 146 18.23 26.80 -10.55
N LEU A 147 18.65 27.34 -9.41
CA LEU A 147 17.92 28.41 -8.74
C LEU A 147 18.81 29.64 -8.55
N ASN A 148 18.18 30.81 -8.60
CA ASN A 148 18.84 32.09 -8.28
C ASN A 148 20.04 32.35 -9.17
N GLY A 149 19.96 31.91 -10.43
CA GLY A 149 21.01 32.09 -11.39
C GLY A 149 20.68 33.12 -12.46
N SER A 150 21.57 33.20 -13.45
CA SER A 150 21.38 34.09 -14.59
C SER A 150 20.36 33.49 -15.56
N LEU A 151 19.89 34.33 -16.48
CA LEU A 151 18.97 33.93 -17.53
C LEU A 151 19.63 34.09 -18.90
N ALA A 152 19.15 33.30 -19.87
CA ALA A 152 19.59 33.48 -21.25
C ALA A 152 19.06 34.80 -21.80
N GLU A 153 19.85 35.45 -22.67
CA GLU A 153 19.51 36.79 -23.15
C GLU A 153 18.19 36.80 -23.91
N GLU A 154 18.11 35.96 -24.93
CA GLU A 154 17.02 36.01 -25.89
C GLU A 154 16.25 34.70 -25.91
N GLU A 155 16.88 33.59 -26.32
CA GLU A 155 16.18 32.32 -26.45
C GLU A 155 16.60 31.35 -25.37
N ILE A 156 15.70 30.39 -25.10
CA ILE A 156 16.07 29.23 -24.28
C ILE A 156 17.27 28.55 -24.92
N ILE A 157 18.30 28.27 -24.10
CA ILE A 157 19.55 27.70 -24.58
C ILE A 157 19.68 26.28 -24.04
N ILE A 158 20.09 25.37 -24.91
CA ILE A 158 20.40 23.99 -24.57
C ILE A 158 21.92 23.85 -24.55
N ARG A 159 22.47 23.41 -23.43
CA ARG A 159 23.91 23.26 -23.26
C ARG A 159 24.23 21.80 -22.96
N SER A 160 25.19 21.24 -23.71
CA SER A 160 25.60 19.86 -23.56
C SER A 160 26.89 19.64 -24.33
N GLU A 161 27.80 18.83 -23.76
CA GLU A 161 29.00 18.47 -24.49
C GLU A 161 28.66 17.70 -25.76
N ASN A 162 27.60 16.88 -25.71
CA ASN A 162 27.09 16.21 -26.90
C ASN A 162 25.67 15.74 -26.61
N LEU A 163 24.70 16.33 -27.31
CA LEU A 163 23.30 15.96 -27.11
C LEU A 163 23.01 14.53 -27.52
N THR A 164 23.79 13.95 -28.44
CA THR A 164 23.61 12.56 -28.84
C THR A 164 24.25 11.57 -27.87
N ASN A 165 25.06 12.05 -26.92
CA ASN A 165 25.66 11.19 -25.90
C ASN A 165 24.78 11.21 -24.66
N ASN A 166 24.16 10.07 -24.34
CA ASN A 166 23.21 10.00 -23.24
C ASN A 166 23.87 10.08 -21.87
N ALA A 167 25.21 10.05 -21.80
CA ALA A 167 25.94 10.19 -20.55
C ALA A 167 26.34 11.63 -20.27
N LYS A 168 26.16 12.53 -21.23
CA LYS A 168 26.42 13.95 -21.07
C LYS A 168 25.14 14.65 -20.62
N THR A 169 25.21 15.37 -19.51
CA THR A 169 24.01 16.00 -18.96
C THR A 169 23.70 17.31 -19.67
N ILE A 170 22.41 17.66 -19.68
CA ILE A 170 21.90 18.79 -20.43
C ILE A 170 21.52 19.89 -19.46
N ILE A 171 22.04 21.10 -19.70
CA ILE A 171 21.65 22.29 -18.97
C ILE A 171 20.70 23.08 -19.85
N VAL A 172 19.49 23.31 -19.36
CA VAL A 172 18.51 24.18 -20.03
C VAL A 172 18.61 25.54 -19.36
N HIS A 173 18.91 26.56 -20.16
CA HIS A 173 19.04 27.92 -19.65
C HIS A 173 17.78 28.69 -20.02
N LEU A 174 16.92 28.92 -19.04
CA LEU A 174 15.67 29.61 -19.31
C LEU A 174 15.92 31.08 -19.55
N ASN A 175 15.03 31.69 -20.34
CA ASN A 175 15.08 33.15 -20.51
C ASN A 175 14.08 33.89 -19.64
N LYS A 176 13.10 33.20 -19.08
CA LYS A 176 12.16 33.79 -18.12
C LYS A 176 12.21 33.00 -16.82
N SER A 177 12.48 33.69 -15.72
CA SER A 177 12.50 33.06 -14.41
C SER A 177 11.11 32.61 -14.01
N VAL A 178 11.06 31.53 -13.23
CA VAL A 178 9.82 30.98 -12.70
C VAL A 178 9.97 30.85 -11.19
N GLU A 179 9.04 31.43 -10.45
CA GLU A 179 9.16 31.49 -9.01
C GLU A 179 8.83 30.13 -8.40
N ILE A 180 9.68 29.68 -7.49
CA ILE A 180 9.38 28.53 -6.64
C ILE A 180 9.43 28.99 -5.20
N ASN A 181 8.32 28.81 -4.49
CA ASN A 181 8.09 29.40 -3.17
C ASN A 181 7.88 28.25 -2.18
N CYS A 182 8.88 27.98 -1.35
CA CYS A 182 8.91 26.80 -0.49
C CYS A 182 8.73 27.22 0.97
N THR A 183 7.82 26.56 1.66
CA THR A 183 7.43 26.96 3.01
C THR A 183 7.29 25.76 3.93
N ARG A 184 7.93 25.84 5.09
CA ARG A 184 7.57 24.99 6.22
C ARG A 184 6.72 25.85 7.15
N PRO A 185 5.42 25.67 7.21
CA PRO A 185 4.58 26.59 7.99
C PRO A 185 4.84 26.50 9.47
N SER A 186 4.58 27.60 10.17
CA SER A 186 4.70 27.62 11.62
C SER A 186 3.66 26.72 12.25
N ASN A 187 4.07 25.99 13.30
CA ASN A 187 3.22 24.97 13.93
C ASN A 187 2.79 23.91 12.92
N ASP A 195 3.44 17.83 11.73
CA ASP A 195 4.79 17.36 11.48
C ASP A 195 5.74 18.53 11.16
N ILE A 196 6.81 18.65 11.95
CA ILE A 196 7.75 19.74 11.78
C ILE A 196 8.58 19.58 10.53
N ARG A 197 8.64 18.39 9.95
CA ARG A 197 9.45 18.15 8.76
C ARG A 197 8.65 18.19 7.47
N LYS A 198 7.35 18.47 7.53
CA LYS A 198 6.56 18.57 6.31
C LYS A 198 6.59 20.00 5.78
N ALA A 199 6.77 20.13 4.48
CA ALA A 199 6.82 21.42 3.82
C ALA A 199 6.26 21.26 2.40
N TYR A 200 6.29 22.35 1.64
CA TYR A 200 5.78 22.33 0.29
C TYR A 200 6.37 23.50 -0.49
N CYS A 201 6.47 23.32 -1.81
CA CYS A 201 6.88 24.37 -2.71
C CYS A 201 5.73 24.68 -3.66
N GLU A 202 5.43 25.97 -3.83
CA GLU A 202 4.33 26.41 -4.66
C GLU A 202 4.88 27.00 -5.95
N ILE A 203 4.36 26.56 -7.09
CA ILE A 203 4.77 27.04 -8.40
C ILE A 203 3.52 27.41 -9.18
N ASN A 204 3.58 28.56 -9.87
CA ASN A 204 2.49 28.98 -10.75
C ASN A 204 2.42 28.00 -11.92
N GLY A 205 1.34 27.22 -11.97
CA GLY A 205 1.25 26.16 -12.96
C GLY A 205 1.09 26.68 -14.37
N THR A 206 0.35 27.79 -14.54
CA THR A 206 0.21 28.36 -15.86
C THR A 206 1.57 28.80 -16.40
N LYS A 207 2.28 29.62 -15.65
CA LYS A 207 3.58 30.12 -16.07
C LYS A 207 4.57 28.98 -16.30
N TRP A 208 4.62 28.01 -15.38
CA TRP A 208 5.58 26.93 -15.50
C TRP A 208 5.28 26.02 -16.69
N ASN A 209 4.00 25.67 -16.87
CA ASN A 209 3.65 24.79 -17.99
C ASN A 209 3.91 25.46 -19.33
N LYS A 210 3.72 26.77 -19.41
CA LYS A 210 4.02 27.47 -20.67
C LYS A 210 5.52 27.44 -20.93
N VAL A 211 6.33 27.72 -19.91
CA VAL A 211 7.78 27.62 -20.04
C VAL A 211 8.20 26.21 -20.43
N LEU A 212 7.55 25.19 -19.84
CA LEU A 212 7.90 23.82 -20.19
C LEU A 212 7.56 23.51 -21.64
N LYS A 213 6.45 24.06 -22.16
CA LYS A 213 6.14 23.90 -23.57
C LYS A 213 7.22 24.52 -24.45
N GLN A 214 7.72 25.70 -24.06
CA GLN A 214 8.80 26.33 -24.80
C GLN A 214 10.06 25.47 -24.75
N VAL A 215 10.36 24.89 -23.59
CA VAL A 215 11.50 23.99 -23.48
C VAL A 215 11.32 22.79 -24.39
N THR A 216 10.10 22.25 -24.45
CA THR A 216 9.82 21.09 -25.28
C THR A 216 10.02 21.39 -26.76
N GLU A 217 9.58 22.58 -27.21
CA GLU A 217 9.78 22.96 -28.60
C GLU A 217 11.25 23.20 -28.92
N LYS A 218 11.98 23.78 -27.97
CA LYS A 218 13.42 23.96 -28.13
C LYS A 218 14.14 22.62 -28.23
N LEU A 219 13.77 21.65 -27.39
CA LEU A 219 14.36 20.33 -27.53
C LEU A 219 13.97 19.70 -28.86
N LYS A 220 12.73 19.92 -29.31
CA LYS A 220 12.31 19.44 -30.62
C LYS A 220 13.25 19.94 -31.72
N GLU A 221 13.72 21.18 -31.60
CA GLU A 221 14.64 21.73 -32.60
C GLU A 221 15.91 20.90 -32.68
N HIS A 222 16.40 20.41 -31.54
CA HIS A 222 17.67 19.70 -31.51
C HIS A 222 17.53 18.22 -31.79
N PHE A 223 16.32 17.66 -31.72
CA PHE A 223 16.12 16.22 -31.86
C PHE A 223 15.17 15.89 -32.99
N ASN A 224 15.32 16.58 -34.13
CA ASN A 224 14.63 16.25 -35.37
C ASN A 224 13.11 16.17 -35.19
N ASN A 225 12.56 17.10 -34.40
CA ASN A 225 11.12 17.22 -34.17
C ASN A 225 10.53 15.93 -33.59
N LYS A 226 11.33 15.17 -32.85
CA LYS A 226 10.81 13.99 -32.18
C LYS A 226 9.91 14.39 -31.02
N THR A 227 9.11 13.43 -30.57
CA THR A 227 8.25 13.69 -29.43
C THR A 227 9.07 13.76 -28.15
N ILE A 228 8.86 14.82 -27.37
CA ILE A 228 9.61 15.04 -26.13
C ILE A 228 8.73 14.60 -24.97
N ILE A 229 9.22 13.63 -24.20
CA ILE A 229 8.48 13.10 -23.05
C ILE A 229 9.34 13.25 -21.80
N PHE A 230 8.74 13.71 -20.73
CA PHE A 230 9.40 13.79 -19.43
C PHE A 230 8.96 12.65 -18.53
N GLN A 231 9.87 12.15 -17.71
CA GLN A 231 9.60 11.10 -16.74
C GLN A 231 10.36 11.39 -15.45
N PRO A 232 9.90 10.86 -14.33
CA PRO A 232 10.66 11.01 -13.08
C PRO A 232 12.00 10.31 -13.15
N PRO A 233 12.91 10.57 -12.21
CA PRO A 233 14.19 9.87 -12.22
C PRO A 233 14.00 8.35 -12.12
N SER A 234 14.84 7.62 -12.84
CA SER A 234 14.78 6.16 -12.86
C SER A 234 15.40 5.50 -11.64
N GLY A 235 16.04 6.28 -10.77
CA GLY A 235 16.62 5.73 -9.57
C GLY A 235 17.71 6.65 -9.05
N GLY A 236 18.45 6.15 -8.07
CA GLY A 236 19.55 6.89 -7.47
C GLY A 236 19.24 7.28 -6.03
N ASP A 237 20.18 8.02 -5.45
CA ASP A 237 20.03 8.48 -4.08
C ASP A 237 18.95 9.56 -3.99
N LEU A 238 18.41 9.71 -2.79
CA LEU A 238 17.32 10.64 -2.58
C LEU A 238 17.71 12.07 -2.95
N GLU A 239 19.00 12.40 -2.80
CA GLU A 239 19.45 13.76 -3.10
C GLU A 239 19.24 14.12 -4.56
N ILE A 240 19.27 13.15 -5.45
CA ILE A 240 19.10 13.39 -6.88
C ILE A 240 17.75 12.95 -7.41
N THR A 241 17.07 12.01 -6.73
CA THR A 241 15.71 11.66 -7.14
C THR A 241 14.72 12.74 -6.74
N MET A 242 15.08 13.58 -5.76
CA MET A 242 14.27 14.70 -5.33
C MET A 242 15.04 16.00 -5.61
N HIS A 243 14.29 17.08 -5.83
CA HIS A 243 14.86 18.43 -5.86
C HIS A 243 15.28 18.80 -4.43
N SER A 244 16.57 18.68 -4.14
CA SER A 244 17.11 18.97 -2.82
C SER A 244 17.88 20.28 -2.84
N PHE A 245 17.71 21.08 -1.79
CA PHE A 245 18.33 22.40 -1.69
C PHE A 245 18.42 22.78 -0.21
N ASN A 246 19.11 23.88 0.07
CA ASN A 246 19.27 24.39 1.42
C ASN A 246 18.49 25.69 1.54
N CYS A 247 17.57 25.75 2.50
CA CYS A 247 16.78 26.94 2.78
C CYS A 247 16.95 27.30 4.24
N ARG A 248 17.68 28.38 4.50
CA ARG A 248 17.88 28.90 5.87
C ARG A 248 18.53 27.84 6.77
N GLY A 249 19.43 27.06 6.19
CA GLY A 249 20.13 26.03 6.92
C GLY A 249 19.46 24.67 6.92
N GLU A 250 18.18 24.61 6.55
CA GLU A 250 17.43 23.36 6.51
C GLU A 250 17.57 22.72 5.13
N PHE A 251 17.67 21.39 5.11
CA PHE A 251 17.82 20.63 3.87
C PHE A 251 16.45 20.18 3.39
N PHE A 252 15.92 20.87 2.38
CA PHE A 252 14.64 20.52 1.78
C PHE A 252 14.83 19.46 0.70
N TYR A 253 13.92 18.48 0.69
CA TYR A 253 13.84 17.47 -0.36
C TYR A 253 12.41 17.48 -0.89
N CYS A 254 12.25 17.76 -2.18
CA CYS A 254 10.94 17.97 -2.77
C CYS A 254 10.70 17.06 -3.96
N ASN A 255 9.48 16.56 -4.05
CA ASN A 255 9.02 15.68 -5.13
C ASN A 255 8.56 16.53 -6.30
N THR A 256 9.17 16.33 -7.47
CA THR A 256 8.92 17.19 -8.63
C THR A 256 8.13 16.49 -9.74
N THR A 257 7.43 15.39 -9.44
CA THR A 257 6.66 14.70 -10.48
C THR A 257 5.63 15.63 -11.11
N GLN A 258 4.94 16.42 -10.28
CA GLN A 258 3.97 17.40 -10.79
C GLN A 258 4.62 18.52 -11.59
N LEU A 259 5.94 18.67 -11.55
CA LEU A 259 6.61 19.64 -12.40
C LEU A 259 6.84 19.14 -13.82
N PHE A 260 6.59 17.87 -14.10
CA PHE A 260 6.82 17.30 -15.43
C PHE A 260 5.62 16.46 -15.85
N ASN A 261 4.45 17.06 -15.75
CA ASN A 261 3.19 16.40 -16.11
C ASN A 261 2.98 16.62 -17.60
N ASN A 262 3.26 15.58 -18.41
CA ASN A 262 3.20 15.73 -19.86
C ASN A 262 1.82 16.14 -20.32
N THR A 263 0.76 15.69 -19.63
CA THR A 263 -0.60 15.96 -20.09
C THR A 263 -0.95 17.45 -20.04
N CYS A 264 -0.18 18.25 -19.30
CA CYS A 264 -0.39 19.68 -19.20
C CYS A 264 0.44 20.48 -20.21
N ILE A 265 1.33 19.83 -20.96
CA ILE A 265 2.20 20.55 -21.88
C ILE A 265 1.96 20.06 -23.31
N GLY A 266 0.72 19.64 -23.58
CA GLY A 266 0.33 19.24 -24.91
C GLY A 266 -0.29 20.39 -25.69
N ASN A 267 -0.25 20.26 -27.02
CA ASN A 267 -0.81 21.26 -27.90
C ASN A 267 -2.32 21.41 -27.74
N GLU A 268 -3.01 20.36 -27.30
CA GLU A 268 -4.46 20.41 -27.14
C GLU A 268 -4.88 21.31 -25.97
N THR A 269 -3.95 21.66 -25.09
CA THR A 269 -4.17 22.54 -23.94
C THR A 269 -5.23 21.87 -23.04
N MET A 270 -6.06 22.70 -22.39
CA MET A 270 -7.04 22.32 -21.38
C MET A 270 -6.44 21.52 -20.22
N LYS A 271 -7.30 20.72 -19.58
CA LYS A 271 -7.06 20.02 -18.33
C LYS A 271 -6.87 21.04 -17.22
N GLY A 272 -7.15 20.63 -15.98
CA GLY A 272 -6.95 21.50 -14.84
C GLY A 272 -5.50 21.61 -14.40
N CYS A 273 -4.64 22.06 -15.32
CA CYS A 273 -3.21 22.22 -15.07
C CYS A 273 -2.76 23.68 -15.05
N ASN A 274 -3.69 24.61 -14.83
CA ASN A 274 -3.32 26.02 -14.78
C ASN A 274 -3.34 26.57 -13.36
N GLY A 275 -3.61 25.74 -12.37
CA GLY A 275 -3.61 26.16 -10.98
C GLY A 275 -2.23 26.14 -10.38
N THR A 276 -2.20 26.18 -9.06
CA THR A 276 -0.94 26.16 -8.34
C THR A 276 -0.43 24.72 -8.23
N ILE A 277 0.81 24.50 -8.63
CA ILE A 277 1.47 23.21 -8.45
C ILE A 277 2.11 23.20 -7.07
N THR A 278 1.69 22.25 -6.23
CA THR A 278 2.20 22.12 -4.86
C THR A 278 3.07 20.87 -4.76
N LEU A 279 4.36 21.07 -4.53
CA LEU A 279 5.29 19.96 -4.42
C LEU A 279 5.48 19.60 -2.95
N PRO A 280 5.20 18.37 -2.54
CA PRO A 280 5.44 18.01 -1.14
C PRO A 280 6.93 17.90 -0.86
N CYS A 281 7.32 18.33 0.34
CA CYS A 281 8.72 18.40 0.70
C CYS A 281 8.91 17.88 2.11
N LYS A 282 10.13 17.39 2.39
CA LYS A 282 10.53 16.99 3.72
C LYS A 282 11.85 17.67 4.06
N ILE A 283 11.95 18.23 5.25
CA ILE A 283 13.21 18.74 5.77
C ILE A 283 13.96 17.57 6.41
N LYS A 284 15.06 17.16 5.80
CA LYS A 284 15.79 15.98 6.24
C LYS A 284 16.89 16.34 7.22
N GLN A 285 17.10 15.46 8.19
CA GLN A 285 18.18 15.57 9.16
C GLN A 285 19.37 14.69 8.83
N ILE A 286 19.15 13.60 8.13
CA ILE A 286 20.22 12.70 7.70
C ILE A 286 20.48 12.97 6.22
N ILE A 287 21.69 13.42 5.91
CA ILE A 287 22.08 13.80 4.55
C ILE A 287 23.37 13.09 4.20
N ASN A 288 23.42 12.50 3.00
CA ASN A 288 24.65 11.89 2.52
C ASN A 288 25.67 12.98 2.19
N MET A 289 26.84 12.91 2.85
CA MET A 289 27.88 13.89 2.59
C MET A 289 28.33 13.84 1.13
N TRP A 290 28.63 15.00 0.57
CA TRP A 290 29.04 15.06 -0.83
C TRP A 290 30.54 15.03 -1.03
N GLN A 291 31.32 15.44 -0.02
CA GLN A 291 32.77 15.38 -0.14
C GLN A 291 33.22 13.94 -0.34
N GLY A 292 32.88 13.07 0.62
CA GLY A 292 33.27 11.68 0.55
C GLY A 292 32.36 10.76 1.32
N THR A 293 31.46 10.10 0.59
CA THR A 293 30.77 8.88 0.99
C THR A 293 30.53 8.82 2.50
N GLY A 294 29.55 9.61 2.95
CA GLY A 294 29.29 9.71 4.36
C GLY A 294 27.85 10.00 4.71
N GLN A 295 27.58 10.20 6.01
CA GLN A 295 26.26 10.56 6.50
C GLN A 295 26.43 11.65 7.54
N ALA A 296 25.53 12.64 7.52
CA ALA A 296 25.54 13.74 8.46
C ALA A 296 24.16 13.89 9.06
N MET A 297 24.08 13.91 10.39
CA MET A 297 22.83 14.05 11.12
C MET A 297 22.79 15.44 11.76
N TYR A 298 21.85 16.27 11.33
CA TYR A 298 21.68 17.62 11.85
C TYR A 298 20.54 17.66 12.86
N ALA A 299 20.33 18.83 13.45
CA ALA A 299 19.26 19.01 14.42
C ALA A 299 17.94 19.30 13.72
N PRO A 300 16.81 19.03 14.38
CA PRO A 300 15.49 19.34 13.80
C PRO A 300 15.34 20.81 13.46
N PRO A 301 14.37 21.16 12.62
CA PRO A 301 14.23 22.55 12.17
C PRO A 301 13.90 23.50 13.30
N ILE A 302 14.20 24.78 13.07
CA ILE A 302 13.84 25.84 14.01
C ILE A 302 12.34 26.08 13.91
N ASP A 303 11.80 26.81 14.88
CA ASP A 303 10.36 27.05 14.93
C ASP A 303 9.99 28.27 14.09
N GLY A 304 8.70 28.35 13.76
CA GLY A 304 8.19 29.44 12.95
C GLY A 304 8.19 29.12 11.47
N LYS A 305 7.79 30.12 10.70
CA LYS A 305 7.73 29.95 9.26
C LYS A 305 9.14 29.89 8.69
N ILE A 306 9.42 28.82 7.94
CA ILE A 306 10.67 28.66 7.21
C ILE A 306 10.32 28.80 5.74
N ASN A 307 10.71 29.93 5.14
CA ASN A 307 10.29 30.29 3.80
C ASN A 307 11.49 30.68 2.95
N CYS A 308 11.50 30.20 1.70
CA CYS A 308 12.46 30.62 0.69
C CYS A 308 11.74 30.77 -0.64
N VAL A 309 11.91 31.94 -1.28
CA VAL A 309 11.37 32.22 -2.60
C VAL A 309 12.55 32.33 -3.54
N SER A 310 12.56 31.48 -4.58
CA SER A 310 13.71 31.37 -5.47
C SER A 310 13.25 31.48 -6.92
N ASN A 311 14.22 31.80 -7.77
CA ASN A 311 14.00 31.86 -9.22
C ASN A 311 14.50 30.56 -9.83
N ILE A 312 13.58 29.73 -10.31
CA ILE A 312 13.97 28.65 -11.21
C ILE A 312 14.47 29.28 -12.49
N THR A 313 15.76 29.11 -12.78
CA THR A 313 16.36 29.68 -13.97
C THR A 313 16.94 28.63 -14.90
N GLY A 314 17.09 27.39 -14.45
CA GLY A 314 17.66 26.34 -15.29
C GLY A 314 17.11 24.99 -14.89
N ILE A 315 17.26 24.03 -15.81
CA ILE A 315 16.81 22.66 -15.62
C ILE A 315 17.95 21.73 -16.04
N LEU A 316 18.37 20.87 -15.12
CA LEU A 316 19.31 19.80 -15.43
C LEU A 316 18.52 18.58 -15.90
N LEU A 317 18.90 18.02 -17.05
CA LEU A 317 18.18 16.90 -17.62
C LEU A 317 19.16 15.80 -18.06
N THR A 318 18.65 14.57 -18.08
CA THR A 318 19.37 13.41 -18.60
C THR A 318 18.44 12.68 -19.56
N ARG A 319 18.93 12.41 -20.77
CA ARG A 319 18.15 11.74 -21.79
C ARG A 319 18.37 10.24 -21.70
N ASP A 320 17.31 9.47 -21.90
CA ASP A 320 17.37 8.01 -21.78
C ASP A 320 18.34 7.38 -22.76
N GLY A 321 18.03 7.42 -24.05
CA GLY A 321 18.83 6.67 -24.99
C GLY A 321 18.52 5.19 -24.91
N GLY A 322 19.21 4.44 -25.77
CA GLY A 322 18.78 3.09 -26.06
C GLY A 322 17.54 3.01 -26.93
N ALA A 323 17.14 4.13 -27.53
CA ALA A 323 15.90 4.25 -28.29
C ALA A 323 15.86 3.34 -29.52
N ASN A 324 16.64 3.67 -30.54
CA ASN A 324 16.59 2.99 -31.84
C ASN A 324 15.16 2.92 -32.37
N ASN A 325 14.48 1.80 -32.10
CA ASN A 325 13.14 1.54 -32.61
C ASN A 325 12.09 2.26 -31.75
N THR A 326 12.21 3.58 -31.70
CA THR A 326 11.22 4.46 -31.10
C THR A 326 11.31 5.82 -31.79
N SER A 327 10.22 6.58 -31.69
CA SER A 327 10.10 7.89 -32.32
C SER A 327 9.90 8.99 -31.27
N ASN A 328 10.62 8.89 -30.15
CA ASN A 328 10.52 9.90 -29.11
C ASN A 328 11.76 9.83 -28.23
N GLU A 329 12.06 10.95 -27.58
CA GLU A 329 13.18 11.05 -26.64
C GLU A 329 12.64 11.35 -25.26
N THR A 330 13.13 10.62 -24.26
CA THR A 330 12.64 10.72 -22.90
C THR A 330 13.69 11.38 -22.02
N PHE A 331 13.27 12.36 -21.24
CA PHE A 331 14.17 13.18 -20.41
C PHE A 331 13.73 13.10 -18.96
N ARG A 332 14.71 13.03 -18.05
CA ARG A 332 14.41 12.95 -16.63
C ARG A 332 15.23 14.01 -15.89
N PRO A 333 14.65 14.64 -14.87
CA PRO A 333 15.37 15.70 -14.16
C PRO A 333 16.54 15.13 -13.36
N GLY A 334 17.61 15.90 -13.31
CA GLY A 334 18.83 15.53 -12.62
C GLY A 334 20.05 15.78 -13.49
N GLY A 335 21.21 15.49 -12.92
CA GLY A 335 22.47 15.68 -13.63
C GLY A 335 23.56 14.72 -13.20
N GLY A 336 24.77 14.96 -13.68
CA GLY A 336 25.92 14.12 -13.37
C GLY A 336 26.49 14.41 -12.01
N ASN A 337 26.67 15.68 -11.69
CA ASN A 337 27.14 16.08 -10.37
C ASN A 337 26.94 17.58 -10.23
N ILE A 338 27.44 18.12 -9.12
CA ILE A 338 27.12 19.49 -8.78
C ILE A 338 27.94 20.50 -9.57
N LYS A 339 29.04 20.07 -10.19
CA LYS A 339 29.82 20.95 -11.04
C LYS A 339 28.99 21.53 -12.19
N ASP A 340 27.91 20.84 -12.58
CA ASP A 340 27.05 21.38 -13.63
C ASP A 340 26.44 22.71 -13.22
N ASN A 341 26.16 22.88 -11.93
CA ASN A 341 25.62 24.15 -11.45
C ASN A 341 26.59 25.29 -11.71
N TRP A 342 27.88 25.06 -11.45
CA TRP A 342 28.88 26.08 -11.72
C TRP A 342 29.12 26.27 -13.20
N ARG A 343 29.04 25.19 -13.99
CA ARG A 343 29.15 25.34 -15.44
C ARG A 343 28.04 26.22 -15.99
N SER A 344 26.84 26.14 -15.39
CA SER A 344 25.72 26.91 -15.90
C SER A 344 25.95 28.42 -15.80
N GLU A 345 26.87 28.85 -14.94
CA GLU A 345 27.22 30.27 -14.83
C GLU A 345 28.61 30.60 -15.37
N LEU A 346 29.53 29.63 -15.40
CA LEU A 346 30.88 29.88 -15.89
C LEU A 346 31.05 29.58 -17.37
N TYR A 347 29.96 29.32 -18.10
CA TYR A 347 30.08 28.94 -19.51
C TYR A 347 30.73 30.07 -20.32
N LYS A 348 30.60 31.31 -19.87
CA LYS A 348 31.14 32.45 -20.60
C LYS A 348 32.63 32.63 -20.45
N TYR A 349 33.22 32.07 -19.41
CA TYR A 349 34.58 32.42 -19.02
C TYR A 349 35.54 31.28 -19.30
N LYS A 350 36.81 31.64 -19.49
CA LYS A 350 37.87 30.69 -19.73
C LYS A 350 39.19 31.38 -19.44
N VAL A 351 40.07 30.69 -18.72
CA VAL A 351 41.33 31.26 -18.24
C VAL A 351 42.41 31.03 -19.29
N VAL A 352 43.16 32.08 -19.64
CA VAL A 352 44.28 31.98 -20.56
C VAL A 352 45.50 32.65 -19.95
N GLN A 353 46.67 32.24 -20.43
CA GLN A 353 47.95 32.75 -19.98
C GLN A 353 48.52 33.71 -21.01
N ILE A 354 49.00 34.87 -20.56
CA ILE A 354 49.62 35.86 -21.43
C ILE A 354 51.13 35.72 -21.33
N GLU A 355 51.78 35.58 -22.48
CA GLU A 355 53.24 35.41 -22.52
C GLU A 355 53.80 36.06 -23.79
N HIS B 1 46.42 -3.18 -13.18
CA HIS B 1 45.79 -2.25 -14.10
C HIS B 1 44.32 -2.06 -13.74
N VAL B 2 43.55 -1.51 -14.67
CA VAL B 2 42.10 -1.42 -14.51
C VAL B 2 41.50 -2.80 -14.69
N GLN B 3 40.85 -3.32 -13.64
CA GLN B 3 40.26 -4.65 -13.66
C GLN B 3 38.79 -4.60 -13.27
N LEU B 4 37.98 -5.38 -13.97
CA LEU B 4 36.56 -5.53 -13.67
C LEU B 4 36.25 -7.03 -13.57
N VAL B 5 35.99 -7.49 -12.36
CA VAL B 5 35.77 -8.91 -12.07
C VAL B 5 34.32 -9.09 -11.64
N GLN B 6 33.63 -10.01 -12.31
CA GLN B 6 32.20 -10.21 -12.13
C GLN B 6 31.93 -11.49 -11.33
N SER B 7 30.78 -11.51 -10.65
CA SER B 7 30.34 -12.67 -9.87
C SER B 7 28.82 -12.70 -9.89
N GLY B 8 28.27 -13.88 -9.59
CA GLY B 8 26.86 -14.01 -9.34
C GLY B 8 25.99 -14.39 -10.53
N GLY B 9 26.47 -15.34 -11.34
CA GLY B 9 25.69 -15.86 -12.43
C GLY B 9 25.39 -17.35 -12.23
N GLY B 10 24.43 -17.84 -12.99
CA GLY B 10 24.13 -19.26 -12.96
C GLY B 10 22.71 -19.51 -13.45
N VAL B 11 22.16 -20.62 -13.01
CA VAL B 11 20.83 -21.07 -13.41
C VAL B 11 19.80 -20.46 -12.46
N LYS B 12 18.72 -19.94 -13.03
CA LYS B 12 17.65 -19.30 -12.29
C LYS B 12 16.31 -19.85 -12.76
N LYS B 13 15.29 -19.69 -11.94
CA LYS B 13 13.97 -20.16 -12.28
C LYS B 13 13.16 -19.07 -12.98
N ILE B 14 12.17 -19.50 -13.77
CA ILE B 14 11.25 -18.56 -14.42
C ILE B 14 10.61 -17.70 -13.34
N GLY B 15 10.61 -16.38 -13.57
CA GLY B 15 10.35 -15.44 -12.51
C GLY B 15 11.66 -15.18 -11.81
N ALA B 16 11.63 -14.91 -10.51
CA ALA B 16 12.85 -14.75 -9.71
C ALA B 16 13.72 -13.60 -10.17
N ALA B 17 14.67 -13.22 -9.33
CA ALA B 17 15.57 -12.12 -9.62
C ALA B 17 17.00 -12.63 -9.60
N VAL B 18 17.85 -12.01 -10.41
CA VAL B 18 19.26 -12.34 -10.45
C VAL B 18 20.05 -11.08 -10.12
N ARG B 19 21.15 -11.26 -9.38
CA ARG B 19 22.03 -10.16 -9.02
C ARG B 19 23.45 -10.49 -9.46
N ILE B 20 24.10 -9.54 -10.12
CA ILE B 20 25.44 -9.70 -10.63
C ILE B 20 26.29 -8.56 -10.08
N SER B 21 27.52 -8.87 -9.70
CA SER B 21 28.42 -7.90 -9.10
C SER B 21 29.59 -7.65 -10.04
N CYS B 22 30.12 -6.44 -10.02
CA CYS B 22 31.27 -6.04 -10.82
C CYS B 22 32.21 -5.31 -9.87
N GLU B 23 33.23 -5.99 -9.37
CA GLU B 23 34.22 -5.39 -8.49
C GLU B 23 35.32 -4.78 -9.33
N VAL B 24 35.61 -3.50 -9.11
CA VAL B 24 36.56 -2.77 -9.93
C VAL B 24 37.81 -2.48 -9.11
N SER B 25 38.93 -2.33 -9.81
CA SER B 25 40.21 -2.02 -9.20
C SER B 25 41.08 -1.32 -10.23
N GLY B 26 42.10 -0.63 -9.73
CA GLY B 26 43.05 0.05 -10.58
C GLY B 26 42.73 1.50 -10.89
N TYR B 27 41.63 2.03 -10.34
CA TYR B 27 41.25 3.41 -10.58
C TYR B 27 40.23 3.83 -9.53
N ASN B 28 39.98 5.14 -9.46
CA ASN B 28 39.00 5.68 -8.53
C ASN B 28 37.61 5.31 -9.00
N PHE B 29 36.92 4.47 -8.22
CA PHE B 29 35.58 4.00 -8.59
C PHE B 29 34.62 5.15 -8.88
N MET B 30 34.76 6.27 -8.16
CA MET B 30 33.82 7.38 -8.32
C MET B 30 33.92 8.07 -9.67
N ASP B 31 35.04 7.91 -10.38
CA ASP B 31 35.34 8.73 -11.54
C ASP B 31 34.81 8.14 -12.85
N GLN B 32 34.31 6.91 -12.86
CA GLN B 32 33.87 6.25 -14.09
C GLN B 32 32.49 5.65 -13.91
N PHE B 33 31.61 5.88 -14.87
CA PHE B 33 30.32 5.20 -14.88
C PHE B 33 30.51 3.72 -15.17
N ILE B 34 29.57 2.91 -14.71
CA ILE B 34 29.57 1.47 -14.97
C ILE B 34 28.38 1.17 -15.86
N ASN B 35 28.64 0.55 -17.02
CA ASN B 35 27.61 0.14 -17.96
C ASN B 35 27.42 -1.36 -17.88
N TRP B 36 26.20 -1.80 -18.19
CA TRP B 36 25.88 -3.23 -18.27
C TRP B 36 25.39 -3.55 -19.68
N VAL B 37 25.97 -4.60 -20.26
CA VAL B 37 25.69 -5.03 -21.62
C VAL B 37 25.50 -6.54 -21.58
N ARG B 38 24.37 -7.02 -22.11
CA ARG B 38 24.10 -8.45 -22.15
C ARG B 38 24.11 -8.94 -23.59
N GLN B 39 24.32 -10.25 -23.74
CA GLN B 39 24.45 -10.86 -25.07
C GLN B 39 23.83 -12.25 -25.03
N ALA B 40 22.66 -12.41 -25.64
CA ALA B 40 22.07 -13.72 -25.81
C ALA B 40 22.97 -14.59 -26.69
N PRO B 41 22.88 -15.91 -26.57
CA PRO B 41 23.80 -16.78 -27.32
C PRO B 41 23.62 -16.66 -28.81
N GLY B 42 24.69 -16.25 -29.49
CA GLY B 42 24.66 -16.06 -30.92
C GLY B 42 23.97 -14.79 -31.37
N GLN B 43 23.84 -13.81 -30.50
CA GLN B 43 23.20 -12.55 -30.85
C GLN B 43 24.16 -11.41 -30.55
N GLY B 44 23.74 -10.20 -30.87
CA GLY B 44 24.57 -9.03 -30.71
C GLY B 44 24.62 -8.52 -29.29
N LEU B 45 25.47 -7.52 -29.09
CA LEU B 45 25.59 -6.85 -27.81
C LEU B 45 24.42 -5.89 -27.62
N GLU B 46 23.81 -5.92 -26.44
CA GLU B 46 22.69 -5.04 -26.12
C GLU B 46 23.01 -4.30 -24.84
N TRP B 47 23.00 -2.97 -24.91
CA TRP B 47 23.21 -2.12 -23.75
C TRP B 47 21.95 -2.11 -22.89
N MET B 48 22.10 -2.34 -21.59
CA MET B 48 20.98 -2.29 -20.67
C MET B 48 20.90 -0.98 -19.89
N GLY B 49 22.02 -0.36 -19.60
CA GLY B 49 22.01 0.92 -18.91
C GLY B 49 23.37 1.24 -18.33
N TRP B 50 23.47 2.44 -17.76
CA TRP B 50 24.64 2.82 -16.99
C TRP B 50 24.23 3.36 -15.63
N MET B 51 25.23 3.43 -14.74
CA MET B 51 25.03 3.86 -13.36
C MET B 51 26.20 4.73 -12.95
N ASN B 52 25.92 5.96 -12.55
CA ASN B 52 26.96 6.87 -12.10
C ASN B 52 27.23 6.63 -10.62
N PRO B 53 28.47 6.29 -10.23
CA PRO B 53 28.75 6.02 -8.82
C PRO B 53 28.72 7.25 -7.91
N ILE B 54 28.51 8.45 -8.44
CA ILE B 54 28.55 9.65 -7.60
C ILE B 54 27.33 9.69 -6.67
N TYR B 55 26.13 9.64 -7.24
CA TYR B 55 24.90 9.62 -6.46
C TYR B 55 23.99 8.45 -6.83
N GLY B 56 24.51 7.45 -7.54
CA GLY B 56 23.68 6.35 -7.95
C GLY B 56 22.76 6.64 -9.13
N GLN B 57 22.92 7.78 -9.80
CA GLN B 57 22.09 8.10 -10.95
C GLN B 57 22.18 7.00 -11.99
N VAL B 58 21.04 6.61 -12.56
CA VAL B 58 20.98 5.51 -13.49
C VAL B 58 20.33 5.97 -14.78
N ASN B 59 20.57 5.20 -15.84
CA ASN B 59 19.99 5.45 -17.16
C ASN B 59 19.71 4.11 -17.80
N TYR B 60 18.43 3.78 -17.96
CA TYR B 60 18.01 2.46 -18.40
C TYR B 60 17.39 2.51 -19.78
N SER B 61 17.77 1.55 -20.62
CA SER B 61 17.07 1.36 -21.89
C SER B 61 15.63 0.95 -21.63
N TRP B 62 14.74 1.36 -22.53
CA TRP B 62 13.32 1.12 -22.33
C TRP B 62 13.00 -0.37 -22.24
N ARG B 63 13.85 -1.22 -22.84
CA ARG B 63 13.61 -2.65 -22.77
C ARG B 63 13.67 -3.17 -21.34
N PHE B 64 14.41 -2.48 -20.47
CA PHE B 64 14.60 -2.96 -19.11
C PHE B 64 14.06 -2.02 -18.04
N GLN B 65 13.40 -0.92 -18.41
CA GLN B 65 12.84 -0.03 -17.42
C GLN B 65 11.74 -0.74 -16.64
N GLY B 66 11.77 -0.60 -15.32
CA GLY B 66 10.83 -1.28 -14.46
C GLY B 66 11.17 -2.73 -14.17
N ARG B 67 12.28 -3.23 -14.70
CA ARG B 67 12.75 -4.58 -14.42
C ARG B 67 14.19 -4.65 -13.96
N VAL B 68 15.00 -3.62 -14.23
CA VAL B 68 16.41 -3.63 -13.88
C VAL B 68 16.67 -2.56 -12.82
N THR B 69 17.68 -2.80 -11.99
CA THR B 69 18.13 -1.86 -10.96
C THR B 69 19.64 -1.96 -10.83
N MET B 70 20.31 -0.82 -10.90
CA MET B 70 21.77 -0.73 -10.82
C MET B 70 22.14 0.05 -9.57
N THR B 71 22.92 -0.57 -8.69
CA THR B 71 23.31 0.04 -7.42
C THR B 71 24.82 -0.07 -7.27
N ARG B 72 25.35 0.49 -6.19
CA ARG B 72 26.78 0.53 -5.98
C ARG B 72 27.11 0.37 -4.51
N GLN B 73 28.24 -0.28 -4.24
CA GLN B 73 28.82 -0.35 -2.89
C GLN B 73 30.13 0.41 -2.92
N LEU B 74 30.18 1.53 -2.20
CA LEU B 74 31.36 2.39 -2.21
C LEU B 74 32.33 1.97 -1.11
N SER B 75 33.59 2.40 -1.26
CA SER B 75 34.59 2.07 -0.27
C SER B 75 34.35 2.86 1.00
N GLN B 76 34.65 2.23 2.15
CA GLN B 76 34.44 2.85 3.46
C GLN B 76 35.73 3.26 4.13
N ASP B 77 36.69 2.33 4.16
CA ASP B 77 38.01 2.55 4.80
C ASP B 77 38.80 3.59 4.01
N PRO B 78 39.32 4.66 4.66
CA PRO B 78 40.03 5.74 3.97
C PRO B 78 41.43 5.42 3.44
N ASP B 79 41.97 4.24 3.79
CA ASP B 79 43.31 3.85 3.30
C ASP B 79 43.17 2.98 2.03
N ASP B 80 41.94 2.83 1.55
CA ASP B 80 41.65 2.08 0.30
C ASP B 80 40.35 2.65 -0.30
N PRO B 81 40.25 3.94 -0.68
CA PRO B 81 38.99 4.53 -1.14
C PRO B 81 38.76 4.42 -2.64
N ASP B 82 39.73 3.91 -3.38
CA ASP B 82 39.60 3.75 -4.86
C ASP B 82 38.71 2.54 -5.18
N TRP B 83 38.59 1.61 -4.23
CA TRP B 83 37.79 0.36 -4.33
C TRP B 83 36.30 0.69 -4.49
N GLY B 84 35.61 -0.12 -5.27
CA GLY B 84 34.17 0.04 -5.48
C GLY B 84 33.60 -1.20 -6.10
N THR B 85 32.31 -1.42 -5.89
CA THR B 85 31.62 -2.57 -6.51
C THR B 85 30.26 -2.12 -7.03
N ALA B 86 30.00 -2.43 -8.28
CA ALA B 86 28.71 -2.13 -8.88
C ALA B 86 27.88 -3.40 -8.91
N PHE B 87 26.57 -3.23 -8.82
CA PHE B 87 25.64 -4.35 -8.81
C PHE B 87 24.56 -4.09 -9.85
N MET B 88 24.13 -5.17 -10.50
CA MET B 88 23.00 -5.13 -11.42
C MET B 88 22.02 -6.19 -10.99
N GLU B 89 20.74 -5.84 -10.98
CA GLU B 89 19.70 -6.78 -10.61
C GLU B 89 18.62 -6.74 -11.67
N LEU B 90 18.24 -7.91 -12.15
CA LEU B 90 17.18 -8.07 -13.14
C LEU B 90 16.14 -9.00 -12.56
N ARG B 91 14.92 -8.51 -12.42
CA ARG B 91 13.83 -9.26 -11.79
C ARG B 91 12.82 -9.69 -12.85
N GLY B 92 11.96 -10.64 -12.47
CA GLY B 92 10.98 -11.19 -13.39
C GLY B 92 11.62 -11.86 -14.58
N LEU B 93 12.59 -12.73 -14.31
CA LEU B 93 13.36 -13.34 -15.39
C LEU B 93 12.49 -14.25 -16.24
N ARG B 94 12.73 -14.24 -17.54
CA ARG B 94 12.10 -15.15 -18.48
C ARG B 94 13.21 -15.89 -19.22
N VAL B 95 12.83 -16.89 -20.01
CA VAL B 95 13.81 -17.68 -20.75
C VAL B 95 14.61 -16.77 -21.68
N ASP B 96 13.95 -15.81 -22.34
CA ASP B 96 14.65 -14.92 -23.26
C ASP B 96 15.57 -13.93 -22.53
N ASP B 97 15.68 -14.02 -21.21
CA ASP B 97 16.70 -13.29 -20.48
C ASP B 97 18.01 -14.05 -20.40
N THR B 98 18.02 -15.33 -20.80
CA THR B 98 19.25 -16.12 -20.81
C THR B 98 20.30 -15.47 -21.70
N ALA B 99 21.43 -15.13 -21.12
CA ALA B 99 22.46 -14.37 -21.83
C ALA B 99 23.72 -14.32 -20.99
N VAL B 100 24.77 -13.81 -21.60
CA VAL B 100 26.02 -13.50 -20.90
C VAL B 100 26.01 -11.99 -20.62
N TYR B 101 26.17 -11.62 -19.35
CA TYR B 101 26.08 -10.25 -18.89
C TYR B 101 27.45 -9.72 -18.56
N TYR B 102 27.80 -8.55 -19.09
CA TYR B 102 29.09 -7.93 -18.85
C TYR B 102 28.90 -6.60 -18.13
N CYS B 103 29.89 -6.22 -17.34
CA CYS B 103 30.04 -4.83 -16.92
C CYS B 103 31.16 -4.21 -17.73
N ALA B 104 31.01 -2.93 -18.07
CA ALA B 104 31.96 -2.26 -18.95
C ALA B 104 32.11 -0.81 -18.53
N ARG B 105 33.25 -0.23 -18.92
CA ARG B 105 33.50 1.19 -18.70
C ARG B 105 34.33 1.74 -19.85
N GLY B 106 34.32 3.07 -19.99
CA GLY B 106 35.02 3.72 -21.07
C GLY B 106 36.41 4.20 -20.69
N PRO B 107 36.97 5.11 -21.50
CA PRO B 107 38.28 5.68 -21.17
C PRO B 107 38.16 6.70 -20.06
N SER B 108 39.31 7.12 -19.53
CA SER B 108 39.32 8.02 -18.39
C SER B 108 38.66 9.35 -18.77
N GLY B 109 37.67 9.75 -17.97
CA GLY B 109 36.95 10.99 -18.19
C GLY B 109 35.69 10.85 -19.01
N GLU B 110 35.51 9.75 -19.74
CA GLU B 110 34.37 9.58 -20.62
C GLU B 110 33.67 8.26 -20.29
N ASN B 111 32.50 8.06 -20.90
CA ASN B 111 31.74 6.83 -20.73
C ASN B 111 31.77 5.93 -21.96
N TYR B 112 31.89 6.49 -23.16
CA TYR B 112 31.98 5.76 -24.42
C TYR B 112 33.28 6.12 -25.15
N PRO B 113 33.86 5.18 -25.90
CA PRO B 113 33.44 3.78 -26.09
C PRO B 113 33.93 2.90 -24.94
N PHE B 114 33.48 1.65 -24.85
CA PHE B 114 33.80 0.77 -23.73
C PHE B 114 35.18 0.18 -23.96
N HIS B 115 36.20 0.76 -23.34
CA HIS B 115 37.55 0.22 -23.48
C HIS B 115 37.75 -1.00 -22.60
N TYR B 116 37.18 -1.00 -21.40
CA TYR B 116 37.41 -2.05 -20.41
C TYR B 116 36.13 -2.86 -20.22
N TRP B 117 36.26 -4.18 -20.15
CA TRP B 117 35.13 -5.07 -20.00
C TRP B 117 35.43 -6.09 -18.91
N GLY B 118 34.39 -6.52 -18.20
CA GLY B 118 34.50 -7.65 -17.31
C GLY B 118 34.45 -8.96 -18.08
N GLN B 119 34.79 -10.05 -17.38
CA GLN B 119 34.85 -11.35 -18.05
C GLN B 119 33.49 -11.85 -18.49
N GLY B 120 32.41 -11.30 -17.92
CA GLY B 120 31.07 -11.75 -18.22
C GLY B 120 30.65 -12.97 -17.44
N VAL B 121 29.41 -13.01 -16.96
CA VAL B 121 28.86 -14.17 -16.29
C VAL B 121 27.62 -14.62 -17.03
N ARG B 122 27.41 -15.94 -17.07
CA ARG B 122 26.31 -16.52 -17.82
C ARG B 122 25.11 -16.71 -16.91
N VAL B 123 23.94 -16.36 -17.42
CA VAL B 123 22.69 -16.56 -16.70
C VAL B 123 21.76 -17.36 -17.60
N VAL B 124 21.26 -18.49 -17.09
CA VAL B 124 20.25 -19.29 -17.76
C VAL B 124 18.99 -19.23 -16.92
N VAL B 125 17.85 -19.05 -17.58
CA VAL B 125 16.54 -19.00 -16.93
C VAL B 125 15.71 -20.15 -17.47
N SER B 126 15.39 -21.12 -16.61
CA SER B 126 14.76 -22.36 -17.05
C SER B 126 13.72 -22.79 -16.04
N SER B 127 13.28 -24.05 -16.17
CA SER B 127 12.14 -24.56 -15.43
C SER B 127 12.40 -24.61 -13.93
N PRO B 128 11.36 -24.47 -13.10
CA PRO B 128 11.54 -24.58 -11.64
C PRO B 128 11.49 -26.01 -11.12
N SER B 129 11.14 -27.00 -11.94
CA SER B 129 11.03 -28.37 -11.46
C SER B 129 11.68 -29.31 -12.47
N THR B 130 12.20 -30.42 -11.95
CA THR B 130 12.74 -31.47 -12.80
C THR B 130 11.61 -32.22 -13.49
N LYS B 131 11.75 -32.44 -14.79
CA LYS B 131 10.75 -33.12 -15.59
C LYS B 131 11.42 -34.16 -16.47
N GLY B 132 10.76 -35.32 -16.60
CA GLY B 132 11.24 -36.36 -17.47
C GLY B 132 10.86 -36.10 -18.91
N PRO B 133 11.64 -36.61 -19.85
CA PRO B 133 11.38 -36.35 -21.26
C PRO B 133 10.31 -37.26 -21.82
N SER B 134 9.71 -36.80 -22.93
CA SER B 134 8.89 -37.63 -23.79
C SER B 134 9.67 -37.97 -25.05
N VAL B 135 9.60 -39.24 -25.46
CA VAL B 135 10.35 -39.74 -26.60
C VAL B 135 9.38 -40.13 -27.71
N PHE B 136 9.61 -39.59 -28.89
CA PHE B 136 8.80 -39.85 -30.07
C PHE B 136 9.68 -40.32 -31.21
N PRO B 137 9.19 -41.21 -32.05
CA PRO B 137 9.94 -41.63 -33.23
C PRO B 137 9.74 -40.67 -34.39
N LEU B 138 10.82 -40.48 -35.14
CA LEU B 138 10.84 -39.69 -36.38
C LEU B 138 11.10 -40.68 -37.50
N ALA B 139 10.03 -41.16 -38.15
CA ALA B 139 10.13 -42.23 -39.13
C ALA B 139 10.71 -41.74 -40.46
N PRO B 140 11.31 -42.63 -41.24
CA PRO B 140 11.75 -42.27 -42.58
C PRO B 140 10.57 -42.09 -43.52
N SER B 141 10.79 -41.31 -44.58
CA SER B 141 9.75 -41.03 -45.55
C SER B 141 9.38 -42.29 -46.35
N THR B 149 20.22 -42.89 -48.34
CA THR B 149 19.43 -41.90 -47.60
C THR B 149 18.86 -42.52 -46.33
N ALA B 150 17.53 -42.45 -46.19
CA ALA B 150 16.80 -43.08 -45.08
C ALA B 150 17.33 -42.60 -43.73
N ALA B 151 17.04 -41.33 -43.43
CA ALA B 151 17.39 -40.73 -42.15
C ALA B 151 16.21 -40.88 -41.20
N LEU B 152 16.44 -41.56 -40.08
CA LEU B 152 15.42 -41.77 -39.07
C LEU B 152 15.98 -41.36 -37.72
N GLY B 153 15.09 -41.06 -36.78
CA GLY B 153 15.56 -40.54 -35.52
C GLY B 153 14.56 -40.65 -34.41
N CYS B 154 14.92 -40.03 -33.29
CA CYS B 154 14.08 -39.93 -32.10
C CYS B 154 14.07 -38.50 -31.59
N LEU B 155 12.90 -38.05 -31.16
CA LEU B 155 12.71 -36.71 -30.63
C LEU B 155 12.57 -36.79 -29.12
N VAL B 156 13.46 -36.12 -28.40
CA VAL B 156 13.45 -36.08 -26.94
C VAL B 156 12.93 -34.71 -26.52
N LYS B 157 11.74 -34.69 -25.92
CA LYS B 157 10.96 -33.47 -25.78
C LYS B 157 10.67 -33.15 -24.31
N ASP B 158 10.82 -31.87 -23.96
CA ASP B 158 10.34 -31.29 -22.69
C ASP B 158 10.93 -32.04 -21.48
N TYR B 159 12.22 -31.85 -21.30
CA TYR B 159 12.92 -32.44 -20.16
C TYR B 159 13.73 -31.37 -19.44
N PHE B 160 13.92 -31.57 -18.14
CA PHE B 160 14.79 -30.70 -17.36
C PHE B 160 15.30 -31.47 -16.16
N PRO B 161 16.57 -31.31 -15.78
CA PRO B 161 17.60 -30.46 -16.40
C PRO B 161 18.37 -31.21 -17.48
N GLU B 162 19.49 -30.66 -17.92
CA GLU B 162 20.37 -31.41 -18.79
C GLU B 162 21.28 -32.32 -17.97
N PRO B 163 21.84 -33.38 -18.57
CA PRO B 163 21.68 -33.81 -19.96
C PRO B 163 20.85 -35.08 -20.13
N VAL B 164 20.60 -35.45 -21.38
CA VAL B 164 20.07 -36.76 -21.71
C VAL B 164 21.09 -37.46 -22.61
N THR B 165 21.18 -38.77 -22.48
CA THR B 165 22.06 -39.57 -23.32
C THR B 165 21.21 -40.35 -24.30
N VAL B 166 21.61 -40.33 -25.57
CA VAL B 166 20.94 -41.07 -26.62
C VAL B 166 21.94 -42.04 -27.23
N SER B 167 21.57 -43.31 -27.29
CA SER B 167 22.32 -44.33 -27.98
C SER B 167 21.39 -45.05 -28.96
N TRP B 168 21.98 -45.75 -29.91
CA TRP B 168 21.23 -46.43 -30.95
C TRP B 168 21.58 -47.92 -30.93
N ASN B 169 20.56 -48.76 -30.77
CA ASN B 169 20.74 -50.22 -30.73
C ASN B 169 21.75 -50.63 -29.67
N SER B 170 21.65 -50.01 -28.49
CA SER B 170 22.49 -50.34 -27.34
C SER B 170 23.98 -50.20 -27.66
N GLY B 171 24.31 -49.22 -28.49
CA GLY B 171 25.68 -48.97 -28.87
C GLY B 171 26.17 -49.76 -30.07
N ALA B 172 25.34 -50.65 -30.62
CA ALA B 172 25.74 -51.38 -31.83
C ALA B 172 25.83 -50.45 -33.02
N LEU B 173 24.88 -49.51 -33.14
CA LEU B 173 24.88 -48.54 -34.22
C LEU B 173 25.65 -47.31 -33.78
N THR B 174 26.77 -47.03 -34.46
CA THR B 174 27.58 -45.87 -34.15
C THR B 174 27.97 -45.05 -35.38
N SER B 175 27.69 -45.53 -36.59
CA SER B 175 28.05 -44.81 -37.80
C SER B 175 26.89 -43.90 -38.23
N GLY B 176 27.24 -42.71 -38.72
CA GLY B 176 26.25 -41.78 -39.20
C GLY B 176 25.27 -41.32 -38.14
N VAL B 177 25.69 -41.29 -36.88
CA VAL B 177 24.84 -40.86 -35.77
C VAL B 177 25.12 -39.40 -35.48
N HIS B 178 24.06 -38.61 -35.35
CA HIS B 178 24.19 -37.19 -35.04
C HIS B 178 23.14 -36.83 -34.00
N THR B 179 23.57 -36.61 -32.76
CA THR B 179 22.71 -36.08 -31.70
C THR B 179 22.98 -34.59 -31.60
N PHE B 180 21.96 -33.79 -31.94
CA PHE B 180 22.12 -32.34 -32.01
C PHE B 180 22.11 -31.73 -30.61
N PRO B 181 22.76 -30.59 -30.42
CA PRO B 181 22.70 -29.91 -29.13
C PRO B 181 21.26 -29.51 -28.82
N ALA B 182 20.92 -29.55 -27.53
CA ALA B 182 19.54 -29.29 -27.11
C ALA B 182 19.17 -27.82 -27.32
N VAL B 183 17.87 -27.56 -27.34
CA VAL B 183 17.33 -26.21 -27.41
C VAL B 183 16.59 -25.91 -26.12
N LEU B 184 16.71 -24.68 -25.63
CA LEU B 184 16.01 -24.24 -24.44
C LEU B 184 14.78 -23.46 -24.88
N GLN B 185 13.60 -24.03 -24.66
CA GLN B 185 12.37 -23.40 -25.09
C GLN B 185 11.89 -22.37 -24.07
N SER B 186 10.89 -21.58 -24.48
CA SER B 186 10.37 -20.54 -23.59
C SER B 186 9.69 -21.13 -22.37
N SER B 187 9.33 -22.42 -22.40
CA SER B 187 8.78 -23.07 -21.22
C SER B 187 9.82 -23.33 -20.16
N GLY B 188 11.10 -23.08 -20.45
CA GLY B 188 12.18 -23.45 -19.57
C GLY B 188 12.63 -24.89 -19.69
N LEU B 189 12.00 -25.67 -20.56
CA LEU B 189 12.36 -27.06 -20.77
C LEU B 189 13.29 -27.21 -21.96
N TYR B 190 14.13 -28.23 -21.92
CA TYR B 190 15.03 -28.57 -23.01
C TYR B 190 14.42 -29.64 -23.89
N SER B 191 14.86 -29.69 -25.14
CA SER B 191 14.47 -30.72 -26.08
C SER B 191 15.56 -30.83 -27.15
N LEU B 192 15.82 -32.05 -27.60
CA LEU B 192 16.82 -32.32 -28.62
C LEU B 192 16.34 -33.46 -29.52
N SER B 193 17.17 -33.80 -30.51
CA SER B 193 16.87 -34.89 -31.43
C SER B 193 18.15 -35.63 -31.76
N SER B 194 17.98 -36.88 -32.19
CA SER B 194 19.11 -37.72 -32.60
C SER B 194 18.70 -38.44 -33.88
N VAL B 195 19.51 -38.30 -34.93
CA VAL B 195 19.22 -38.85 -36.24
C VAL B 195 20.39 -39.74 -36.66
N VAL B 196 20.08 -40.89 -37.27
CA VAL B 196 21.08 -41.74 -37.88
C VAL B 196 20.68 -41.99 -39.33
N THR B 197 21.66 -41.99 -40.21
CA THR B 197 21.44 -42.22 -41.64
C THR B 197 21.91 -43.63 -41.96
N VAL B 198 20.97 -44.49 -42.34
CA VAL B 198 21.24 -45.90 -42.58
C VAL B 198 20.77 -46.23 -43.98
N PRO B 199 21.32 -47.28 -44.60
CA PRO B 199 20.89 -47.65 -45.96
C PRO B 199 19.39 -47.91 -46.02
N SER B 200 18.76 -47.45 -47.11
CA SER B 200 17.32 -47.59 -47.27
C SER B 200 16.89 -49.02 -47.49
N SER B 201 17.81 -49.90 -47.88
CA SER B 201 17.50 -51.30 -48.11
C SER B 201 17.32 -52.09 -46.81
N SER B 202 17.85 -51.58 -45.69
CA SER B 202 17.73 -52.27 -44.42
C SER B 202 16.43 -51.97 -43.69
N LEU B 203 15.63 -51.02 -44.17
CA LEU B 203 14.35 -50.72 -43.56
C LEU B 203 13.42 -51.93 -43.65
N GLY B 204 12.96 -52.41 -42.50
CA GLY B 204 12.17 -53.62 -42.43
C GLY B 204 12.97 -54.88 -42.18
N THR B 205 14.24 -54.90 -42.59
CA THR B 205 15.14 -56.03 -42.35
C THR B 205 15.83 -55.92 -40.99
N GLN B 206 16.34 -54.75 -40.65
CA GLN B 206 16.99 -54.52 -39.36
C GLN B 206 16.19 -53.48 -38.58
N THR B 207 15.93 -53.78 -37.31
CA THR B 207 15.20 -52.85 -36.45
C THR B 207 16.14 -51.77 -35.92
N TYR B 208 15.57 -50.58 -35.72
CA TYR B 208 16.29 -49.43 -35.18
C TYR B 208 15.56 -48.93 -33.95
N ILE B 209 16.26 -48.90 -32.81
CA ILE B 209 15.69 -48.51 -31.53
C ILE B 209 16.62 -47.50 -30.86
N CYS B 210 16.06 -46.40 -30.38
CA CYS B 210 16.81 -45.38 -29.67
C CYS B 210 16.65 -45.57 -28.17
N ASN B 211 17.76 -45.49 -27.45
CA ASN B 211 17.80 -45.66 -26.00
C ASN B 211 18.09 -44.31 -25.38
N VAL B 212 17.11 -43.73 -24.70
CA VAL B 212 17.22 -42.41 -24.09
C VAL B 212 17.28 -42.58 -22.58
N ASN B 213 18.25 -41.93 -21.95
CA ASN B 213 18.42 -41.95 -20.51
C ASN B 213 18.42 -40.53 -19.98
N HIS B 214 17.60 -40.27 -18.96
CA HIS B 214 17.58 -39.00 -18.25
C HIS B 214 17.74 -39.31 -16.76
N LYS B 215 18.96 -39.17 -16.25
CA LYS B 215 19.26 -39.57 -14.87
C LYS B 215 18.50 -38.77 -13.83
N PRO B 216 18.42 -37.44 -13.88
CA PRO B 216 17.75 -36.70 -12.79
C PRO B 216 16.30 -37.07 -12.56
N SER B 217 15.61 -37.62 -13.57
CA SER B 217 14.24 -38.08 -13.41
C SER B 217 14.13 -39.59 -13.50
N ASN B 218 15.25 -40.30 -13.61
CA ASN B 218 15.28 -41.76 -13.69
C ASN B 218 14.38 -42.26 -14.83
N THR B 219 14.58 -41.69 -16.01
CA THR B 219 13.80 -42.05 -17.19
C THR B 219 14.68 -42.89 -18.12
N LYS B 220 14.21 -44.09 -18.44
CA LYS B 220 14.91 -44.99 -19.35
C LYS B 220 13.89 -45.43 -20.39
N VAL B 221 14.03 -44.92 -21.61
CA VAL B 221 13.09 -45.17 -22.69
C VAL B 221 13.83 -45.83 -23.84
N ASP B 222 13.26 -46.91 -24.34
CA ASP B 222 13.72 -47.60 -25.55
C ASP B 222 12.57 -47.57 -26.54
N LYS B 223 12.75 -46.82 -27.64
CA LYS B 223 11.66 -46.59 -28.59
C LYS B 223 12.07 -47.11 -29.96
N ARG B 224 11.21 -47.91 -30.55
CA ARG B 224 11.48 -48.47 -31.88
C ARG B 224 11.02 -47.47 -32.94
N VAL B 225 11.88 -47.21 -33.92
CA VAL B 225 11.59 -46.29 -35.01
C VAL B 225 11.22 -47.14 -36.23
N GLU B 226 9.93 -47.24 -36.50
CA GLU B 226 9.37 -48.00 -37.61
C GLU B 226 9.05 -47.07 -38.79
N PRO B 227 9.22 -47.56 -40.02
CA PRO B 227 8.98 -46.67 -41.18
C PRO B 227 7.52 -46.43 -41.49
N LYS B 228 6.60 -47.28 -41.01
CA LYS B 228 5.16 -47.16 -41.21
C LYS B 228 4.78 -47.33 -42.67
N SER B 229 3.52 -47.70 -42.94
CA SER B 229 3.14 -48.04 -44.30
C SER B 229 3.20 -46.82 -45.22
N CYS B 230 2.39 -45.80 -44.93
CA CYS B 230 2.30 -44.60 -45.76
C CYS B 230 1.38 -43.58 -45.10
N LEU C 1 22.66 0.65 -36.52
CA LEU C 1 23.84 0.04 -37.10
C LEU C 1 23.55 -1.38 -37.55
N THR C 2 23.64 -1.61 -38.86
CA THR C 2 23.47 -2.94 -39.43
C THR C 2 24.72 -3.34 -40.18
N GLN C 3 25.11 -4.60 -40.02
CA GLN C 3 26.24 -5.19 -40.70
C GLN C 3 25.83 -6.58 -41.15
N PRO C 4 26.52 -7.16 -42.14
CA PRO C 4 26.15 -8.51 -42.60
C PRO C 4 26.28 -9.51 -41.45
N ALA C 5 25.38 -10.50 -41.43
CA ALA C 5 25.43 -11.50 -40.38
C ALA C 5 26.75 -12.27 -40.40
N SER C 6 27.37 -12.40 -41.57
CA SER C 6 28.62 -13.13 -41.67
C SER C 6 29.40 -12.66 -42.89
N MET C 7 30.60 -13.21 -43.02
CA MET C 7 31.55 -12.86 -44.06
C MET C 7 32.57 -13.99 -44.15
N SER C 8 33.26 -14.05 -45.29
CA SER C 8 34.20 -15.13 -45.55
C SER C 8 35.44 -14.58 -46.25
N ALA C 9 36.59 -15.17 -45.93
CA ALA C 9 37.84 -14.78 -46.56
C ALA C 9 38.84 -15.93 -46.49
N SER C 10 39.85 -15.88 -47.37
CA SER C 10 40.97 -16.81 -47.41
C SER C 10 42.23 -16.16 -46.85
N PRO C 11 43.15 -16.94 -46.28
CA PRO C 11 44.38 -16.35 -45.74
C PRO C 11 45.13 -15.55 -46.80
N GLY C 12 45.69 -14.41 -46.37
CA GLY C 12 46.41 -13.51 -47.24
C GLY C 12 45.56 -12.52 -47.98
N GLN C 13 44.24 -12.62 -47.88
CA GLN C 13 43.33 -11.71 -48.57
C GLN C 13 43.04 -10.48 -47.72
N SER C 14 42.32 -9.54 -48.32
CA SER C 14 41.90 -8.32 -47.65
C SER C 14 40.38 -8.28 -47.66
N VAL C 15 39.78 -8.10 -46.48
CA VAL C 15 38.33 -8.17 -46.30
C VAL C 15 37.86 -6.86 -45.69
N THR C 16 36.57 -6.58 -45.86
CA THR C 16 36.01 -5.32 -45.37
C THR C 16 34.60 -5.54 -44.86
N ILE C 17 34.40 -5.19 -43.59
CA ILE C 17 33.10 -5.22 -42.95
C ILE C 17 32.54 -3.80 -42.94
N SER C 18 31.29 -3.65 -43.34
CA SER C 18 30.67 -2.34 -43.45
C SER C 18 29.46 -2.25 -42.54
N CYS C 19 29.35 -1.14 -41.82
CA CYS C 19 28.21 -0.84 -40.97
C CYS C 19 27.56 0.45 -41.46
N SER C 20 26.28 0.37 -41.79
CA SER C 20 25.48 1.53 -42.17
C SER C 20 24.90 2.17 -40.91
N GLY C 21 23.99 3.14 -41.11
CA GLY C 21 23.45 3.89 -40.00
C GLY C 21 24.47 4.83 -39.39
N THR C 22 24.91 4.52 -38.17
CA THR C 22 25.90 5.27 -37.39
C THR C 22 25.54 6.73 -37.11
N ARG C 23 24.61 7.31 -37.87
CA ARG C 23 24.15 8.69 -37.71
C ARG C 23 25.31 9.68 -37.61
N HIS C 24 26.38 9.44 -38.37
CA HIS C 24 27.57 10.30 -38.41
C HIS C 24 28.24 10.42 -37.04
N ILE C 25 28.18 9.36 -36.23
CA ILE C 25 28.78 9.36 -34.90
C ILE C 25 30.12 8.62 -34.94
N ILE C 26 31.10 9.13 -34.18
CA ILE C 26 32.50 8.72 -34.21
C ILE C 26 32.70 7.22 -34.36
N SER C 27 32.03 6.43 -33.52
CA SER C 27 31.99 4.98 -33.64
C SER C 27 33.30 4.27 -33.32
N ALA C 28 33.18 3.00 -32.91
CA ALA C 28 34.31 2.17 -32.51
C ALA C 28 34.07 0.76 -33.03
N TRP C 29 35.12 -0.07 -32.98
CA TRP C 29 35.03 -1.44 -33.45
C TRP C 29 35.52 -2.40 -32.38
N PHE C 30 34.84 -3.55 -32.29
CA PHE C 30 35.18 -4.59 -31.33
C PHE C 30 35.41 -5.90 -32.06
N GLN C 31 36.36 -6.69 -31.57
CA GLN C 31 36.57 -8.05 -32.01
C GLN C 31 36.26 -8.99 -30.86
N GLN C 32 35.56 -10.08 -31.14
CA GLN C 32 35.08 -10.98 -30.09
C GLN C 32 35.20 -12.42 -30.55
N TYR C 33 35.88 -13.22 -29.79
CA TYR C 33 35.99 -14.65 -30.01
C TYR C 33 34.85 -15.38 -29.30
N PRO C 34 34.46 -16.56 -29.78
CA PRO C 34 33.40 -17.32 -29.11
C PRO C 34 33.77 -17.62 -27.66
N GLY C 35 32.85 -17.33 -26.76
CA GLY C 35 33.06 -17.60 -25.35
C GLY C 35 33.94 -16.62 -24.62
N LYS C 36 34.25 -15.47 -25.22
CA LYS C 36 35.10 -14.47 -24.62
C LYS C 36 34.45 -13.11 -24.66
N PRO C 37 34.86 -12.17 -23.80
CA PRO C 37 34.31 -10.83 -23.84
C PRO C 37 34.79 -10.09 -25.08
N PRO C 38 34.08 -9.07 -25.53
CA PRO C 38 34.55 -8.27 -26.65
C PRO C 38 35.74 -7.42 -26.25
N LYS C 39 36.60 -7.15 -27.23
CA LYS C 39 37.79 -6.34 -27.03
C LYS C 39 37.81 -5.24 -28.08
N LEU C 40 38.05 -4.01 -27.64
CA LEU C 40 38.09 -2.87 -28.55
C LEU C 40 39.31 -2.96 -29.45
N ILE C 41 39.11 -2.77 -30.75
CA ILE C 41 40.20 -2.77 -31.70
C ILE C 41 40.32 -1.47 -32.48
N ILE C 42 39.27 -0.65 -32.52
CA ILE C 42 39.27 0.65 -33.19
C ILE C 42 38.49 1.63 -32.33
N PHE C 43 39.04 2.83 -32.15
CA PHE C 43 38.33 3.92 -31.48
C PHE C 43 38.69 5.22 -32.18
N ASP C 44 37.77 6.20 -32.09
CA ASP C 44 37.93 7.50 -32.75
C ASP C 44 38.10 7.33 -34.26
N ASP C 45 37.28 6.45 -34.84
CA ASP C 45 37.14 6.26 -36.28
C ASP C 45 38.27 5.45 -36.92
N ASP C 46 39.50 5.58 -36.42
CA ASP C 46 40.63 4.94 -37.11
C ASP C 46 41.80 4.60 -36.21
N LYS C 47 41.74 4.88 -34.91
CA LYS C 47 42.86 4.65 -34.03
C LYS C 47 42.79 3.24 -33.45
N ARG C 48 43.90 2.51 -33.55
CA ARG C 48 43.93 1.24 -32.81
C ARG C 48 44.34 1.45 -31.35
N PRO C 49 44.11 0.45 -30.49
CA PRO C 49 44.83 0.39 -29.21
C PRO C 49 46.14 -0.38 -29.36
N SER C 50 46.95 -0.28 -28.31
CA SER C 50 48.21 -1.00 -28.29
C SER C 50 47.94 -2.49 -28.25
N GLY C 51 48.74 -3.24 -29.00
CA GLY C 51 48.58 -4.67 -29.07
C GLY C 51 47.58 -5.15 -30.09
N VAL C 52 47.10 -4.28 -30.95
CA VAL C 52 46.18 -4.65 -32.03
C VAL C 52 46.98 -4.69 -33.32
N PRO C 53 46.86 -5.75 -34.13
CA PRO C 53 47.69 -5.86 -35.34
C PRO C 53 47.48 -4.68 -36.28
N SER C 54 48.59 -4.24 -36.89
CA SER C 54 48.52 -3.12 -37.82
C SER C 54 47.75 -3.45 -39.08
N ARG C 55 47.47 -4.72 -39.33
CA ARG C 55 46.64 -5.13 -40.46
C ARG C 55 45.20 -4.70 -40.31
N PHE C 56 44.79 -4.25 -39.13
CA PHE C 56 43.44 -3.74 -38.91
C PHE C 56 43.41 -2.24 -39.14
N SER C 57 42.49 -1.78 -39.98
CA SER C 57 42.29 -0.35 -40.19
C SER C 57 40.80 -0.08 -40.32
N ALA C 58 40.41 1.15 -40.06
CA ALA C 58 39.00 1.52 -40.09
C ALA C 58 38.86 2.98 -40.51
N SER C 59 37.71 3.28 -41.11
CA SER C 59 37.40 4.64 -41.51
C SER C 59 35.87 4.81 -41.59
N ARG C 60 35.41 6.00 -41.25
CA ARG C 60 33.99 6.35 -41.30
C ARG C 60 33.88 7.74 -41.89
N PRO C 61 33.76 7.84 -43.22
CA PRO C 61 33.57 9.17 -43.83
C PRO C 61 32.25 9.81 -43.43
N GLY C 62 31.14 9.09 -43.63
CA GLY C 62 29.84 9.59 -43.22
C GLY C 62 28.97 8.56 -42.54
N ASP C 63 27.82 8.25 -43.15
CA ASP C 63 26.86 7.31 -42.59
C ASP C 63 27.45 5.91 -42.41
N THR C 64 28.42 5.52 -43.24
CA THR C 64 28.94 4.16 -43.29
C THR C 64 30.34 4.09 -42.69
N ALA C 65 30.50 3.25 -41.68
CA ALA C 65 31.80 2.91 -41.12
C ALA C 65 32.28 1.58 -41.70
N SER C 66 33.59 1.46 -41.89
CA SER C 66 34.15 0.29 -42.55
C SER C 66 35.43 -0.12 -41.84
N LEU C 67 35.52 -1.42 -41.55
CA LEU C 67 36.74 -2.02 -41.00
C LEU C 67 37.38 -2.88 -42.07
N THR C 68 38.67 -2.67 -42.32
CA THR C 68 39.38 -3.41 -43.34
C THR C 68 40.49 -4.22 -42.70
N ILE C 69 40.52 -5.52 -43.00
CA ILE C 69 41.54 -6.43 -42.51
C ILE C 69 42.38 -6.87 -43.70
N SER C 70 43.65 -6.49 -43.68
CA SER C 70 44.59 -6.89 -44.71
C SER C 70 45.45 -8.04 -44.22
N ASN C 71 45.92 -8.84 -45.17
CA ASN C 71 46.74 -10.02 -44.89
C ASN C 71 46.04 -10.92 -43.86
N VAL C 72 44.86 -11.39 -44.25
CA VAL C 72 43.99 -12.11 -43.34
C VAL C 72 44.71 -13.35 -42.80
N GLN C 73 44.64 -13.53 -41.50
CA GLN C 73 45.22 -14.67 -40.80
C GLN C 73 44.10 -15.52 -40.19
N PRO C 74 44.35 -16.80 -39.92
CA PRO C 74 43.31 -17.60 -39.25
C PRO C 74 42.90 -17.08 -37.89
N GLU C 75 43.79 -16.34 -37.20
CA GLU C 75 43.44 -15.74 -35.92
C GLU C 75 42.37 -14.68 -36.06
N ASP C 76 42.11 -14.21 -37.28
CA ASP C 76 41.06 -13.22 -37.50
C ASP C 76 39.68 -13.84 -37.55
N GLU C 77 39.57 -15.17 -37.55
CA GLU C 77 38.26 -15.80 -37.48
C GLU C 77 37.60 -15.43 -36.15
N ALA C 78 36.64 -14.51 -36.20
CA ALA C 78 35.96 -13.95 -35.04
C ALA C 78 34.79 -13.06 -35.47
N THR C 79 34.03 -12.55 -34.50
CA THR C 79 32.93 -11.64 -34.75
C THR C 79 33.39 -10.21 -34.53
N TYR C 80 33.16 -9.36 -35.53
CA TYR C 80 33.54 -7.96 -35.50
C TYR C 80 32.29 -7.10 -35.41
N ILE C 81 32.29 -6.13 -34.50
CA ILE C 81 31.09 -5.41 -34.10
C ILE C 81 31.37 -3.91 -34.18
N CYS C 82 30.53 -3.19 -34.91
CA CYS C 82 30.58 -1.75 -34.94
C CYS C 82 29.71 -1.19 -33.82
N ASN C 83 30.07 0.00 -33.34
CA ASN C 83 29.46 0.55 -32.14
C ASN C 83 29.41 2.06 -32.23
N THR C 84 28.29 2.64 -31.79
CA THR C 84 28.15 4.09 -31.60
C THR C 84 27.50 4.31 -30.25
N TYR C 85 28.26 4.87 -29.30
CA TYR C 85 27.81 5.05 -27.93
C TYR C 85 27.30 3.73 -27.35
N GLU C 86 26.01 3.66 -27.07
CA GLU C 86 25.39 2.49 -26.47
C GLU C 86 24.83 1.51 -27.50
N PHE C 87 24.89 1.85 -28.79
CA PHE C 87 24.30 1.04 -29.83
C PHE C 87 25.38 0.17 -30.49
N PHE C 88 25.09 -1.11 -30.64
CA PHE C 88 26.01 -2.05 -31.27
C PHE C 88 25.38 -2.66 -32.51
N GLY C 89 26.21 -2.96 -33.49
CA GLY C 89 25.76 -3.69 -34.65
C GLY C 89 25.46 -5.14 -34.30
N GLY C 90 24.78 -5.81 -35.22
CA GLY C 90 24.48 -7.22 -35.03
C GLY C 90 25.70 -8.11 -34.94
N GLY C 91 26.83 -7.65 -35.48
CA GLY C 91 28.04 -8.43 -35.46
C GLY C 91 28.24 -9.22 -36.73
N THR C 92 29.42 -9.10 -37.34
CA THR C 92 29.77 -9.87 -38.54
C THR C 92 30.75 -10.96 -38.16
N LYS C 93 30.36 -12.21 -38.41
CA LYS C 93 31.23 -13.36 -38.17
C LYS C 93 32.16 -13.57 -39.37
N LEU C 94 33.43 -13.21 -39.22
CA LEU C 94 34.44 -13.42 -40.25
C LEU C 94 35.00 -14.83 -40.13
N THR C 95 34.81 -15.65 -41.16
CA THR C 95 35.35 -17.00 -41.21
C THR C 95 36.55 -17.03 -42.14
N VAL C 96 37.70 -17.44 -41.62
CA VAL C 96 38.89 -17.64 -42.43
C VAL C 96 38.86 -19.07 -42.93
N LEU C 97 38.62 -19.22 -44.24
CA LEU C 97 38.46 -20.53 -44.87
C LEU C 97 39.66 -21.43 -44.64
N SER C 98 39.45 -22.52 -43.90
CA SER C 98 40.44 -23.56 -43.73
C SER C 98 40.03 -24.85 -44.41
N GLN C 99 38.85 -24.88 -45.04
CA GLN C 99 38.35 -26.03 -45.77
C GLN C 99 37.31 -25.55 -46.77
N PRO C 100 37.02 -26.32 -47.82
CA PRO C 100 36.03 -25.88 -48.82
C PRO C 100 34.65 -25.69 -48.21
N LYS C 101 33.89 -24.78 -48.83
CA LYS C 101 32.53 -24.50 -48.37
C LYS C 101 31.62 -25.70 -48.64
N ALA C 102 30.76 -26.00 -47.67
CA ALA C 102 29.87 -27.16 -47.73
C ALA C 102 28.42 -26.71 -47.54
N ALA C 103 27.56 -27.09 -48.47
CA ALA C 103 26.16 -26.76 -48.38
C ALA C 103 25.50 -27.51 -47.22
N PRO C 104 24.45 -26.95 -46.63
CA PRO C 104 23.79 -27.62 -45.50
C PRO C 104 22.86 -28.74 -45.95
N SER C 105 22.94 -29.86 -45.23
CA SER C 105 21.99 -30.96 -45.40
C SER C 105 20.82 -30.74 -44.45
N VAL C 106 19.61 -30.72 -44.99
CA VAL C 106 18.41 -30.37 -44.23
C VAL C 106 17.48 -31.56 -44.21
N THR C 107 17.00 -31.92 -43.02
CA THR C 107 16.07 -33.01 -42.81
C THR C 107 14.86 -32.48 -42.06
N LEU C 108 13.69 -32.59 -42.66
CA LEU C 108 12.45 -32.11 -42.05
C LEU C 108 11.62 -33.31 -41.61
N PHE C 109 11.29 -33.36 -40.33
CA PHE C 109 10.47 -34.44 -39.79
C PHE C 109 9.12 -33.90 -39.38
N PRO C 110 8.02 -34.53 -39.83
CA PRO C 110 6.69 -34.11 -39.39
C PRO C 110 6.39 -34.65 -38.01
N PRO C 111 5.33 -34.16 -37.36
CA PRO C 111 5.01 -34.67 -36.01
C PRO C 111 4.58 -36.12 -36.08
N SER C 112 4.99 -36.89 -35.08
CA SER C 112 4.69 -38.32 -35.06
C SER C 112 3.23 -38.54 -34.68
N SER C 113 2.68 -39.67 -35.12
CA SER C 113 1.30 -39.99 -34.79
C SER C 113 1.12 -40.22 -33.30
N GLU C 114 2.16 -40.74 -32.62
CA GLU C 114 2.05 -40.94 -31.17
C GLU C 114 2.01 -39.61 -30.42
N GLU C 115 2.74 -38.60 -30.90
CA GLU C 115 2.65 -37.27 -30.29
C GLU C 115 1.34 -36.57 -30.67
N LEU C 116 0.86 -36.78 -31.89
CA LEU C 116 -0.43 -36.23 -32.26
C LEU C 116 -1.55 -36.80 -31.39
N GLN C 117 -1.45 -38.09 -31.06
CA GLN C 117 -2.41 -38.68 -30.14
C GLN C 117 -2.30 -38.12 -28.74
N ALA C 118 -1.21 -37.42 -28.42
CA ALA C 118 -1.02 -36.77 -27.14
C ALA C 118 -1.37 -35.28 -27.19
N ASN C 119 -2.17 -34.87 -28.17
CA ASN C 119 -2.60 -33.48 -28.31
C ASN C 119 -1.40 -32.53 -28.42
N LYS C 120 -0.36 -32.97 -29.12
CA LYS C 120 0.80 -32.14 -29.37
C LYS C 120 1.31 -32.41 -30.77
N ALA C 121 2.06 -31.45 -31.31
CA ALA C 121 2.65 -31.59 -32.62
C ALA C 121 3.92 -30.74 -32.69
N THR C 122 5.00 -31.32 -33.21
CA THR C 122 6.27 -30.62 -33.35
C THR C 122 6.88 -30.99 -34.69
N LEU C 123 7.33 -29.98 -35.43
CA LEU C 123 8.04 -30.16 -36.69
C LEU C 123 9.51 -29.88 -36.44
N VAL C 124 10.37 -30.80 -36.89
CA VAL C 124 11.79 -30.78 -36.56
C VAL C 124 12.58 -30.60 -37.85
N CYS C 125 13.37 -29.55 -37.91
CA CYS C 125 14.20 -29.22 -39.06
C CYS C 125 15.66 -29.27 -38.63
N LEU C 126 16.37 -30.33 -39.02
CA LEU C 126 17.78 -30.47 -38.68
C LEU C 126 18.64 -29.98 -39.84
N VAL C 127 19.72 -29.27 -39.50
CA VAL C 127 20.66 -28.73 -40.47
C VAL C 127 22.05 -29.19 -40.07
N SER C 128 22.75 -29.87 -40.97
CA SER C 128 24.04 -30.45 -40.64
C SER C 128 25.03 -30.22 -41.77
N ASP C 129 26.32 -30.21 -41.40
CA ASP C 129 27.43 -30.29 -42.35
C ASP C 129 27.49 -29.07 -43.27
N PHE C 130 27.35 -27.87 -42.70
CA PHE C 130 27.47 -26.65 -43.47
C PHE C 130 28.68 -25.86 -42.98
N TYR C 131 29.46 -25.34 -43.93
CA TYR C 131 30.63 -24.52 -43.64
C TYR C 131 30.60 -23.37 -44.65
N PRO C 132 30.81 -22.12 -44.20
CA PRO C 132 31.07 -21.68 -42.82
C PRO C 132 29.82 -21.75 -41.92
N GLY C 133 30.00 -21.59 -40.61
CA GLY C 133 28.89 -21.68 -39.68
C GLY C 133 28.05 -20.42 -39.60
N ALA C 134 27.22 -20.20 -40.63
CA ALA C 134 26.37 -19.02 -40.72
C ALA C 134 25.13 -19.41 -41.51
N VAL C 135 24.02 -19.61 -40.81
CA VAL C 135 22.80 -20.11 -41.42
C VAL C 135 21.62 -19.37 -40.81
N THR C 136 20.63 -19.04 -41.63
CA THR C 136 19.35 -18.54 -41.17
C THR C 136 18.28 -19.57 -41.48
N VAL C 137 17.39 -19.79 -40.52
CA VAL C 137 16.32 -20.78 -40.64
C VAL C 137 14.98 -20.07 -40.54
N ALA C 138 14.09 -20.34 -41.48
CA ALA C 138 12.77 -19.75 -41.52
C ALA C 138 11.72 -20.84 -41.68
N TRP C 139 10.52 -20.55 -41.17
CA TRP C 139 9.40 -21.46 -41.23
C TRP C 139 8.26 -20.81 -42.02
N LYS C 140 7.55 -21.62 -42.80
CA LYS C 140 6.44 -21.15 -43.61
C LYS C 140 5.32 -22.17 -43.56
N ALA C 141 4.08 -21.67 -43.44
CA ALA C 141 2.87 -22.48 -43.49
C ALA C 141 2.11 -22.09 -44.76
N ASP C 142 1.88 -23.07 -45.63
CA ASP C 142 1.33 -22.83 -46.96
C ASP C 142 2.19 -21.82 -47.70
N GLY C 143 1.80 -20.56 -47.69
CA GLY C 143 2.64 -19.54 -48.30
C GLY C 143 3.02 -18.40 -47.37
N SER C 144 2.56 -18.45 -46.12
CA SER C 144 2.74 -17.32 -45.20
C SER C 144 3.82 -17.63 -44.16
N PRO C 145 4.64 -16.64 -43.80
CA PRO C 145 5.66 -16.86 -42.77
C PRO C 145 5.05 -17.22 -41.43
N VAL C 146 5.78 -18.04 -40.67
CA VAL C 146 5.40 -18.42 -39.31
C VAL C 146 6.55 -18.04 -38.39
N LYS C 147 6.25 -17.26 -37.36
CA LYS C 147 7.24 -16.85 -36.37
C LYS C 147 6.95 -17.35 -34.96
N VAL C 148 5.69 -17.56 -34.61
CA VAL C 148 5.34 -18.01 -33.26
C VAL C 148 5.60 -19.50 -33.15
N GLY C 149 5.90 -19.94 -31.93
CA GLY C 149 6.13 -21.37 -31.69
C GLY C 149 7.45 -21.90 -32.21
N VAL C 150 8.34 -21.04 -32.67
CA VAL C 150 9.61 -21.44 -33.27
C VAL C 150 10.72 -21.33 -32.25
N GLU C 151 11.47 -22.41 -32.07
CA GLU C 151 12.67 -22.45 -31.24
C GLU C 151 13.82 -22.87 -32.14
N THR C 152 14.81 -21.99 -32.30
CA THR C 152 15.93 -22.25 -33.19
C THR C 152 17.24 -22.11 -32.42
N THR C 153 18.13 -23.07 -32.60
CA THR C 153 19.42 -23.07 -31.91
C THR C 153 20.45 -22.27 -32.71
N LYS C 154 21.47 -21.81 -31.99
CA LYS C 154 22.64 -21.22 -32.63
C LYS C 154 23.47 -22.33 -33.29
N PRO C 155 24.03 -22.08 -34.47
CA PRO C 155 24.96 -23.05 -35.05
C PRO C 155 26.08 -23.41 -34.09
N SER C 156 26.42 -24.70 -34.04
CA SER C 156 27.46 -25.21 -33.17
C SER C 156 28.41 -26.08 -33.98
N LYS C 157 29.69 -26.07 -33.60
CA LYS C 157 30.72 -26.79 -34.34
C LYS C 157 30.48 -28.29 -34.27
N GLN C 158 30.74 -28.97 -35.38
CA GLN C 158 30.60 -30.41 -35.47
C GLN C 158 31.95 -31.09 -35.28
N SER C 159 31.95 -32.41 -35.43
CA SER C 159 33.19 -33.16 -35.35
C SER C 159 34.15 -32.79 -36.48
N ASN C 160 33.64 -32.74 -37.71
CA ASN C 160 34.43 -32.45 -38.91
C ASN C 160 34.67 -30.95 -39.13
N ASN C 161 34.55 -30.12 -38.09
CA ASN C 161 34.74 -28.67 -38.15
C ASN C 161 33.69 -27.97 -39.02
N LYS C 162 32.69 -28.71 -39.52
CA LYS C 162 31.51 -28.09 -40.09
C LYS C 162 30.59 -27.67 -38.94
N TYR C 163 29.33 -27.36 -39.24
CA TYR C 163 28.41 -26.84 -38.24
C TYR C 163 27.06 -27.52 -38.33
N ALA C 164 26.31 -27.46 -37.24
CA ALA C 164 25.00 -28.09 -37.13
C ALA C 164 24.06 -27.16 -36.39
N ALA C 165 22.76 -27.36 -36.62
CA ALA C 165 21.72 -26.58 -35.98
C ALA C 165 20.40 -27.33 -36.12
N SER C 166 19.44 -26.95 -35.26
CA SER C 166 18.11 -27.54 -35.28
C SER C 166 17.09 -26.45 -35.04
N SER C 167 15.86 -26.71 -35.50
CA SER C 167 14.76 -25.77 -35.34
C SER C 167 13.47 -26.54 -35.13
N TYR C 168 12.71 -26.16 -34.11
CA TYR C 168 11.48 -26.84 -33.74
C TYR C 168 10.31 -25.89 -33.88
N LEU C 169 9.23 -26.36 -34.50
CA LEU C 169 8.00 -25.61 -34.63
C LEU C 169 6.91 -26.38 -33.89
N SER C 170 6.40 -25.81 -32.80
CA SER C 170 5.40 -26.45 -31.97
C SER C 170 4.02 -25.96 -32.38
N LEU C 171 3.13 -26.90 -32.70
CA LEU C 171 1.78 -26.59 -33.11
C LEU C 171 0.80 -27.51 -32.41
N THR C 172 -0.48 -27.14 -32.41
CA THR C 172 -1.52 -28.07 -32.01
C THR C 172 -1.94 -28.93 -33.19
N PRO C 173 -2.54 -30.10 -32.93
CA PRO C 173 -3.02 -30.92 -34.06
C PRO C 173 -4.05 -30.21 -34.93
N GLU C 174 -4.85 -29.32 -34.35
CA GLU C 174 -5.82 -28.59 -35.14
C GLU C 174 -5.15 -27.68 -36.16
N GLN C 175 -4.10 -26.97 -35.75
CA GLN C 175 -3.33 -26.16 -36.70
C GLN C 175 -2.57 -27.03 -37.68
N TRP C 176 -2.02 -28.15 -37.20
CA TRP C 176 -1.22 -29.02 -38.06
C TRP C 176 -2.06 -29.61 -39.19
N LYS C 177 -3.29 -30.04 -38.88
CA LYS C 177 -4.17 -30.63 -39.87
C LYS C 177 -5.07 -29.61 -40.57
N SER C 178 -4.69 -28.33 -40.57
CA SER C 178 -5.46 -27.31 -41.26
C SER C 178 -4.68 -26.62 -42.37
N HIS C 179 -3.46 -27.07 -42.64
CA HIS C 179 -2.62 -26.47 -43.67
C HIS C 179 -2.23 -27.54 -44.68
N ARG C 180 -2.11 -27.12 -45.95
CA ARG C 180 -1.72 -28.06 -46.99
C ARG C 180 -0.26 -28.49 -46.84
N SER C 181 0.62 -27.54 -46.53
CA SER C 181 2.05 -27.80 -46.51
C SER C 181 2.71 -26.99 -45.40
N TYR C 182 3.86 -27.47 -44.96
CA TYR C 182 4.70 -26.80 -43.98
C TYR C 182 6.14 -26.91 -44.44
N SER C 183 6.86 -25.79 -44.42
CA SER C 183 8.18 -25.75 -45.02
C SER C 183 9.20 -25.14 -44.07
N CYS C 184 10.41 -25.70 -44.11
CA CYS C 184 11.57 -25.17 -43.41
C CYS C 184 12.58 -24.70 -44.46
N ARG C 185 12.97 -23.43 -44.39
CA ARG C 185 13.87 -22.85 -45.37
C ARG C 185 15.18 -22.47 -44.71
N VAL C 186 16.28 -22.96 -45.26
CA VAL C 186 17.61 -22.78 -44.69
C VAL C 186 18.46 -22.01 -45.71
N THR C 187 18.93 -20.84 -45.31
CA THR C 187 19.74 -19.99 -46.15
C THR C 187 21.18 -20.02 -45.65
N HIS C 188 22.12 -20.22 -46.58
CA HIS C 188 23.53 -20.31 -46.22
C HIS C 188 24.35 -19.79 -47.39
N GLU C 189 25.06 -18.68 -47.17
CA GLU C 189 25.91 -18.05 -48.19
C GLU C 189 25.10 -17.67 -49.44
N GLY C 190 23.95 -17.03 -49.22
CA GLY C 190 23.15 -16.52 -50.32
C GLY C 190 22.40 -17.55 -51.11
N SER C 191 22.32 -18.79 -50.63
CA SER C 191 21.67 -19.89 -51.34
C SER C 191 20.69 -20.54 -50.37
N THR C 192 19.47 -20.84 -50.83
CA THR C 192 18.44 -21.36 -49.94
C THR C 192 18.03 -22.78 -50.34
N VAL C 193 17.97 -23.65 -49.34
CA VAL C 193 17.48 -25.02 -49.48
C VAL C 193 16.18 -25.13 -48.70
N GLU C 194 15.12 -25.58 -49.37
CA GLU C 194 13.80 -25.70 -48.76
C GLU C 194 13.41 -27.17 -48.65
N LYS C 195 12.91 -27.56 -47.47
CA LYS C 195 12.28 -28.85 -47.26
C LYS C 195 10.83 -28.64 -46.86
N THR C 196 9.99 -29.63 -47.13
CA THR C 196 8.57 -29.47 -46.93
C THR C 196 7.96 -30.80 -46.50
N VAL C 197 6.86 -30.72 -45.74
CA VAL C 197 6.09 -31.88 -45.33
C VAL C 197 4.61 -31.53 -45.44
N ALA C 198 3.80 -32.49 -45.87
CA ALA C 198 2.37 -32.29 -45.97
C ALA C 198 1.65 -33.23 -45.01
N PRO C 199 0.60 -32.76 -44.33
CA PRO C 199 -0.16 -33.64 -43.43
C PRO C 199 -0.66 -34.91 -44.10
N ALA C 200 -0.85 -34.92 -45.42
CA ALA C 200 -1.10 -36.17 -46.15
C ALA C 200 0.16 -37.01 -46.09
N GLU C 201 0.17 -38.00 -45.21
CA GLU C 201 1.40 -38.67 -44.81
C GLU C 201 1.73 -39.86 -45.71
N CYS C 202 3.02 -40.10 -45.91
CA CYS C 202 3.48 -41.29 -46.63
C CYS C 202 4.98 -41.52 -46.36
N VAL D 3 14.97 13.99 38.74
CA VAL D 3 15.94 13.02 38.23
C VAL D 3 15.59 12.65 36.79
N TRP D 4 14.36 12.21 36.57
CA TRP D 4 13.85 12.00 35.22
C TRP D 4 12.33 12.08 35.25
N LYS D 5 11.74 12.35 34.09
CA LYS D 5 10.31 12.56 33.98
C LYS D 5 9.81 11.99 32.65
N ASP D 6 8.49 11.92 32.51
CA ASP D 6 7.89 11.46 31.27
C ASP D 6 7.82 12.60 30.28
N ALA D 7 8.37 12.37 29.09
CA ALA D 7 8.35 13.38 28.03
C ALA D 7 8.34 12.67 26.69
N ASP D 8 8.08 13.44 25.63
CA ASP D 8 8.06 12.93 24.27
C ASP D 8 8.93 13.79 23.38
N THR D 9 9.84 13.15 22.65
CA THR D 9 10.72 13.82 21.71
C THR D 9 10.74 13.06 20.40
N THR D 10 11.04 13.77 19.32
CA THR D 10 11.15 13.14 18.00
C THR D 10 12.35 12.21 17.99
N LEU D 11 12.09 10.91 17.87
CA LEU D 11 13.16 9.92 17.87
C LEU D 11 13.85 9.86 16.51
N PHE D 12 14.97 9.17 16.47
CA PHE D 12 15.62 8.79 15.22
C PHE D 12 15.78 7.28 15.19
N CYS D 13 16.15 6.76 14.01
CA CYS D 13 16.19 5.32 13.80
C CYS D 13 17.58 4.87 13.36
N ALA D 14 17.81 3.57 13.50
CA ALA D 14 19.05 2.93 13.11
C ALA D 14 18.73 1.53 12.62
N SER D 15 19.63 0.98 11.80
CA SER D 15 19.43 -0.34 11.22
C SER D 15 20.72 -0.82 10.59
N ASP D 16 20.70 -2.05 10.11
CA ASP D 16 21.84 -2.65 9.41
C ASP D 16 21.67 -2.60 7.89
N ALA D 17 20.94 -1.60 7.39
CA ALA D 17 20.62 -1.54 5.97
C ALA D 17 21.88 -1.31 5.14
N LYS D 18 21.93 -1.95 3.98
CA LYS D 18 23.04 -1.83 3.04
C LYS D 18 22.68 -0.81 1.97
N ALA D 19 23.58 0.16 1.74
CA ALA D 19 23.31 1.18 0.72
C ALA D 19 23.20 0.61 -0.68
N HIS D 20 23.78 -0.56 -0.94
CA HIS D 20 23.75 -1.16 -2.28
C HIS D 20 22.56 -2.09 -2.48
N GLU D 21 21.69 -2.22 -1.49
CA GLU D 21 20.62 -3.19 -1.54
C GLU D 21 19.43 -2.64 -2.31
N THR D 22 18.77 -3.55 -3.05
CA THR D 22 17.60 -3.22 -3.84
C THR D 22 16.33 -3.23 -3.00
N GLU D 23 16.35 -3.99 -1.91
CA GLU D 23 15.15 -4.19 -1.12
C GLU D 23 14.71 -2.85 -0.54
N VAL D 24 13.39 -2.65 -0.49
CA VAL D 24 12.86 -1.30 -0.27
C VAL D 24 13.05 -0.86 1.17
N HIS D 25 12.98 -1.79 2.13
CA HIS D 25 13.24 -1.43 3.52
C HIS D 25 14.69 -0.95 3.70
N ASN D 26 15.63 -1.69 3.10
CA ASN D 26 17.02 -1.23 3.09
C ASN D 26 17.15 0.14 2.45
N VAL D 27 16.48 0.35 1.31
CA VAL D 27 16.59 1.62 0.60
C VAL D 27 16.10 2.77 1.47
N TRP D 28 14.94 2.58 2.11
CA TRP D 28 14.41 3.63 2.98
C TRP D 28 15.31 3.88 4.18
N ALA D 29 15.83 2.80 4.78
CA ALA D 29 16.59 2.93 6.01
C ALA D 29 17.96 3.57 5.79
N THR D 30 18.58 3.32 4.62
CA THR D 30 19.90 3.89 4.40
C THR D 30 19.86 5.42 4.36
N HIS D 31 18.74 6.01 3.95
CA HIS D 31 18.62 7.46 3.89
C HIS D 31 17.85 8.06 5.06
N ALA D 32 17.02 7.27 5.76
CA ALA D 32 16.20 7.78 6.84
C ALA D 32 16.73 7.42 8.23
N CYS D 33 17.71 6.51 8.31
CA CYS D 33 18.26 6.04 9.58
C CYS D 33 19.78 6.04 9.50
N VAL D 34 20.41 5.87 10.66
CA VAL D 34 21.86 5.82 10.80
C VAL D 34 22.26 4.36 11.01
N PRO D 35 23.56 4.02 10.99
CA PRO D 35 23.94 2.65 11.32
C PRO D 35 23.60 2.29 12.75
N THR D 36 23.36 0.99 12.98
CA THR D 36 23.03 0.51 14.32
C THR D 36 24.14 0.87 15.30
N ASP D 37 23.74 1.22 16.53
CA ASP D 37 24.64 1.51 17.63
C ASP D 37 25.69 0.41 17.74
N PRO D 38 26.97 0.73 17.48
CA PRO D 38 28.00 -0.32 17.51
C PRO D 38 28.34 -0.81 18.91
N ASN D 39 27.97 -0.06 19.95
CA ASN D 39 28.20 -0.46 21.34
C ASN D 39 27.02 -0.01 22.19
N PRO D 40 25.94 -0.77 22.21
CA PRO D 40 24.83 -0.45 23.10
C PRO D 40 25.23 -0.58 24.56
N GLN D 41 24.69 0.31 25.39
CA GLN D 41 25.03 0.38 26.81
C GLN D 41 23.74 0.45 27.60
N GLU D 42 23.38 -0.67 28.22
CA GLU D 42 22.18 -0.79 29.04
C GLU D 42 22.56 -0.70 30.51
N ILE D 43 21.99 0.27 31.21
CA ILE D 43 22.30 0.53 32.62
C ILE D 43 21.11 0.12 33.47
N HIS D 44 21.31 -0.87 34.34
CA HIS D 44 20.30 -1.29 35.29
C HIS D 44 20.01 -0.19 36.30
N LEU D 45 18.73 0.03 36.58
CA LEU D 45 18.29 1.02 37.55
C LEU D 45 18.02 0.32 38.88
N GLU D 46 18.90 0.55 39.85
CA GLU D 46 18.79 -0.12 41.14
C GLU D 46 17.71 0.54 41.99
N ASN D 47 16.99 -0.27 42.77
CA ASN D 47 15.94 0.16 43.68
C ASN D 47 14.81 0.92 42.99
N VAL D 48 14.56 0.68 41.71
CA VAL D 48 13.68 1.53 40.92
C VAL D 48 12.48 0.71 40.44
N THR D 49 11.29 1.30 40.59
CA THR D 49 10.05 0.77 40.02
C THR D 49 9.42 1.86 39.17
N GLU D 50 9.06 1.53 37.93
CA GLU D 50 8.58 2.53 36.98
C GLU D 50 7.25 2.09 36.36
N ASN D 51 6.37 3.07 36.13
CA ASN D 51 5.09 2.80 35.48
C ASN D 51 5.23 2.85 33.97
N PHE D 52 4.61 1.88 33.31
CA PHE D 52 4.58 1.81 31.86
C PHE D 52 3.14 1.71 31.38
N ASN D 53 2.90 2.18 30.15
CA ASN D 53 1.58 2.09 29.53
C ASN D 53 1.82 1.92 28.02
N MET D 54 1.78 0.68 27.55
CA MET D 54 2.02 0.40 26.14
C MET D 54 0.95 1.00 25.23
N TRP D 55 -0.26 1.23 25.75
CA TRP D 55 -1.35 1.74 24.95
C TRP D 55 -1.38 3.25 24.86
N LYS D 56 -0.54 3.95 25.64
CA LYS D 56 -0.38 5.40 25.56
C LYS D 56 1.12 5.68 25.53
N ASN D 57 1.71 5.60 24.35
CA ASN D 57 3.15 5.73 24.17
C ASN D 57 3.42 6.32 22.79
N ASN D 58 4.04 7.50 22.76
CA ASN D 58 4.23 8.18 21.49
C ASN D 58 5.24 7.48 20.58
N MET D 59 6.02 6.53 21.11
CA MET D 59 6.90 5.75 20.24
C MET D 59 6.10 4.98 19.20
N VAL D 60 4.92 4.48 19.59
CA VAL D 60 4.08 3.71 18.66
C VAL D 60 3.61 4.59 17.52
N GLU D 61 3.11 5.79 17.82
CA GLU D 61 2.70 6.71 16.78
C GLU D 61 3.85 7.08 15.87
N GLN D 62 5.04 7.30 16.44
CA GLN D 62 6.19 7.71 15.63
C GLN D 62 6.66 6.57 14.73
N MET D 63 6.62 5.33 15.23
CA MET D 63 6.93 4.20 14.37
C MET D 63 5.91 4.08 13.23
N GLN D 64 4.63 4.32 13.54
CA GLN D 64 3.59 4.27 12.51
C GLN D 64 3.85 5.32 11.43
N GLU D 65 4.31 6.51 11.82
CA GLU D 65 4.65 7.53 10.84
C GLU D 65 5.80 7.07 9.95
N ASP D 66 6.79 6.38 10.54
CA ASP D 66 7.88 5.81 9.77
C ASP D 66 7.39 4.78 8.77
N VAL D 67 6.50 3.88 9.20
CA VAL D 67 6.03 2.84 8.29
C VAL D 67 5.18 3.44 7.19
N ILE D 68 4.39 4.47 7.53
CA ILE D 68 3.62 5.18 6.50
C ILE D 68 4.56 5.77 5.46
N SER D 69 5.59 6.49 5.91
CA SER D 69 6.52 7.08 4.96
C SER D 69 7.22 5.98 4.13
N LEU D 70 7.65 4.90 4.78
CA LEU D 70 8.34 3.83 4.06
C LEU D 70 7.44 3.23 2.98
N TRP D 71 6.19 2.95 3.31
CA TRP D 71 5.30 2.31 2.35
C TRP D 71 4.95 3.25 1.20
N ASP D 72 4.79 4.54 1.50
CA ASP D 72 4.49 5.50 0.44
C ASP D 72 5.69 5.67 -0.49
N GLN D 73 6.90 5.64 0.06
CA GLN D 73 8.09 5.80 -0.77
C GLN D 73 8.39 4.54 -1.57
N SER D 74 8.00 3.37 -1.06
CA SER D 74 8.42 2.09 -1.63
C SER D 74 7.40 1.46 -2.57
N LEU D 75 6.13 1.43 -2.18
CA LEU D 75 5.10 0.74 -2.95
C LEU D 75 4.48 1.71 -3.94
N GLN D 76 4.77 1.53 -5.22
CA GLN D 76 4.29 2.41 -6.28
C GLN D 76 3.16 1.72 -7.04
N PRO D 77 1.91 2.11 -6.82
CA PRO D 77 0.80 1.49 -7.58
C PRO D 77 0.66 2.10 -8.96
N CYS D 78 0.01 1.33 -9.85
CA CYS D 78 -0.22 1.80 -11.21
C CYS D 78 -1.17 2.99 -11.21
N VAL D 79 -2.22 2.93 -10.39
CA VAL D 79 -3.25 3.96 -10.33
C VAL D 79 -3.48 4.33 -8.86
N LYS D 80 -3.49 5.61 -8.57
CA LYS D 80 -3.93 6.15 -7.29
C LYS D 80 -5.18 6.97 -7.50
N LEU D 81 -6.16 6.81 -6.61
CA LEU D 81 -7.36 7.65 -6.67
C LEU D 81 -7.91 7.80 -5.25
N THR D 82 -7.73 8.99 -4.68
CA THR D 82 -8.31 9.33 -3.39
C THR D 82 -9.45 10.34 -3.59
N GLY D 83 -9.13 11.55 -4.04
CA GLY D 83 -10.14 12.60 -4.15
C GLY D 83 -10.62 12.85 -5.56
N GLY D 84 -11.12 11.81 -6.22
CA GLY D 84 -11.72 11.97 -7.53
C GLY D 84 -10.69 12.04 -8.64
N SER D 85 -9.50 12.53 -8.33
CA SER D 85 -8.43 12.59 -9.31
C SER D 85 -7.78 11.23 -9.47
N VAL D 86 -7.10 11.05 -10.60
CA VAL D 86 -6.45 9.78 -10.92
C VAL D 86 -4.97 10.06 -11.22
N ILE D 87 -4.09 9.44 -10.44
CA ILE D 87 -2.65 9.53 -10.65
C ILE D 87 -2.17 8.24 -11.29
N LYS D 88 -1.69 8.35 -12.52
CA LYS D 88 -1.15 7.23 -13.27
C LYS D 88 0.37 7.36 -13.32
N GLN D 89 1.07 6.26 -13.04
CA GLN D 89 2.52 6.31 -12.90
C GLN D 89 3.08 4.91 -13.09
N ALA D 90 4.40 4.83 -13.15
CA ALA D 90 5.09 3.55 -13.27
C ALA D 90 4.88 2.72 -12.01
N CYS D 91 4.61 1.43 -12.20
CA CYS D 91 4.37 0.49 -11.10
C CYS D 91 5.21 -0.76 -11.31
N PRO D 92 6.53 -0.67 -11.13
CA PRO D 92 7.38 -1.85 -11.27
C PRO D 92 7.31 -2.73 -10.03
N LYS D 93 7.55 -4.02 -10.25
CA LYS D 93 7.66 -4.94 -9.12
C LYS D 93 8.94 -4.66 -8.34
N ILE D 94 8.85 -4.78 -7.02
CA ILE D 94 9.94 -4.41 -6.14
C ILE D 94 10.32 -5.61 -5.28
N SER D 95 11.43 -5.48 -4.56
CA SER D 95 11.86 -6.46 -3.58
C SER D 95 11.38 -6.03 -2.20
N PHE D 96 10.62 -6.90 -1.54
CA PHE D 96 9.98 -6.58 -0.27
C PHE D 96 10.34 -7.65 0.75
N ASP D 97 11.08 -7.27 1.79
CA ASP D 97 11.38 -8.13 2.92
C ASP D 97 11.76 -7.25 4.11
N PRO D 98 10.87 -7.10 5.09
CA PRO D 98 11.13 -6.15 6.19
C PRO D 98 12.41 -6.48 6.96
N ILE D 99 13.07 -5.43 7.44
CA ILE D 99 14.31 -5.58 8.20
C ILE D 99 14.13 -4.93 9.58
N PRO D 100 14.91 -5.33 10.59
CA PRO D 100 14.73 -4.73 11.93
C PRO D 100 15.14 -3.27 11.95
N ILE D 101 14.39 -2.47 12.70
CA ILE D 101 14.62 -1.03 12.83
C ILE D 101 14.67 -0.69 14.32
N HIS D 102 15.80 -0.15 14.78
CA HIS D 102 15.94 0.32 16.14
C HIS D 102 15.50 1.78 16.23
N TYR D 103 14.84 2.15 17.32
CA TYR D 103 14.43 3.52 17.60
C TYR D 103 15.22 4.07 18.78
N CYS D 104 15.80 5.26 18.61
CA CYS D 104 16.73 5.81 19.59
C CYS D 104 16.32 7.23 19.98
N THR D 105 16.64 7.60 21.22
CA THR D 105 16.37 8.93 21.76
C THR D 105 17.51 9.90 21.41
N PRO D 106 17.21 11.19 21.16
CA PRO D 106 18.29 12.17 21.00
C PRO D 106 18.95 12.51 22.32
N ALA D 107 19.84 13.51 22.32
CA ALA D 107 20.47 13.93 23.55
C ALA D 107 19.46 14.49 24.52
N GLY D 108 19.65 14.22 25.81
CA GLY D 108 18.75 14.69 26.84
C GLY D 108 17.61 13.74 27.16
N TYR D 109 17.51 12.62 26.44
CA TYR D 109 16.46 11.63 26.69
C TYR D 109 17.07 10.24 26.69
N VAL D 110 16.39 9.33 27.38
CA VAL D 110 16.73 7.92 27.39
C VAL D 110 15.45 7.13 27.22
N ILE D 111 15.60 5.83 27.00
CA ILE D 111 14.47 4.90 26.89
C ILE D 111 14.53 3.95 28.08
N LEU D 112 13.51 4.03 28.94
CA LEU D 112 13.38 3.07 30.02
C LEU D 112 12.79 1.77 29.48
N LYS D 113 13.34 0.65 29.90
CA LYS D 113 12.99 -0.66 29.36
C LYS D 113 12.60 -1.59 30.49
N CYS D 114 11.39 -2.14 30.42
CA CYS D 114 10.89 -3.06 31.44
C CYS D 114 11.36 -4.48 31.15
N ASN D 115 12.09 -5.07 32.10
CA ASN D 115 12.63 -6.42 31.96
C ASN D 115 11.91 -7.44 32.85
N ASP D 116 10.69 -7.14 33.28
CA ASP D 116 9.90 -8.13 34.01
C ASP D 116 9.44 -9.22 33.06
N LYS D 117 9.73 -10.48 33.42
CA LYS D 117 9.52 -11.59 32.51
C LYS D 117 8.06 -11.82 32.14
N ASN D 118 7.12 -11.36 32.95
CA ASN D 118 5.70 -11.52 32.66
C ASN D 118 5.00 -10.17 32.61
N PHE D 119 5.68 -9.18 32.05
CA PHE D 119 5.08 -7.85 31.91
C PHE D 119 3.94 -7.89 30.90
N ASN D 120 2.78 -7.34 31.28
CA ASN D 120 1.62 -7.35 30.41
C ASN D 120 1.46 -6.06 29.62
N GLY D 121 2.39 -5.11 29.77
CA GLY D 121 2.35 -3.86 29.04
C GLY D 121 1.82 -2.69 29.83
N THR D 122 1.12 -2.94 30.93
CA THR D 122 0.48 -1.88 31.72
C THR D 122 0.80 -2.05 33.20
N GLY D 123 1.16 -0.94 33.84
CA GLY D 123 1.36 -0.94 35.27
C GLY D 123 2.81 -0.81 35.67
N PRO D 124 3.10 -1.09 36.94
CA PRO D 124 4.47 -0.95 37.45
C PRO D 124 5.38 -2.06 36.95
N CYS D 125 6.68 -1.76 36.97
CA CYS D 125 7.72 -2.68 36.54
C CYS D 125 8.83 -2.65 37.58
N LYS D 126 9.32 -3.82 37.98
CA LYS D 126 10.31 -3.86 39.06
C LYS D 126 11.74 -3.90 38.55
N ASN D 127 11.97 -4.39 37.34
CA ASN D 127 13.31 -4.55 36.77
C ASN D 127 13.39 -3.58 35.58
N VAL D 128 13.75 -2.34 35.87
CA VAL D 128 13.80 -1.28 34.87
C VAL D 128 15.26 -0.99 34.55
N SER D 129 15.55 -0.82 33.25
CA SER D 129 16.87 -0.45 32.78
C SER D 129 16.75 0.77 31.87
N SER D 130 17.89 1.35 31.53
CA SER D 130 17.96 2.48 30.61
C SER D 130 18.77 2.08 29.40
N VAL D 131 18.25 2.39 28.20
CA VAL D 131 18.94 2.14 26.95
C VAL D 131 18.87 3.40 26.09
N GLN D 132 19.73 3.46 25.08
CA GLN D 132 19.64 4.52 24.10
C GLN D 132 18.84 4.12 22.86
N CYS D 133 18.81 2.84 22.52
CA CYS D 133 18.05 2.35 21.39
C CYS D 133 17.26 1.11 21.79
N THR D 134 16.07 0.97 21.21
CA THR D 134 15.33 -0.26 21.33
C THR D 134 15.99 -1.37 20.52
N HIS D 135 15.52 -2.61 20.73
CA HIS D 135 15.97 -3.71 19.89
C HIS D 135 15.38 -3.56 18.48
N GLY D 136 15.94 -4.33 17.55
CA GLY D 136 15.50 -4.27 16.17
C GLY D 136 14.11 -4.84 15.98
N ILE D 137 13.17 -3.99 15.58
CA ILE D 137 11.77 -4.37 15.40
C ILE D 137 11.43 -4.34 13.92
N LYS D 138 10.90 -5.46 13.41
CA LYS D 138 10.48 -5.53 12.02
C LYS D 138 9.16 -4.80 11.84
N PRO D 139 9.05 -3.89 10.86
CA PRO D 139 7.76 -3.24 10.56
C PRO D 139 6.86 -4.13 9.72
N VAL D 140 6.39 -5.22 10.33
CA VAL D 140 5.49 -6.14 9.64
C VAL D 140 4.08 -5.59 9.73
N VAL D 141 3.49 -5.27 8.58
CA VAL D 141 2.13 -4.76 8.51
C VAL D 141 1.22 -5.93 8.18
N SER D 142 0.23 -6.18 9.04
CA SER D 142 -0.68 -7.29 8.86
C SER D 142 -1.91 -7.04 9.71
N THR D 143 -2.92 -7.89 9.52
CA THR D 143 -4.15 -7.83 10.29
C THR D 143 -4.46 -9.21 10.85
N GLN D 144 -5.14 -9.22 11.99
CA GLN D 144 -5.67 -10.43 12.63
C GLN D 144 -4.58 -11.30 13.24
N LEU D 145 -3.36 -11.23 12.70
CA LEU D 145 -2.29 -12.12 13.14
C LEU D 145 -0.98 -11.34 13.14
N LEU D 146 -0.26 -11.33 14.26
CA LEU D 146 1.07 -10.75 14.30
C LEU D 146 2.08 -11.77 13.77
N LEU D 147 2.90 -11.34 12.82
CA LEU D 147 3.82 -12.24 12.13
C LEU D 147 5.27 -11.79 12.33
N ASN D 148 6.17 -12.77 12.48
CA ASN D 148 7.62 -12.54 12.52
C ASN D 148 8.04 -11.65 13.69
N GLY D 149 7.24 -11.65 14.77
CA GLY D 149 7.50 -10.83 15.92
C GLY D 149 8.14 -11.60 17.05
N SER D 150 8.30 -10.92 18.18
CA SER D 150 8.88 -11.54 19.36
C SER D 150 7.89 -12.51 20.00
N LEU D 151 8.41 -13.36 20.89
CA LEU D 151 7.61 -14.33 21.62
C LEU D 151 7.63 -14.00 23.11
N ALA D 152 6.53 -14.34 23.79
CA ALA D 152 6.50 -14.25 25.25
C ALA D 152 7.45 -15.26 25.86
N GLU D 153 8.18 -14.85 26.89
CA GLU D 153 9.30 -15.64 27.36
C GLU D 153 8.86 -16.84 28.21
N GLU D 154 7.86 -16.66 29.07
CA GLU D 154 7.39 -17.75 29.93
C GLU D 154 5.97 -18.19 29.56
N GLU D 155 4.98 -17.34 29.75
CA GLU D 155 3.59 -17.71 29.53
C GLU D 155 2.95 -16.83 28.47
N ILE D 156 1.85 -17.32 27.89
CA ILE D 156 1.06 -16.51 26.98
C ILE D 156 0.55 -15.28 27.73
N ILE D 157 0.81 -14.10 27.17
CA ILE D 157 0.50 -12.83 27.81
C ILE D 157 -0.67 -12.19 27.08
N ILE D 158 -1.69 -11.79 27.83
CA ILE D 158 -2.84 -11.07 27.30
C ILE D 158 -2.63 -9.59 27.60
N ARG D 159 -2.65 -8.76 26.56
CA ARG D 159 -2.42 -7.33 26.70
C ARG D 159 -3.67 -6.56 26.28
N SER D 160 -4.02 -5.53 27.05
CA SER D 160 -5.15 -4.68 26.75
C SER D 160 -5.13 -3.48 27.68
N GLU D 161 -5.58 -2.34 27.17
CA GLU D 161 -5.75 -1.17 28.04
C GLU D 161 -6.76 -1.47 29.15
N ASN D 162 -7.83 -2.19 28.81
CA ASN D 162 -8.76 -2.68 29.82
C ASN D 162 -9.58 -3.80 29.21
N LEU D 163 -9.44 -5.01 29.75
CA LEU D 163 -10.12 -6.17 29.20
C LEU D 163 -11.64 -6.06 29.31
N THR D 164 -12.15 -5.37 30.35
CA THR D 164 -13.58 -5.20 30.50
C THR D 164 -14.15 -4.18 29.52
N ASN D 165 -13.31 -3.39 28.87
CA ASN D 165 -13.76 -2.43 27.87
C ASN D 165 -13.75 -3.11 26.49
N ASN D 166 -14.95 -3.27 25.90
CA ASN D 166 -15.06 -3.95 24.62
C ASN D 166 -14.51 -3.13 23.46
N ALA D 167 -14.15 -1.88 23.68
CA ALA D 167 -13.56 -1.03 22.64
C ALA D 167 -12.04 -1.08 22.64
N LYS D 168 -11.43 -1.64 23.69
CA LYS D 168 -9.99 -1.84 23.75
C LYS D 168 -9.65 -3.18 23.13
N THR D 169 -8.70 -3.17 22.18
CA THR D 169 -8.34 -4.41 21.51
C THR D 169 -7.38 -5.24 22.35
N ILE D 170 -7.45 -6.55 22.17
CA ILE D 170 -6.66 -7.50 22.93
C ILE D 170 -5.51 -7.98 22.05
N ILE D 171 -4.29 -7.93 22.59
CA ILE D 171 -3.10 -8.50 21.95
C ILE D 171 -2.73 -9.76 22.73
N VAL D 172 -2.86 -10.90 22.08
CA VAL D 172 -2.37 -12.17 22.61
C VAL D 172 -0.92 -12.33 22.17
N HIS D 173 -0.01 -12.45 23.15
CA HIS D 173 1.40 -12.64 22.88
C HIS D 173 1.71 -14.12 23.11
N LEU D 174 1.89 -14.87 22.02
CA LEU D 174 2.15 -16.29 22.15
C LEU D 174 3.58 -16.53 22.64
N ASN D 175 3.76 -17.64 23.35
CA ASN D 175 5.09 -18.03 23.82
C ASN D 175 5.71 -19.12 22.96
N LYS D 176 5.05 -19.52 21.88
CA LYS D 176 5.58 -20.52 20.97
C LYS D 176 5.09 -20.20 19.56
N SER D 177 6.02 -20.01 18.64
CA SER D 177 5.66 -19.65 17.27
C SER D 177 4.93 -20.81 16.58
N VAL D 178 3.99 -20.45 15.71
CA VAL D 178 3.31 -21.40 14.82
C VAL D 178 3.45 -20.86 13.41
N GLU D 179 4.11 -21.64 12.54
CA GLU D 179 4.43 -21.14 11.22
C GLU D 179 3.21 -21.19 10.30
N ILE D 180 3.04 -20.14 9.51
CA ILE D 180 2.03 -20.09 8.46
C ILE D 180 2.75 -19.97 7.13
N ASN D 181 2.45 -20.88 6.21
CA ASN D 181 3.23 -21.07 4.98
C ASN D 181 2.30 -20.79 3.80
N CYS D 182 2.46 -19.60 3.21
CA CYS D 182 1.55 -19.12 2.17
C CYS D 182 2.21 -19.21 0.81
N THR D 183 1.44 -19.66 -0.18
CA THR D 183 2.02 -19.97 -1.49
C THR D 183 1.03 -19.65 -2.59
N ARG D 184 1.52 -18.93 -3.61
CA ARG D 184 0.86 -18.87 -4.90
C ARG D 184 1.66 -19.77 -5.83
N PRO D 185 1.14 -20.92 -6.23
CA PRO D 185 1.94 -21.86 -7.03
C PRO D 185 2.23 -21.33 -8.42
N SER D 186 3.24 -21.93 -9.06
CA SER D 186 3.73 -21.48 -10.35
C SER D 186 2.85 -21.99 -11.50
N ASN D 187 3.13 -21.48 -12.69
CA ASN D 187 2.42 -21.84 -13.93
C ASN D 187 0.92 -21.63 -13.80
N ASP D 195 -5.81 -19.77 -12.18
CA ASP D 195 -6.01 -18.44 -11.60
C ASP D 195 -4.72 -17.92 -10.96
N ILE D 196 -4.14 -16.88 -11.56
CA ILE D 196 -2.92 -16.28 -11.04
C ILE D 196 -3.16 -15.58 -9.71
N ARG D 197 -4.41 -15.31 -9.36
CA ARG D 197 -4.76 -14.62 -8.13
C ARG D 197 -5.00 -15.57 -6.96
N LYS D 198 -5.05 -16.88 -7.20
CA LYS D 198 -5.43 -17.84 -6.18
C LYS D 198 -4.20 -18.31 -5.42
N ALA D 199 -4.27 -18.27 -4.10
CA ALA D 199 -3.18 -18.70 -3.23
C ALA D 199 -3.78 -19.40 -2.02
N TYR D 200 -2.91 -19.84 -1.11
CA TYR D 200 -3.35 -20.55 0.09
C TYR D 200 -2.25 -20.51 1.13
N CYS D 201 -2.65 -20.52 2.40
CA CYS D 201 -1.72 -20.59 3.53
C CYS D 201 -1.94 -21.91 4.25
N GLU D 202 -0.84 -22.58 4.61
CA GLU D 202 -0.88 -23.87 5.28
C GLU D 202 -0.34 -23.74 6.69
N ILE D 203 -1.07 -24.32 7.65
CA ILE D 203 -0.73 -24.30 9.06
C ILE D 203 -0.89 -25.70 9.62
N ASN D 204 0.07 -26.13 10.45
CA ASN D 204 -0.06 -27.38 11.18
C ASN D 204 -1.26 -27.32 12.11
N GLY D 205 -2.31 -28.09 11.81
CA GLY D 205 -3.54 -27.99 12.57
C GLY D 205 -3.40 -28.45 14.01
N THR D 206 -2.64 -29.51 14.24
CA THR D 206 -2.43 -30.00 15.60
C THR D 206 -1.72 -28.94 16.44
N LYS D 207 -0.60 -28.43 15.93
CA LYS D 207 0.16 -27.40 16.63
C LYS D 207 -0.70 -26.16 16.90
N TRP D 208 -1.40 -25.67 15.86
CA TRP D 208 -2.18 -24.44 16.03
C TRP D 208 -3.35 -24.64 16.99
N ASN D 209 -4.03 -25.78 16.92
CA ASN D 209 -5.17 -26.00 17.80
C ASN D 209 -4.74 -26.17 19.25
N LYS D 210 -3.57 -26.77 19.49
CA LYS D 210 -3.06 -26.85 20.85
C LYS D 210 -2.73 -25.46 21.38
N VAL D 211 -2.07 -24.64 20.57
CA VAL D 211 -1.81 -23.26 20.97
C VAL D 211 -3.11 -22.51 21.24
N LEU D 212 -4.13 -22.73 20.41
CA LEU D 212 -5.38 -22.00 20.59
C LEU D 212 -6.10 -22.44 21.85
N LYS D 213 -6.06 -23.73 22.17
CA LYS D 213 -6.64 -24.19 23.43
C LYS D 213 -5.89 -23.59 24.62
N GLN D 214 -4.58 -23.41 24.49
CA GLN D 214 -3.82 -22.70 25.52
C GLN D 214 -4.30 -21.26 25.64
N VAL D 215 -4.58 -20.61 24.51
CA VAL D 215 -5.04 -19.23 24.54
C VAL D 215 -6.40 -19.14 25.22
N THR D 216 -7.29 -20.09 24.96
CA THR D 216 -8.59 -20.06 25.61
C THR D 216 -8.46 -20.29 27.12
N GLU D 217 -7.55 -21.19 27.53
CA GLU D 217 -7.29 -21.37 28.95
C GLU D 217 -6.74 -20.10 29.59
N LYS D 218 -5.88 -19.37 28.85
CA LYS D 218 -5.38 -18.10 29.35
C LYS D 218 -6.50 -17.07 29.47
N LEU D 219 -7.40 -17.04 28.48
CA LEU D 219 -8.49 -16.08 28.54
C LEU D 219 -9.48 -16.42 29.66
N LYS D 220 -9.56 -17.70 30.03
CA LYS D 220 -10.41 -18.09 31.16
C LYS D 220 -9.96 -17.41 32.45
N GLU D 221 -8.65 -17.37 32.68
CA GLU D 221 -8.13 -16.74 33.89
C GLU D 221 -8.53 -15.27 33.98
N HIS D 222 -8.61 -14.58 32.84
CA HIS D 222 -8.96 -13.17 32.82
C HIS D 222 -10.45 -12.91 32.81
N PHE D 223 -11.26 -13.90 32.45
CA PHE D 223 -12.71 -13.74 32.34
C PHE D 223 -13.45 -14.75 33.19
N ASN D 224 -12.94 -14.99 34.40
CA ASN D 224 -13.66 -15.73 35.44
C ASN D 224 -14.12 -17.11 34.96
N ASN D 225 -13.21 -17.81 34.26
CA ASN D 225 -13.46 -19.16 33.75
C ASN D 225 -14.72 -19.24 32.89
N LYS D 226 -15.08 -18.14 32.22
CA LYS D 226 -16.23 -18.15 31.34
C LYS D 226 -15.90 -18.94 30.08
N THR D 227 -16.96 -19.40 29.40
CA THR D 227 -16.78 -20.13 28.16
C THR D 227 -16.22 -19.19 27.09
N ILE D 228 -15.10 -19.59 26.48
CA ILE D 228 -14.44 -18.81 25.45
C ILE D 228 -14.88 -19.35 24.10
N ILE D 229 -15.42 -18.47 23.26
CA ILE D 229 -15.93 -18.83 21.94
C ILE D 229 -15.33 -17.88 20.91
N PHE D 230 -14.85 -18.45 19.80
CA PHE D 230 -14.31 -17.68 18.69
C PHE D 230 -15.32 -17.61 17.55
N GLN D 231 -15.39 -16.47 16.90
CA GLN D 231 -16.24 -16.26 15.73
C GLN D 231 -15.49 -15.42 14.72
N PRO D 232 -15.85 -15.52 13.44
CA PRO D 232 -15.23 -14.65 12.43
C PRO D 232 -15.64 -13.20 12.66
N PRO D 233 -15.02 -12.24 11.98
CA PRO D 233 -15.44 -10.83 12.15
C PRO D 233 -16.88 -10.64 11.70
N SER D 234 -17.57 -9.71 12.34
CA SER D 234 -18.97 -9.45 12.03
C SER D 234 -19.17 -8.38 10.96
N GLY D 235 -18.09 -7.86 10.38
CA GLY D 235 -18.20 -6.89 9.31
C GLY D 235 -16.92 -6.10 9.19
N GLY D 236 -16.95 -5.11 8.30
CA GLY D 236 -15.81 -4.24 8.05
C GLY D 236 -15.23 -4.42 6.66
N ASP D 237 -14.16 -3.68 6.42
CA ASP D 237 -13.47 -3.75 5.13
C ASP D 237 -12.75 -5.09 4.98
N LEU D 238 -12.35 -5.38 3.75
CA LEU D 238 -11.71 -6.67 3.47
C LEU D 238 -10.35 -6.76 4.15
N GLU D 239 -9.64 -5.65 4.27
CA GLU D 239 -8.31 -5.65 4.87
C GLU D 239 -8.34 -6.17 6.31
N ILE D 240 -9.44 -5.95 7.02
CA ILE D 240 -9.51 -6.38 8.42
C ILE D 240 -10.41 -7.61 8.61
N THR D 241 -11.33 -7.87 7.69
CA THR D 241 -12.16 -9.07 7.80
C THR D 241 -11.40 -10.31 7.37
N MET D 242 -10.28 -10.13 6.67
CA MET D 242 -9.37 -11.19 6.29
C MET D 242 -8.00 -10.92 6.90
N HIS D 243 -7.20 -11.98 7.00
CA HIS D 243 -5.77 -11.84 7.27
C HIS D 243 -5.10 -11.23 6.06
N SER D 244 -4.83 -9.93 6.12
CA SER D 244 -4.19 -9.20 5.04
C SER D 244 -2.72 -8.97 5.40
N PHE D 245 -1.83 -9.23 4.43
CA PHE D 245 -0.39 -9.06 4.62
C PHE D 245 0.26 -8.89 3.25
N ASN D 246 1.57 -8.59 3.25
CA ASN D 246 2.34 -8.40 2.03
C ASN D 246 3.40 -9.49 1.94
N CYS D 247 3.44 -10.20 0.82
CA CYS D 247 4.41 -11.26 0.60
C CYS D 247 5.09 -11.02 -0.74
N ARG D 248 6.36 -10.65 -0.69
CA ARG D 248 7.18 -10.43 -1.88
C ARG D 248 6.57 -9.36 -2.78
N GLY D 249 5.99 -8.33 -2.16
CA GLY D 249 5.38 -7.24 -2.88
C GLY D 249 3.91 -7.41 -3.18
N GLU D 250 3.39 -8.65 -3.11
CA GLU D 250 2.00 -8.93 -3.40
C GLU D 250 1.15 -8.82 -2.13
N PHE D 251 -0.09 -8.36 -2.31
CA PHE D 251 -1.03 -8.19 -1.19
C PHE D 251 -1.90 -9.43 -1.08
N PHE D 252 -1.67 -10.21 -0.04
CA PHE D 252 -2.43 -11.44 0.20
C PHE D 252 -3.60 -11.14 1.13
N TYR D 253 -4.76 -11.67 0.79
CA TYR D 253 -5.96 -11.60 1.63
C TYR D 253 -6.42 -13.02 1.88
N CYS D 254 -6.44 -13.43 3.15
CA CYS D 254 -6.67 -14.83 3.49
C CYS D 254 -7.83 -14.99 4.46
N ASN D 255 -8.58 -16.07 4.28
CA ASN D 255 -9.73 -16.41 5.11
C ASN D 255 -9.25 -17.20 6.32
N THR D 256 -9.60 -16.72 7.52
CA THR D 256 -9.12 -17.32 8.76
C THR D 256 -10.20 -18.06 9.53
N THR D 257 -11.32 -18.39 8.88
CA THR D 257 -12.43 -19.05 9.58
C THR D 257 -11.98 -20.37 10.20
N GLN D 258 -11.29 -21.21 9.42
CA GLN D 258 -10.84 -22.49 9.95
C GLN D 258 -9.74 -22.34 10.98
N LEU D 259 -9.12 -21.15 11.09
CA LEU D 259 -8.15 -20.90 12.14
C LEU D 259 -8.80 -20.70 13.50
N PHE D 260 -10.11 -20.61 13.59
CA PHE D 260 -10.80 -20.43 14.86
C PHE D 260 -12.00 -21.35 14.94
N ASN D 261 -11.74 -22.64 14.66
CA ASN D 261 -12.76 -23.68 14.68
C ASN D 261 -12.91 -24.16 16.12
N ASN D 262 -14.00 -23.73 16.77
CA ASN D 262 -14.21 -24.11 18.16
C ASN D 262 -14.26 -25.62 18.35
N THR D 263 -14.79 -26.35 17.36
CA THR D 263 -14.88 -27.80 17.45
C THR D 263 -13.52 -28.46 17.63
N CYS D 264 -12.44 -27.78 17.27
CA CYS D 264 -11.11 -28.34 17.35
C CYS D 264 -10.40 -28.01 18.66
N ILE D 265 -10.95 -27.14 19.50
CA ILE D 265 -10.23 -26.65 20.67
C ILE D 265 -11.00 -26.93 21.95
N GLY D 266 -11.70 -28.05 22.00
CA GLY D 266 -12.41 -28.46 23.20
C GLY D 266 -11.67 -29.54 23.96
N ASN D 267 -12.15 -29.78 25.18
CA ASN D 267 -11.66 -30.93 25.96
C ASN D 267 -11.96 -32.25 25.27
N GLU D 268 -12.93 -32.28 24.36
CA GLU D 268 -13.31 -33.52 23.71
C GLU D 268 -12.14 -34.14 22.95
N THR D 269 -11.33 -33.30 22.29
CA THR D 269 -10.19 -33.75 21.49
C THR D 269 -10.68 -34.66 20.36
N MET D 270 -9.76 -35.33 19.66
CA MET D 270 -10.08 -36.15 18.50
C MET D 270 -10.68 -35.30 17.38
N LYS D 271 -11.65 -35.85 16.64
CA LYS D 271 -12.23 -35.24 15.43
C LYS D 271 -11.22 -35.19 14.30
N GLY D 272 -11.60 -34.59 13.17
CA GLY D 272 -10.72 -34.43 12.03
C GLY D 272 -9.94 -33.13 12.03
N CYS D 273 -9.45 -32.74 13.21
CA CYS D 273 -8.81 -31.45 13.45
C CYS D 273 -7.30 -31.53 13.52
N ASN D 274 -6.71 -32.69 13.26
CA ASN D 274 -5.26 -32.84 13.38
C ASN D 274 -4.53 -32.62 12.07
N GLY D 275 -5.26 -32.47 10.96
CA GLY D 275 -4.64 -32.30 9.67
C GLY D 275 -4.20 -30.87 9.43
N THR D 276 -3.54 -30.67 8.29
CA THR D 276 -3.12 -29.34 7.91
C THR D 276 -4.34 -28.46 7.63
N ILE D 277 -4.26 -27.21 8.05
CA ILE D 277 -5.30 -26.22 7.77
C ILE D 277 -4.86 -25.39 6.58
N THR D 278 -5.70 -25.33 5.55
CA THR D 278 -5.37 -24.62 4.31
C THR D 278 -6.34 -23.45 4.12
N LEU D 279 -5.86 -22.25 4.39
CA LEU D 279 -6.69 -21.06 4.24
C LEU D 279 -6.66 -20.60 2.79
N PRO D 280 -7.81 -20.36 2.17
CA PRO D 280 -7.78 -19.81 0.80
C PRO D 280 -7.45 -18.33 0.82
N CYS D 281 -6.77 -17.89 -0.23
CA CYS D 281 -6.26 -16.54 -0.29
C CYS D 281 -6.39 -16.01 -1.72
N LYS D 282 -6.46 -14.68 -1.83
CA LYS D 282 -6.41 -13.98 -3.10
C LYS D 282 -5.37 -12.88 -3.01
N ILE D 283 -4.61 -12.69 -4.10
CA ILE D 283 -3.67 -11.59 -4.22
C ILE D 283 -4.40 -10.43 -4.90
N LYS D 284 -4.64 -9.36 -4.16
CA LYS D 284 -5.50 -8.27 -4.63
C LYS D 284 -4.65 -7.14 -5.22
N GLN D 285 -5.09 -6.63 -6.39
CA GLN D 285 -4.43 -5.46 -6.98
C GLN D 285 -5.00 -4.16 -6.46
N ILE D 286 -6.31 -4.14 -6.18
CA ILE D 286 -7.00 -2.94 -5.71
C ILE D 286 -7.09 -3.01 -4.20
N ILE D 287 -6.41 -2.10 -3.51
CA ILE D 287 -6.39 -2.07 -2.06
C ILE D 287 -6.81 -0.67 -1.58
N ASN D 288 -7.27 -0.62 -0.34
CA ASN D 288 -7.66 0.63 0.31
C ASN D 288 -6.51 1.17 1.13
N MET D 289 -6.11 2.42 0.83
CA MET D 289 -4.96 3.00 1.51
C MET D 289 -5.28 3.31 2.97
N TRP D 290 -4.22 3.43 3.76
CA TRP D 290 -4.35 3.65 5.20
C TRP D 290 -4.12 5.09 5.63
N GLN D 291 -3.16 5.79 5.03
CA GLN D 291 -2.91 7.18 5.43
C GLN D 291 -4.02 8.08 4.91
N GLY D 292 -4.19 8.13 3.59
CA GLY D 292 -5.30 8.83 2.98
C GLY D 292 -6.32 7.85 2.47
N THR D 293 -7.57 7.98 2.91
CA THR D 293 -8.61 7.02 2.55
C THR D 293 -8.91 7.11 1.05
N GLY D 294 -8.47 6.09 0.32
CA GLY D 294 -8.68 6.05 -1.11
C GLY D 294 -8.39 4.66 -1.64
N GLN D 295 -8.04 4.56 -2.92
CA GLN D 295 -7.77 3.28 -3.55
C GLN D 295 -6.44 3.33 -4.29
N ALA D 296 -5.73 2.20 -4.28
CA ALA D 296 -4.49 2.03 -5.04
C ALA D 296 -4.59 0.72 -5.81
N MET D 297 -4.38 0.79 -7.12
CA MET D 297 -4.47 -0.37 -7.98
C MET D 297 -3.06 -0.72 -8.48
N TYR D 298 -2.64 -1.94 -8.23
CA TYR D 298 -1.30 -2.42 -8.58
C TYR D 298 -1.39 -3.35 -9.78
N ALA D 299 -0.23 -3.91 -10.16
CA ALA D 299 -0.09 -4.80 -11.30
C ALA D 299 -0.29 -6.25 -10.89
N PRO D 300 -0.65 -7.12 -11.83
CA PRO D 300 -0.80 -8.55 -11.51
C PRO D 300 0.49 -9.15 -11.01
N PRO D 301 0.41 -10.25 -10.25
CA PRO D 301 1.61 -10.76 -9.57
C PRO D 301 2.62 -11.35 -10.55
N ILE D 302 3.84 -11.54 -10.05
CA ILE D 302 4.90 -12.13 -10.86
C ILE D 302 4.57 -13.59 -11.17
N ASP D 303 5.23 -14.12 -12.19
CA ASP D 303 5.10 -15.53 -12.50
C ASP D 303 5.99 -16.36 -11.59
N GLY D 304 5.66 -17.64 -11.48
CA GLY D 304 6.42 -18.55 -10.65
C GLY D 304 5.89 -18.66 -9.23
N LYS D 305 6.64 -19.40 -8.42
CA LYS D 305 6.21 -19.68 -7.06
C LYS D 305 6.41 -18.44 -6.19
N ILE D 306 5.32 -17.95 -5.61
CA ILE D 306 5.33 -16.83 -4.68
C ILE D 306 5.08 -17.43 -3.30
N ASN D 307 6.13 -17.52 -2.48
CA ASN D 307 6.08 -18.21 -1.21
C ASN D 307 6.58 -17.32 -0.09
N CYS D 308 5.92 -17.40 1.07
CA CYS D 308 6.37 -16.76 2.29
C CYS D 308 6.02 -17.66 3.46
N VAL D 309 7.03 -18.02 4.26
CA VAL D 309 6.83 -18.74 5.51
C VAL D 309 7.06 -17.76 6.64
N SER D 310 6.03 -17.55 7.47
CA SER D 310 6.09 -16.58 8.55
C SER D 310 5.71 -17.25 9.86
N ASN D 311 5.99 -16.55 10.96
CA ASN D 311 5.72 -17.02 12.32
C ASN D 311 4.51 -16.27 12.87
N ILE D 312 3.39 -16.98 13.04
CA ILE D 312 2.31 -16.44 13.86
C ILE D 312 2.87 -16.36 15.28
N THR D 313 3.11 -15.16 15.78
CA THR D 313 3.57 -14.97 17.14
C THR D 313 2.62 -14.15 17.99
N GLY D 314 1.45 -13.80 17.46
CA GLY D 314 0.49 -13.01 18.19
C GLY D 314 -0.83 -13.02 17.48
N ILE D 315 -1.88 -12.72 18.24
CA ILE D 315 -3.23 -12.66 17.71
C ILE D 315 -3.86 -11.35 18.16
N LEU D 316 -4.62 -10.73 17.27
CA LEU D 316 -5.39 -9.54 17.58
C LEU D 316 -6.86 -9.93 17.71
N LEU D 317 -7.48 -9.55 18.82
CA LEU D 317 -8.83 -9.98 19.12
C LEU D 317 -9.68 -8.79 19.58
N THR D 318 -10.97 -8.86 19.27
CA THR D 318 -11.95 -7.90 19.77
C THR D 318 -13.08 -8.69 20.41
N ARG D 319 -13.46 -8.30 21.63
CA ARG D 319 -14.46 -9.04 22.39
C ARG D 319 -15.84 -8.46 22.14
N ASP D 320 -16.82 -9.35 21.99
CA ASP D 320 -18.20 -8.91 21.78
C ASP D 320 -18.71 -8.15 23.00
N GLY D 321 -19.49 -7.10 22.75
CA GLY D 321 -20.14 -6.36 23.80
C GLY D 321 -21.59 -6.80 23.98
N GLY D 322 -22.20 -6.28 25.04
CA GLY D 322 -23.61 -6.51 25.30
C GLY D 322 -23.95 -7.80 26.00
N ALA D 323 -22.97 -8.50 26.56
CA ALA D 323 -23.23 -9.77 27.24
C ALA D 323 -23.29 -9.55 28.75
N ASN D 324 -24.36 -8.85 29.17
CA ASN D 324 -24.57 -8.59 30.60
C ASN D 324 -24.71 -9.89 31.38
N ASN D 325 -25.64 -10.75 30.96
CA ASN D 325 -25.88 -12.03 31.61
C ASN D 325 -25.78 -13.09 30.52
N THR D 326 -24.57 -13.62 30.33
CA THR D 326 -24.34 -14.71 29.39
C THR D 326 -23.18 -15.55 29.94
N SER D 327 -23.27 -16.85 29.71
CA SER D 327 -22.26 -17.79 30.17
C SER D 327 -21.09 -17.95 29.20
N ASN D 328 -20.85 -16.97 28.32
CA ASN D 328 -19.71 -17.07 27.42
C ASN D 328 -19.22 -15.68 27.04
N GLU D 329 -17.93 -15.61 26.68
CA GLU D 329 -17.34 -14.43 26.05
C GLU D 329 -16.94 -14.79 24.63
N THR D 330 -17.24 -13.90 23.69
CA THR D 330 -17.04 -14.14 22.27
C THR D 330 -15.95 -13.23 21.74
N PHE D 331 -15.04 -13.80 20.95
CA PHE D 331 -13.88 -13.08 20.44
C PHE D 331 -13.76 -13.26 18.94
N ARG D 332 -13.40 -12.19 18.26
CA ARG D 332 -13.26 -12.22 16.82
C ARG D 332 -11.91 -11.63 16.42
N PRO D 333 -11.24 -12.21 15.42
CA PRO D 333 -9.96 -11.65 14.97
C PRO D 333 -10.11 -10.24 14.43
N GLY D 334 -9.51 -9.27 15.14
CA GLY D 334 -9.70 -7.87 14.80
C GLY D 334 -8.45 -7.04 14.97
N GLY D 335 -8.50 -6.02 15.82
CA GLY D 335 -7.37 -5.15 16.02
C GLY D 335 -7.74 -3.68 15.96
N GLY D 336 -8.54 -3.32 14.97
CA GLY D 336 -9.03 -1.95 14.89
C GLY D 336 -8.01 -0.87 14.63
N ASN D 337 -6.72 -1.24 14.51
CA ASN D 337 -5.68 -0.25 14.31
C ASN D 337 -4.38 -0.95 14.00
N ILE D 338 -3.62 -0.41 13.04
CA ILE D 338 -2.35 -1.02 12.68
C ILE D 338 -1.26 -0.69 13.70
N LYS D 339 -1.44 0.37 14.48
CA LYS D 339 -0.48 0.74 15.52
C LYS D 339 -0.38 -0.32 16.60
N ASP D 340 -1.38 -1.19 16.76
CA ASP D 340 -1.27 -2.25 17.75
C ASP D 340 -0.17 -3.23 17.38
N ASN D 341 0.10 -3.40 16.09
CA ASN D 341 1.23 -4.22 15.66
C ASN D 341 2.52 -3.68 16.27
N TRP D 342 2.69 -2.37 16.28
CA TRP D 342 3.88 -1.78 16.88
C TRP D 342 3.83 -1.83 18.40
N ARG D 343 2.64 -1.71 18.99
CA ARG D 343 2.51 -1.85 20.43
C ARG D 343 2.99 -3.21 20.90
N SER D 344 2.71 -4.25 20.12
CA SER D 344 3.06 -5.61 20.51
C SER D 344 4.55 -5.81 20.66
N GLU D 345 5.37 -4.88 20.13
CA GLU D 345 6.81 -4.96 20.27
C GLU D 345 7.41 -3.80 21.04
N LEU D 346 6.68 -2.68 21.16
CA LEU D 346 7.16 -1.53 21.90
C LEU D 346 6.63 -1.49 23.33
N TYR D 347 5.96 -2.56 23.78
CA TYR D 347 5.38 -2.56 25.13
C TYR D 347 6.46 -2.44 26.20
N LYS D 348 7.69 -2.84 25.87
CA LYS D 348 8.81 -2.83 26.81
C LYS D 348 9.41 -1.45 27.02
N TYR D 349 9.20 -0.51 26.09
CA TYR D 349 9.99 0.71 26.06
C TYR D 349 9.13 1.93 26.40
N LYS D 350 9.80 2.99 26.84
CA LYS D 350 9.14 4.21 27.27
C LYS D 350 10.17 5.33 27.29
N VAL D 351 9.86 6.43 26.60
CA VAL D 351 10.79 7.56 26.49
C VAL D 351 10.71 8.42 27.74
N VAL D 352 11.88 8.83 28.24
CA VAL D 352 12.00 9.57 29.48
C VAL D 352 13.02 10.68 29.30
N GLN D 353 12.73 11.85 29.83
CA GLN D 353 13.65 12.98 29.82
C GLN D 353 14.45 13.02 31.11
N ILE D 354 15.76 13.20 31.00
CA ILE D 354 16.65 13.16 32.16
C ILE D 354 16.89 14.55 32.74
N GLU D 355 16.06 15.52 32.39
CA GLU D 355 16.21 16.87 32.95
C GLU D 355 15.30 17.05 34.17
N HIS E 1 -18.78 23.56 17.71
CA HIS E 1 -18.64 22.46 18.66
C HIS E 1 -18.85 21.11 17.97
N VAL E 2 -18.93 20.05 18.78
CA VAL E 2 -19.21 18.72 18.25
C VAL E 2 -20.71 18.58 18.02
N GLN E 3 -21.09 18.15 16.83
CA GLN E 3 -22.48 18.01 16.45
C GLN E 3 -22.71 16.66 15.79
N LEU E 4 -23.74 15.94 16.25
CA LEU E 4 -24.16 14.68 15.64
C LEU E 4 -25.64 14.80 15.25
N VAL E 5 -25.90 14.96 13.96
CA VAL E 5 -27.25 15.18 13.45
C VAL E 5 -27.69 13.93 12.70
N GLN E 6 -28.85 13.42 13.05
CA GLN E 6 -29.37 12.16 12.52
C GLN E 6 -30.48 12.41 11.51
N SER E 7 -30.74 11.39 10.69
CA SER E 7 -31.81 11.42 9.71
C SER E 7 -32.27 10.00 9.43
N GLY E 8 -33.52 9.87 8.99
CA GLY E 8 -34.00 8.59 8.46
C GLY E 8 -34.85 7.74 9.36
N GLY E 9 -35.77 8.34 10.11
CA GLY E 9 -36.69 7.56 10.91
C GLY E 9 -37.95 7.19 10.16
N GLY E 10 -39.09 7.24 10.84
CA GLY E 10 -40.39 7.11 10.21
C GLY E 10 -41.06 5.77 10.50
N VAL E 11 -42.17 5.56 9.80
CA VAL E 11 -43.00 4.37 9.94
C VAL E 11 -42.60 3.36 8.88
N LYS E 12 -42.29 2.13 9.31
CA LYS E 12 -41.91 1.05 8.41
C LYS E 12 -42.91 -0.09 8.51
N LYS E 13 -42.86 -0.98 7.52
CA LYS E 13 -43.72 -2.15 7.52
C LYS E 13 -42.98 -3.33 8.17
N ILE E 14 -43.76 -4.31 8.63
CA ILE E 14 -43.18 -5.52 9.20
C ILE E 14 -42.36 -6.24 8.15
N GLY E 15 -41.14 -6.62 8.52
CA GLY E 15 -40.26 -7.34 7.63
C GLY E 15 -39.39 -6.46 6.74
N ALA E 16 -39.55 -5.14 6.79
CA ALA E 16 -38.76 -4.24 5.97
C ALA E 16 -37.43 -3.95 6.68
N ALA E 17 -36.69 -2.96 6.18
CA ALA E 17 -35.44 -2.54 6.77
C ALA E 17 -35.42 -1.02 6.90
N VAL E 18 -34.67 -0.55 7.89
CA VAL E 18 -34.55 0.88 8.15
C VAL E 18 -33.07 1.25 8.09
N ARG E 19 -32.78 2.39 7.49
CA ARG E 19 -31.43 2.95 7.45
C ARG E 19 -31.45 4.30 8.14
N ILE E 20 -30.49 4.53 9.02
CA ILE E 20 -30.39 5.75 9.80
C ILE E 20 -29.01 6.33 9.59
N SER E 21 -28.94 7.64 9.42
CA SER E 21 -27.68 8.34 9.18
C SER E 21 -27.37 9.22 10.37
N CYS E 22 -26.08 9.38 10.65
CA CYS E 22 -25.59 10.24 11.73
C CYS E 22 -24.43 11.04 11.15
N GLU E 23 -24.69 12.31 10.80
CA GLU E 23 -23.67 13.17 10.22
C GLU E 23 -22.96 13.92 11.33
N VAL E 24 -21.63 13.82 11.36
CA VAL E 24 -20.86 14.39 12.46
C VAL E 24 -20.10 15.61 11.95
N SER E 25 -19.84 16.53 12.87
CA SER E 25 -19.04 17.71 12.58
C SER E 25 -18.40 18.20 13.88
N GLY E 26 -17.36 19.01 13.73
CA GLY E 26 -16.68 19.57 14.87
C GLY E 26 -15.46 18.81 15.33
N TYR E 27 -15.07 17.76 14.62
CA TYR E 27 -13.90 16.96 14.98
C TYR E 27 -13.58 16.05 13.80
N ASN E 28 -12.46 15.33 13.92
CA ASN E 28 -12.04 14.41 12.86
C ASN E 28 -12.83 13.12 12.96
N PHE E 29 -13.65 12.85 11.94
CA PHE E 29 -14.51 11.66 11.94
C PHE E 29 -13.72 10.37 12.05
N MET E 30 -12.45 10.34 11.59
CA MET E 30 -11.68 9.10 11.61
C MET E 30 -11.44 8.58 13.02
N ASP E 31 -11.32 9.47 13.99
CA ASP E 31 -11.26 9.05 15.38
C ASP E 31 -12.67 8.87 15.91
N GLN E 32 -12.77 8.59 17.22
CA GLN E 32 -14.05 8.51 17.91
C GLN E 32 -15.02 7.53 17.24
N PHE E 33 -14.99 6.27 17.69
CA PHE E 33 -15.97 5.26 17.24
C PHE E 33 -17.39 5.81 17.37
N ILE E 34 -18.30 5.36 16.51
CA ILE E 34 -19.70 5.77 16.58
C ILE E 34 -20.50 4.61 17.17
N ASN E 35 -21.20 4.86 18.26
CA ASN E 35 -22.07 3.88 18.89
C ASN E 35 -23.53 4.15 18.52
N TRP E 36 -24.34 3.10 18.54
CA TRP E 36 -25.78 3.20 18.31
C TRP E 36 -26.51 2.62 19.50
N VAL E 37 -27.45 3.40 20.05
CA VAL E 37 -28.23 3.04 21.22
C VAL E 37 -29.70 3.26 20.90
N ARG E 38 -30.53 2.26 21.16
CA ARG E 38 -31.97 2.37 20.92
C ARG E 38 -32.71 2.36 22.24
N GLN E 39 -33.93 2.92 22.23
CA GLN E 39 -34.72 3.06 23.45
C GLN E 39 -36.20 2.90 23.10
N ALA E 40 -36.76 1.73 23.43
CA ALA E 40 -38.19 1.51 23.24
C ALA E 40 -39.00 2.48 24.10
N PRO E 41 -40.27 2.71 23.75
CA PRO E 41 -41.08 3.68 24.50
C PRO E 41 -41.25 3.28 25.96
N GLY E 42 -40.76 4.13 26.86
CA GLY E 42 -40.83 3.86 28.27
C GLY E 42 -39.86 2.82 28.77
N GLN E 43 -38.96 2.32 27.93
CA GLN E 43 -37.94 1.37 28.34
C GLN E 43 -36.60 2.07 28.47
N GLY E 44 -35.60 1.31 28.90
CA GLY E 44 -34.27 1.85 29.10
C GLY E 44 -33.45 1.86 27.83
N LEU E 45 -32.27 2.44 27.94
CA LEU E 45 -31.33 2.48 26.83
C LEU E 45 -30.70 1.12 26.61
N GLU E 46 -30.43 0.80 25.34
CA GLU E 46 -29.82 -0.46 24.97
C GLU E 46 -28.77 -0.22 23.89
N TRP E 47 -27.58 -0.74 24.11
CA TRP E 47 -26.46 -0.56 23.19
C TRP E 47 -26.56 -1.59 22.08
N MET E 48 -26.66 -1.12 20.82
CA MET E 48 -26.69 -2.05 19.70
C MET E 48 -25.28 -2.44 19.26
N GLY E 49 -24.35 -1.50 19.28
CA GLY E 49 -22.99 -1.78 18.87
C GLY E 49 -22.24 -0.50 18.58
N TRP E 50 -20.94 -0.65 18.32
CA TRP E 50 -20.13 0.46 17.84
C TRP E 50 -19.49 0.11 16.51
N MET E 51 -18.93 1.13 15.88
CA MET E 51 -18.35 1.03 14.55
C MET E 51 -17.13 1.93 14.48
N ASN E 52 -15.98 1.36 14.11
CA ASN E 52 -14.76 2.15 13.96
C ASN E 52 -14.61 2.56 12.50
N PRO E 53 -14.55 3.85 12.17
CA PRO E 53 -14.54 4.24 10.75
C PRO E 53 -13.20 4.08 10.05
N ILE E 54 -12.13 3.73 10.77
CA ILE E 54 -10.83 3.57 10.11
C ILE E 54 -10.91 2.46 9.06
N TYR E 55 -11.38 1.28 9.45
CA TYR E 55 -11.62 0.19 8.49
C TYR E 55 -13.03 -0.36 8.57
N GLY E 56 -13.97 0.40 9.12
CA GLY E 56 -15.34 -0.09 9.21
C GLY E 56 -15.53 -1.22 10.20
N GLN E 57 -14.59 -1.44 11.12
CA GLN E 57 -14.73 -2.48 12.12
C GLN E 57 -15.98 -2.27 12.96
N VAL E 58 -16.62 -3.39 13.33
CA VAL E 58 -17.91 -3.36 14.00
C VAL E 58 -17.90 -4.29 15.20
N ASN E 59 -18.70 -3.93 16.21
CA ASN E 59 -18.88 -4.74 17.41
C ASN E 59 -20.35 -4.71 17.76
N TYR E 60 -21.06 -5.81 17.49
CA TYR E 60 -22.51 -5.88 17.65
C TYR E 60 -22.86 -6.66 18.91
N SER E 61 -23.85 -6.16 19.65
CA SER E 61 -24.45 -6.95 20.71
C SER E 61 -25.10 -8.19 20.13
N TRP E 62 -25.13 -9.26 20.92
CA TRP E 62 -25.62 -10.54 20.42
C TRP E 62 -27.04 -10.45 19.88
N ARG E 63 -27.90 -9.70 20.57
CA ARG E 63 -29.31 -9.69 20.18
C ARG E 63 -29.53 -9.08 18.81
N PHE E 64 -28.58 -8.28 18.33
CA PHE E 64 -28.70 -7.64 17.02
C PHE E 64 -27.77 -8.25 15.98
N GLN E 65 -27.03 -9.30 16.32
CA GLN E 65 -26.13 -9.93 15.35
C GLN E 65 -26.93 -10.62 14.26
N GLY E 66 -26.49 -10.44 13.01
CA GLY E 66 -27.24 -10.96 11.88
C GLY E 66 -28.41 -10.12 11.44
N ARG E 67 -28.66 -8.97 12.08
CA ARG E 67 -29.72 -8.05 11.69
C ARG E 67 -29.27 -6.61 11.52
N VAL E 68 -28.15 -6.19 12.11
CA VAL E 68 -27.69 -4.81 12.06
C VAL E 68 -26.42 -4.75 11.23
N THR E 69 -26.28 -3.68 10.47
CA THR E 69 -25.05 -3.40 9.74
C THR E 69 -24.68 -1.95 10.00
N MET E 70 -23.43 -1.72 10.42
CA MET E 70 -22.95 -0.37 10.71
C MET E 70 -21.84 -0.02 9.73
N THR E 71 -22.08 0.96 8.88
CA THR E 71 -21.14 1.41 7.86
C THR E 71 -20.91 2.91 8.02
N ARG E 72 -20.01 3.45 7.20
CA ARG E 72 -19.71 4.87 7.30
C ARG E 72 -19.40 5.41 5.91
N GLN E 73 -19.58 6.72 5.75
CA GLN E 73 -19.24 7.43 4.52
C GLN E 73 -18.19 8.47 4.87
N LEU E 74 -16.98 8.27 4.38
CA LEU E 74 -15.87 9.17 4.69
C LEU E 74 -15.81 10.30 3.67
N SER E 75 -15.21 11.41 4.08
CA SER E 75 -15.05 12.52 3.16
C SER E 75 -14.00 12.18 2.10
N GLN E 76 -14.24 12.67 0.89
CA GLN E 76 -13.28 12.55 -0.20
C GLN E 76 -12.65 13.87 -0.61
N ASP E 77 -13.37 14.97 -0.47
CA ASP E 77 -12.73 16.23 -0.89
C ASP E 77 -11.83 16.70 0.24
N PRO E 78 -10.70 17.37 -0.05
CA PRO E 78 -9.84 17.90 0.99
C PRO E 78 -10.27 19.26 1.52
N ASP E 79 -11.42 19.78 1.08
CA ASP E 79 -11.90 21.11 1.56
C ASP E 79 -12.47 21.00 2.98
N ASP E 80 -12.88 19.79 3.38
CA ASP E 80 -13.34 19.48 4.76
C ASP E 80 -13.15 17.98 4.92
N PRO E 81 -11.94 17.56 5.28
CA PRO E 81 -11.59 16.16 5.38
C PRO E 81 -11.94 15.56 6.73
N ASP E 82 -12.44 16.38 7.64
CA ASP E 82 -12.86 15.90 8.98
C ASP E 82 -14.30 15.41 8.90
N TRP E 83 -15.01 15.71 7.80
CA TRP E 83 -16.44 15.39 7.63
C TRP E 83 -16.63 13.88 7.48
N GLY E 84 -17.71 13.37 8.07
CA GLY E 84 -18.00 11.94 7.98
C GLY E 84 -19.44 11.69 8.35
N THR E 85 -19.97 10.57 7.89
CA THR E 85 -21.36 10.19 8.21
C THR E 85 -21.36 8.71 8.55
N ALA E 86 -22.04 8.34 9.63
CA ALA E 86 -22.20 6.95 10.02
C ALA E 86 -23.61 6.49 9.67
N PHE E 87 -23.74 5.21 9.34
CA PHE E 87 -25.02 4.64 8.97
C PHE E 87 -25.27 3.39 9.80
N MET E 88 -26.53 3.19 10.18
CA MET E 88 -27.00 1.99 10.85
C MET E 88 -28.21 1.48 10.10
N GLU E 89 -28.16 0.20 9.69
CA GLU E 89 -29.27 -0.42 8.99
C GLU E 89 -29.75 -1.61 9.82
N LEU E 90 -31.05 -1.68 10.04
CA LEU E 90 -31.65 -2.79 10.81
C LEU E 90 -32.64 -3.51 9.92
N ARG E 91 -32.41 -4.79 9.69
CA ARG E 91 -33.21 -5.65 8.79
C ARG E 91 -34.15 -6.54 9.58
N GLY E 92 -35.21 -6.99 8.91
CA GLY E 92 -36.24 -7.90 9.44
C GLY E 92 -37.01 -7.26 10.59
N LEU E 93 -37.45 -6.03 10.36
CA LEU E 93 -38.14 -5.16 11.34
C LEU E 93 -39.43 -5.79 11.85
N ARG E 94 -39.55 -5.79 13.16
CA ARG E 94 -40.75 -6.27 13.87
C ARG E 94 -41.24 -5.14 14.77
N VAL E 95 -42.45 -5.29 15.28
CA VAL E 95 -43.06 -4.23 16.10
C VAL E 95 -42.20 -3.93 17.32
N ASP E 96 -41.62 -4.97 17.95
CA ASP E 96 -40.80 -4.67 19.13
C ASP E 96 -39.45 -3.99 18.77
N ASP E 97 -39.23 -3.64 17.51
CA ASP E 97 -38.13 -2.76 17.13
C ASP E 97 -38.50 -1.29 17.25
N THR E 98 -39.80 -0.99 17.38
CA THR E 98 -40.25 0.39 17.52
C THR E 98 -39.55 1.06 18.69
N ALA E 99 -38.77 2.10 18.40
CA ALA E 99 -37.96 2.75 19.43
C ALA E 99 -37.38 4.04 18.85
N VAL E 100 -36.74 4.81 19.72
CA VAL E 100 -35.94 5.96 19.33
C VAL E 100 -34.48 5.51 19.25
N TYR E 101 -33.82 5.85 18.15
CA TYR E 101 -32.45 5.42 17.89
C TYR E 101 -31.49 6.60 17.94
N TYR E 102 -30.41 6.46 18.70
CA TYR E 102 -29.42 7.51 18.86
C TYR E 102 -28.06 7.06 18.33
N CYS E 103 -27.29 7.99 17.79
CA CYS E 103 -25.87 7.79 17.63
C CYS E 103 -25.14 8.54 18.74
N ALA E 104 -24.01 7.98 19.16
CA ALA E 104 -23.31 8.56 20.30
C ALA E 104 -21.82 8.33 20.14
N ARG E 105 -21.04 9.16 20.84
CA ARG E 105 -19.59 9.03 20.88
C ARG E 105 -19.10 9.46 22.25
N GLY E 106 -17.89 9.01 22.59
CA GLY E 106 -17.28 9.31 23.86
C GLY E 106 -16.39 10.53 23.85
N PRO E 107 -15.61 10.73 24.91
CA PRO E 107 -14.66 11.84 24.93
C PRO E 107 -13.50 11.59 23.98
N SER E 108 -12.76 12.66 23.68
CA SER E 108 -11.66 12.58 22.73
C SER E 108 -10.62 11.56 23.17
N GLY E 109 -10.46 10.50 22.38
CA GLY E 109 -9.51 9.43 22.66
C GLY E 109 -10.14 8.16 23.18
N GLU E 110 -11.39 8.21 23.65
CA GLU E 110 -12.04 7.05 24.26
C GLU E 110 -13.43 6.88 23.68
N ASN E 111 -13.98 5.68 23.84
CA ASN E 111 -15.32 5.39 23.35
C ASN E 111 -16.39 5.57 24.40
N TYR E 112 -16.06 5.36 25.69
CA TYR E 112 -16.96 5.46 26.82
C TYR E 112 -16.43 6.47 27.84
N PRO E 113 -17.33 7.20 28.54
CA PRO E 113 -18.79 7.16 28.45
C PRO E 113 -19.27 8.03 27.30
N PHE E 114 -20.55 7.93 26.92
CA PHE E 114 -21.07 8.65 25.76
C PHE E 114 -21.32 10.10 26.16
N HIS E 115 -20.32 10.95 25.91
CA HIS E 115 -20.46 12.37 26.20
C HIS E 115 -21.38 13.06 25.19
N TYR E 116 -21.28 12.69 23.92
CA TYR E 116 -22.02 13.35 22.85
C TYR E 116 -23.06 12.41 22.26
N TRP E 117 -24.24 12.93 21.98
CA TRP E 117 -25.36 12.16 21.50
C TRP E 117 -26.02 12.89 20.33
N GLY E 118 -26.62 12.12 19.44
CA GLY E 118 -27.45 12.69 18.41
C GLY E 118 -28.84 12.99 18.93
N GLN E 119 -29.63 13.70 18.11
CA GLN E 119 -30.98 14.07 18.53
C GLN E 119 -31.87 12.84 18.69
N GLY E 120 -31.55 11.75 18.00
CA GLY E 120 -32.41 10.58 17.98
C GLY E 120 -33.50 10.68 16.95
N VAL E 121 -33.87 9.55 16.34
CA VAL E 121 -34.96 9.49 15.37
C VAL E 121 -35.89 8.35 15.76
N ARG E 122 -37.18 8.58 15.61
CA ARG E 122 -38.19 7.60 16.00
C ARG E 122 -38.46 6.68 14.82
N VAL E 123 -38.51 5.38 15.10
CA VAL E 123 -38.82 4.36 14.10
C VAL E 123 -39.98 3.54 14.65
N VAL E 124 -41.04 3.44 13.87
CA VAL E 124 -42.24 2.70 14.25
C VAL E 124 -42.50 1.63 13.21
N VAL E 125 -42.43 0.37 13.63
CA VAL E 125 -42.69 -0.76 12.76
C VAL E 125 -44.12 -1.25 13.03
N SER E 126 -44.99 -1.10 12.02
CA SER E 126 -46.41 -1.40 12.19
C SER E 126 -46.92 -2.10 10.93
N SER E 127 -48.25 -2.12 10.80
CA SER E 127 -48.92 -2.91 9.79
C SER E 127 -48.64 -2.37 8.38
N PRO E 128 -48.55 -3.26 7.38
CA PRO E 128 -48.35 -2.80 6.00
C PRO E 128 -49.64 -2.36 5.31
N SER E 129 -50.80 -2.75 5.83
CA SER E 129 -52.07 -2.49 5.18
C SER E 129 -52.95 -1.63 6.09
N THR E 130 -53.73 -0.75 5.46
CA THR E 130 -54.77 -0.03 6.18
C THR E 130 -55.90 -0.99 6.54
N LYS E 131 -56.37 -0.92 7.78
CA LYS E 131 -57.43 -1.81 8.23
C LYS E 131 -58.42 -1.04 9.09
N GLY E 132 -59.70 -1.36 8.94
CA GLY E 132 -60.74 -0.74 9.71
C GLY E 132 -60.90 -1.42 11.06
N PRO E 133 -61.33 -0.66 12.06
CA PRO E 133 -61.43 -1.20 13.41
C PRO E 133 -62.69 -2.03 13.61
N SER E 134 -62.62 -2.92 14.60
CA SER E 134 -63.77 -3.59 15.16
C SER E 134 -64.15 -2.88 16.46
N VAL E 135 -65.44 -2.63 16.65
CA VAL E 135 -65.93 -1.89 17.81
C VAL E 135 -66.82 -2.81 18.63
N PHE E 136 -66.48 -2.98 19.91
CA PHE E 136 -67.25 -3.83 20.81
C PHE E 136 -67.68 -3.04 22.03
N PRO E 137 -68.84 -3.33 22.58
CA PRO E 137 -69.26 -2.66 23.82
C PRO E 137 -68.55 -3.24 25.02
N LEU E 138 -68.39 -2.41 26.04
CA LEU E 138 -67.89 -2.82 27.35
C LEU E 138 -68.98 -2.44 28.36
N ALA E 139 -69.80 -3.43 28.71
CA ALA E 139 -71.01 -3.22 29.51
C ALA E 139 -70.68 -2.96 30.98
N PRO E 140 -71.52 -2.21 31.67
CA PRO E 140 -71.32 -2.01 33.11
C PRO E 140 -71.56 -3.31 33.87
N SER E 141 -70.95 -3.38 35.05
CA SER E 141 -71.08 -4.56 35.90
C SER E 141 -72.44 -4.55 36.59
N GLY E 148 -72.29 5.56 43.75
CA GLY E 148 -73.18 5.01 42.75
C GLY E 148 -72.77 5.38 41.34
N THR E 149 -71.57 4.93 40.94
CA THR E 149 -71.02 5.20 39.63
C THR E 149 -70.71 3.90 38.92
N ALA E 150 -71.02 3.85 37.63
CA ALA E 150 -70.75 2.70 36.78
C ALA E 150 -69.83 3.11 35.64
N ALA E 151 -69.02 2.17 35.18
CA ALA E 151 -68.09 2.39 34.08
C ALA E 151 -68.52 1.55 32.88
N LEU E 152 -68.84 2.21 31.77
CA LEU E 152 -69.12 1.56 30.51
C LEU E 152 -68.32 2.23 29.41
N GLY E 153 -68.02 1.47 28.36
CA GLY E 153 -67.25 2.05 27.28
C GLY E 153 -67.31 1.23 26.03
N CYS E 154 -66.36 1.51 25.14
CA CYS E 154 -66.25 0.81 23.87
C CYS E 154 -64.79 0.47 23.60
N LEU E 155 -64.59 -0.72 23.04
CA LEU E 155 -63.26 -1.20 22.66
C LEU E 155 -63.10 -1.09 21.15
N VAL E 156 -62.08 -0.33 20.73
CA VAL E 156 -61.75 -0.18 19.31
C VAL E 156 -60.51 -1.01 19.04
N LYS E 157 -60.66 -2.04 18.20
CA LYS E 157 -59.66 -3.09 18.07
C LYS E 157 -59.17 -3.21 16.64
N ASP E 158 -57.85 -3.36 16.49
CA ASP E 158 -57.21 -3.78 15.23
C ASP E 158 -57.53 -2.82 14.09
N TYR E 159 -56.98 -1.61 14.20
CA TYR E 159 -57.11 -0.60 13.16
C TYR E 159 -55.74 -0.05 12.79
N PHE E 160 -55.62 0.38 11.54
CA PHE E 160 -54.40 1.00 11.08
C PHE E 160 -54.73 1.92 9.92
N PRO E 161 -54.13 3.12 9.86
CA PRO E 161 -53.23 3.71 10.86
C PRO E 161 -53.98 4.54 11.89
N GLU E 162 -53.27 5.27 12.74
CA GLU E 162 -53.90 6.27 13.58
C GLU E 162 -54.32 7.47 12.73
N PRO E 163 -55.26 8.31 13.21
CA PRO E 163 -55.97 8.24 14.49
C PRO E 163 -57.38 7.69 14.41
N VAL E 164 -58.01 7.54 15.57
CA VAL E 164 -59.42 7.19 15.70
C VAL E 164 -60.07 8.23 16.60
N THR E 165 -61.23 8.72 16.19
CA THR E 165 -61.99 9.69 16.99
C THR E 165 -63.18 8.97 17.62
N VAL E 166 -63.36 9.20 18.91
CA VAL E 166 -64.45 8.59 19.68
C VAL E 166 -65.25 9.69 20.33
N SER E 167 -66.57 9.66 20.13
CA SER E 167 -67.51 10.54 20.81
C SER E 167 -68.60 9.70 21.46
N TRP E 168 -69.28 10.29 22.43
CA TRP E 168 -70.33 9.61 23.18
C TRP E 168 -71.67 10.28 22.92
N ASN E 169 -72.68 9.45 22.63
CA ASN E 169 -73.99 9.87 22.15
C ASN E 169 -73.86 10.59 20.81
N SER E 170 -73.73 11.90 20.82
CA SER E 170 -73.40 12.66 19.62
C SER E 170 -72.57 13.88 20.00
N GLY E 171 -71.66 13.69 20.96
CA GLY E 171 -70.95 14.81 21.53
C GLY E 171 -71.66 15.47 22.69
N ALA E 172 -72.86 14.97 23.07
CA ALA E 172 -73.61 15.49 24.21
C ALA E 172 -73.03 15.04 25.54
N LEU E 173 -72.40 13.88 25.55
CA LEU E 173 -71.81 13.30 26.76
C LEU E 173 -70.32 13.58 26.71
N THR E 174 -69.87 14.56 27.49
CA THR E 174 -68.46 14.90 27.59
C THR E 174 -67.95 14.85 29.02
N SER E 175 -68.79 14.51 29.98
CA SER E 175 -68.43 14.50 31.39
C SER E 175 -67.98 13.10 31.80
N GLY E 176 -66.84 13.02 32.48
CA GLY E 176 -66.32 11.74 32.91
C GLY E 176 -65.89 10.83 31.78
N VAL E 177 -65.54 11.37 30.62
CA VAL E 177 -65.12 10.60 29.46
C VAL E 177 -63.60 10.55 29.44
N HIS E 178 -63.04 9.34 29.38
CA HIS E 178 -61.60 9.14 29.26
C HIS E 178 -61.34 8.21 28.07
N THR E 179 -60.77 8.76 27.01
CA THR E 179 -60.32 7.99 25.87
C THR E 179 -58.81 7.81 26.00
N PHE E 180 -58.37 6.57 26.08
CA PHE E 180 -56.99 6.24 26.40
C PHE E 180 -56.12 6.23 25.15
N PRO E 181 -54.81 6.47 25.31
CA PRO E 181 -53.90 6.35 24.17
C PRO E 181 -53.84 4.91 23.69
N ALA E 182 -53.58 4.74 22.39
CA ALA E 182 -53.68 3.43 21.78
C ALA E 182 -52.47 2.56 22.13
N VAL E 183 -52.65 1.26 21.94
CA VAL E 183 -51.58 0.26 22.05
C VAL E 183 -51.21 -0.19 20.65
N LEU E 184 -49.92 -0.22 20.35
CA LEU E 184 -49.44 -0.85 19.12
C LEU E 184 -49.17 -2.32 19.42
N GLN E 185 -49.85 -3.20 18.70
CA GLN E 185 -49.82 -4.62 19.00
C GLN E 185 -48.76 -5.33 18.16
N SER E 186 -48.57 -6.63 18.43
CA SER E 186 -47.56 -7.41 17.70
C SER E 186 -47.88 -7.50 16.22
N SER E 187 -49.17 -7.46 15.86
CA SER E 187 -49.58 -7.50 14.47
C SER E 187 -49.33 -6.20 13.74
N GLY E 188 -48.83 -5.16 14.42
CA GLY E 188 -48.72 -3.84 13.82
C GLY E 188 -50.02 -3.06 13.81
N LEU E 189 -51.10 -3.61 14.38
CA LEU E 189 -52.38 -2.95 14.43
C LEU E 189 -52.55 -2.21 15.76
N TYR E 190 -53.25 -1.08 15.70
CA TYR E 190 -53.51 -0.28 16.88
C TYR E 190 -54.83 -0.69 17.51
N SER E 191 -54.95 -0.44 18.81
CA SER E 191 -56.16 -0.66 19.58
C SER E 191 -56.26 0.39 20.66
N LEU E 192 -57.49 0.81 20.97
CA LEU E 192 -57.71 1.74 22.07
C LEU E 192 -59.08 1.49 22.65
N SER E 193 -59.30 2.05 23.84
CA SER E 193 -60.57 1.95 24.54
C SER E 193 -60.97 3.31 25.08
N SER E 194 -62.28 3.57 25.08
CA SER E 194 -62.85 4.78 25.64
C SER E 194 -63.89 4.39 26.69
N VAL E 195 -63.85 5.06 27.83
CA VAL E 195 -64.76 4.79 28.93
C VAL E 195 -65.39 6.09 29.39
N VAL E 196 -66.59 5.98 29.95
CA VAL E 196 -67.27 7.11 30.57
C VAL E 196 -67.93 6.64 31.85
N THR E 197 -67.68 7.37 32.94
CA THR E 197 -68.28 7.06 34.22
C THR E 197 -69.59 7.81 34.36
N VAL E 198 -70.68 7.07 34.45
CA VAL E 198 -72.03 7.64 34.55
C VAL E 198 -72.64 7.14 35.84
N PRO E 199 -73.66 7.82 36.36
CA PRO E 199 -74.35 7.32 37.56
C PRO E 199 -74.97 5.95 37.32
N SER E 200 -74.90 5.10 38.35
CA SER E 200 -75.41 3.74 38.21
C SER E 200 -76.93 3.70 38.15
N SER E 201 -77.60 4.78 38.52
CA SER E 201 -79.05 4.84 38.47
C SER E 201 -79.58 5.07 37.06
N SER E 202 -78.86 5.83 36.24
CA SER E 202 -79.30 6.14 34.89
C SER E 202 -79.25 4.94 33.94
N LEU E 203 -78.61 3.84 34.34
CA LEU E 203 -78.62 2.63 33.52
C LEU E 203 -80.04 2.09 33.45
N GLY E 204 -80.52 1.85 32.23
CA GLY E 204 -81.91 1.50 32.01
C GLY E 204 -82.81 2.68 31.71
N THR E 205 -82.35 3.90 31.95
CA THR E 205 -83.09 5.12 31.66
C THR E 205 -82.46 5.94 30.54
N GLN E 206 -81.14 6.12 30.56
CA GLN E 206 -80.41 6.88 29.57
C GLN E 206 -79.63 5.92 28.67
N THR E 207 -79.76 6.10 27.36
CA THR E 207 -79.00 5.29 26.42
C THR E 207 -77.60 5.87 26.24
N TYR E 208 -76.64 4.97 26.01
CA TYR E 208 -75.26 5.34 25.80
C TYR E 208 -74.74 4.66 24.53
N ILE E 209 -74.19 5.46 23.62
CA ILE E 209 -73.73 4.99 22.32
C ILE E 209 -72.36 5.59 22.07
N CYS E 210 -71.41 4.77 21.61
CA CYS E 210 -70.11 5.27 21.20
C CYS E 210 -70.09 5.45 19.69
N ASN E 211 -69.62 6.62 19.24
CA ASN E 211 -69.47 6.92 17.82
C ASN E 211 -67.98 6.87 17.51
N VAL E 212 -67.58 5.92 16.69
CA VAL E 212 -66.17 5.72 16.33
C VAL E 212 -66.00 6.10 14.87
N ASN E 213 -65.04 6.96 14.60
CA ASN E 213 -64.72 7.38 13.24
C ASN E 213 -63.26 7.06 12.97
N HIS E 214 -63.01 6.29 11.92
CA HIS E 214 -61.67 5.98 11.46
C HIS E 214 -61.59 6.45 9.99
N LYS E 215 -61.03 7.65 9.78
CA LYS E 215 -61.06 8.24 8.45
C LYS E 215 -60.31 7.46 7.38
N PRO E 216 -59.09 6.94 7.63
CA PRO E 216 -58.34 6.32 6.52
C PRO E 216 -59.02 5.10 5.91
N SER E 217 -59.91 4.44 6.64
CA SER E 217 -60.74 3.38 6.07
C SER E 217 -62.18 3.81 5.91
N ASN E 218 -62.50 5.08 6.22
CA ASN E 218 -63.85 5.62 6.14
C ASN E 218 -64.84 4.73 6.90
N THR E 219 -64.50 4.40 8.14
CA THR E 219 -65.34 3.58 9.00
C THR E 219 -66.07 4.48 9.99
N LYS E 220 -67.40 4.49 9.90
CA LYS E 220 -68.26 5.25 10.81
C LYS E 220 -69.15 4.24 11.54
N VAL E 221 -68.84 3.97 12.80
CA VAL E 221 -69.55 2.96 13.57
C VAL E 221 -70.21 3.61 14.77
N ASP E 222 -71.44 3.19 15.05
CA ASP E 222 -72.22 3.67 16.18
C ASP E 222 -72.73 2.45 16.95
N LYS E 223 -72.12 2.16 18.10
CA LYS E 223 -72.45 0.98 18.87
C LYS E 223 -73.04 1.39 20.22
N ARG E 224 -74.24 0.91 20.50
CA ARG E 224 -74.85 1.16 21.79
C ARG E 224 -74.33 0.18 22.83
N VAL E 225 -74.14 0.66 24.05
CA VAL E 225 -73.65 -0.18 25.14
C VAL E 225 -74.80 -0.39 26.11
N GLU E 226 -75.12 -1.67 26.36
CA GLU E 226 -76.24 -2.00 27.24
C GLU E 226 -75.73 -2.80 28.44
N PRO E 227 -76.37 -2.65 29.60
CA PRO E 227 -76.09 -3.58 30.70
C PRO E 227 -76.58 -4.97 30.35
N LYS E 228 -75.90 -5.97 30.90
CA LYS E 228 -76.29 -7.36 30.69
C LYS E 228 -77.41 -7.74 31.66
N SER E 229 -78.19 -8.74 31.27
CA SER E 229 -79.22 -9.26 32.16
C SER E 229 -78.57 -9.90 33.40
N CYS E 230 -77.52 -10.69 33.18
CA CYS E 230 -76.68 -11.23 34.26
C CYS E 230 -75.45 -11.88 33.65
N LEU F 1 -26.70 -3.45 35.19
CA LEU F 1 -27.06 -2.53 36.26
C LEU F 1 -28.49 -2.79 36.73
N THR F 2 -28.78 -2.43 37.97
CA THR F 2 -30.12 -2.58 38.54
C THR F 2 -30.48 -1.31 39.30
N GLN F 3 -31.61 -0.71 38.94
CA GLN F 3 -32.13 0.52 39.52
C GLN F 3 -33.58 0.32 39.90
N PRO F 4 -34.08 1.09 40.86
CA PRO F 4 -35.52 1.12 41.11
C PRO F 4 -36.27 1.74 39.95
N ALA F 5 -37.54 1.36 39.81
CA ALA F 5 -38.35 1.86 38.71
C ALA F 5 -38.56 3.37 38.83
N SER F 6 -38.80 3.87 40.05
CA SER F 6 -39.12 5.27 40.23
C SER F 6 -38.63 5.75 41.59
N MET F 7 -38.93 7.00 41.89
CA MET F 7 -38.53 7.67 43.12
C MET F 7 -39.23 9.03 43.19
N SER F 8 -39.67 9.40 44.39
CA SER F 8 -40.39 10.63 44.63
C SER F 8 -39.63 11.52 45.60
N ALA F 9 -39.88 12.82 45.52
CA ALA F 9 -39.28 13.79 46.42
C ALA F 9 -40.08 15.08 46.38
N SER F 10 -39.93 15.87 47.44
CA SER F 10 -40.50 17.20 47.52
C SER F 10 -39.41 18.25 47.36
N PRO F 11 -39.76 19.46 46.90
CA PRO F 11 -38.75 20.51 46.73
C PRO F 11 -38.00 20.77 48.03
N GLY F 12 -36.68 20.95 47.92
CA GLY F 12 -35.82 21.17 49.05
C GLY F 12 -35.24 19.91 49.67
N GLN F 13 -35.77 18.74 49.34
CA GLN F 13 -35.26 17.49 49.90
C GLN F 13 -34.02 17.03 49.14
N SER F 14 -33.51 15.86 49.53
CA SER F 14 -32.34 15.26 48.90
C SER F 14 -32.61 13.79 48.66
N VAL F 15 -32.66 13.39 47.39
CA VAL F 15 -32.88 11.99 47.03
C VAL F 15 -31.54 11.35 46.67
N THR F 16 -31.53 10.02 46.74
CA THR F 16 -30.37 9.20 46.41
C THR F 16 -30.79 8.08 45.48
N ILE F 17 -30.24 8.08 44.28
CA ILE F 17 -30.45 7.01 43.32
C ILE F 17 -29.33 5.99 43.48
N SER F 18 -29.69 4.74 43.72
CA SER F 18 -28.71 3.67 43.89
C SER F 18 -28.77 2.70 42.73
N CYS F 19 -27.60 2.30 42.26
CA CYS F 19 -27.47 1.44 41.09
C CYS F 19 -26.58 0.27 41.45
N SER F 20 -27.13 -0.95 41.36
CA SER F 20 -26.40 -2.16 41.70
C SER F 20 -25.51 -2.59 40.53
N GLY F 21 -24.97 -3.80 40.61
CA GLY F 21 -24.09 -4.32 39.57
C GLY F 21 -22.79 -3.54 39.47
N THR F 22 -22.54 -2.94 38.31
CA THR F 22 -21.44 -2.00 38.12
C THR F 22 -20.08 -2.71 38.11
N ARG F 23 -19.95 -3.81 38.84
CA ARG F 23 -18.77 -4.68 38.81
C ARG F 23 -17.47 -3.89 38.98
N HIS F 24 -17.53 -2.77 39.69
CA HIS F 24 -16.36 -1.95 40.02
C HIS F 24 -15.69 -1.34 38.79
N ILE F 25 -16.44 -1.12 37.70
CA ILE F 25 -15.79 -0.76 36.44
C ILE F 25 -15.99 0.72 36.08
N ILE F 26 -16.22 1.57 37.08
CA ILE F 26 -16.31 3.03 36.91
C ILE F 26 -17.58 3.39 36.15
N SER F 27 -18.40 4.23 36.75
CA SER F 27 -19.76 4.50 36.26
C SER F 27 -19.90 5.93 35.76
N ALA F 28 -20.96 6.14 34.99
CA ALA F 28 -21.37 7.47 34.54
C ALA F 28 -22.87 7.60 34.78
N TRP F 29 -23.36 8.84 34.80
CA TRP F 29 -24.76 9.10 35.07
C TRP F 29 -25.36 9.99 33.98
N PHE F 30 -26.60 9.67 33.59
CA PHE F 30 -27.31 10.37 32.54
C PHE F 30 -28.64 10.89 33.07
N GLN F 31 -28.99 12.11 32.68
CA GLN F 31 -30.30 12.70 32.95
C GLN F 31 -31.04 12.82 31.63
N GLN F 32 -32.28 12.33 31.59
CA GLN F 32 -33.07 12.31 30.36
C GLN F 32 -34.46 12.87 30.63
N TYR F 33 -34.85 13.91 29.89
CA TYR F 33 -36.21 14.41 29.92
C TYR F 33 -37.07 13.64 28.94
N PRO F 34 -38.39 13.61 29.16
CA PRO F 34 -39.26 12.88 28.22
C PRO F 34 -39.13 13.41 26.81
N GLY F 35 -38.99 12.49 25.85
CA GLY F 35 -38.89 12.88 24.45
C GLY F 35 -37.63 13.67 24.10
N LYS F 36 -36.55 13.45 24.84
CA LYS F 36 -35.29 14.15 24.60
C LYS F 36 -34.13 13.18 24.76
N PRO F 37 -33.00 13.45 24.12
CA PRO F 37 -31.84 12.57 24.23
C PRO F 37 -31.23 12.64 25.62
N PRO F 38 -30.55 11.58 26.06
CA PRO F 38 -29.88 11.64 27.36
C PRO F 38 -28.75 12.64 27.35
N LYS F 39 -28.48 13.19 28.53
CA LYS F 39 -27.35 14.10 28.74
C LYS F 39 -26.49 13.55 29.87
N LEU F 40 -25.18 13.51 29.64
CA LEU F 40 -24.23 13.09 30.68
C LEU F 40 -24.14 14.13 31.77
N ILE F 41 -24.28 13.70 33.02
CA ILE F 41 -24.14 14.58 34.17
C ILE F 41 -23.04 14.15 35.13
N ILE F 42 -22.60 12.89 35.09
CA ILE F 42 -21.51 12.40 35.92
C ILE F 42 -20.62 11.52 35.07
N PHE F 43 -19.30 11.71 35.20
CA PHE F 43 -18.32 10.86 34.55
C PHE F 43 -17.12 10.69 35.49
N ASP F 44 -16.42 9.58 35.34
CA ASP F 44 -15.32 9.23 36.25
C ASP F 44 -15.81 9.13 37.69
N ASP F 45 -17.04 8.64 37.87
CA ASP F 45 -17.64 8.31 39.16
C ASP F 45 -18.11 9.53 39.97
N ASP F 46 -17.48 10.69 39.80
CA ASP F 46 -17.87 11.83 40.63
C ASP F 46 -17.76 13.19 39.97
N LYS F 47 -17.35 13.22 38.71
CA LYS F 47 -17.11 14.52 38.03
C LYS F 47 -18.32 14.99 37.24
N ARG F 48 -18.57 16.31 37.27
CA ARG F 48 -19.67 16.93 36.56
C ARG F 48 -19.15 17.73 35.39
N PRO F 49 -19.74 17.55 34.21
CA PRO F 49 -19.44 18.45 33.09
C PRO F 49 -19.96 19.86 33.39
N SER F 50 -19.39 20.82 32.67
CA SER F 50 -19.82 22.21 32.80
C SER F 50 -21.28 22.35 32.43
N GLY F 51 -22.02 23.11 33.24
CA GLY F 51 -23.44 23.32 33.02
C GLY F 51 -24.36 22.46 33.85
N VAL F 52 -23.81 21.60 34.71
CA VAL F 52 -24.60 20.74 35.57
C VAL F 52 -24.60 21.34 36.98
N PRO F 53 -25.74 21.45 37.65
CA PRO F 53 -25.77 22.12 38.95
C PRO F 53 -24.94 21.39 40.00
N SER F 54 -24.38 22.16 40.93
CA SER F 54 -23.57 21.60 42.00
C SER F 54 -24.37 20.67 42.90
N ARG F 55 -25.69 20.71 42.80
CA ARG F 55 -26.55 19.91 43.66
C ARG F 55 -26.56 18.44 43.26
N PHE F 56 -25.94 18.10 42.14
CA PHE F 56 -25.80 16.71 41.70
C PHE F 56 -24.40 16.22 42.07
N SER F 57 -24.34 15.13 42.83
CA SER F 57 -23.06 14.51 43.15
C SER F 57 -23.19 13.00 43.04
N ALA F 58 -22.05 12.32 42.98
CA ALA F 58 -22.07 10.88 42.78
C ALA F 58 -20.88 10.25 43.48
N SER F 59 -21.03 8.96 43.83
CA SER F 59 -19.97 8.20 44.47
C SER F 59 -20.13 6.72 44.13
N ARG F 60 -19.01 6.05 43.91
CA ARG F 60 -18.99 4.63 43.59
C ARG F 60 -17.95 3.95 44.48
N PRO F 61 -18.33 3.57 45.70
CA PRO F 61 -17.39 2.86 46.56
C PRO F 61 -17.14 1.45 46.05
N GLY F 62 -18.21 0.71 45.77
CA GLY F 62 -18.05 -0.62 45.22
C GLY F 62 -19.08 -1.02 44.20
N ASP F 63 -19.81 -2.10 44.49
CA ASP F 63 -20.79 -2.61 43.54
C ASP F 63 -21.93 -1.64 43.33
N THR F 64 -22.22 -0.80 44.32
CA THR F 64 -23.36 0.11 44.26
C THR F 64 -22.85 1.53 44.04
N ALA F 65 -23.22 2.10 42.89
CA ALA F 65 -23.00 3.51 42.61
C ALA F 65 -24.22 4.32 43.05
N SER F 66 -23.97 5.57 43.46
CA SER F 66 -25.02 6.39 44.02
C SER F 66 -24.93 7.82 43.50
N LEU F 67 -26.05 8.31 42.99
CA LEU F 67 -26.21 9.70 42.58
C LEU F 67 -27.12 10.39 43.60
N THR F 68 -26.62 11.45 44.21
CA THR F 68 -27.35 12.21 45.22
C THR F 68 -27.70 13.59 44.68
N ILE F 69 -28.98 13.92 44.67
CA ILE F 69 -29.48 15.23 44.28
C ILE F 69 -29.99 15.92 45.53
N SER F 70 -29.33 17.01 45.92
CA SER F 70 -29.70 17.77 47.11
C SER F 70 -30.42 19.05 46.72
N ASN F 71 -31.36 19.46 47.57
CA ASN F 71 -32.19 20.64 47.33
C ASN F 71 -32.85 20.55 45.96
N VAL F 72 -33.68 19.52 45.79
CA VAL F 72 -34.21 19.21 44.47
C VAL F 72 -35.17 20.32 44.03
N GLN F 73 -35.14 20.62 42.74
CA GLN F 73 -35.99 21.60 42.10
C GLN F 73 -36.95 20.90 41.15
N PRO F 74 -38.06 21.54 40.78
CA PRO F 74 -38.96 20.91 39.79
C PRO F 74 -38.26 20.52 38.50
N GLU F 75 -37.22 21.25 38.09
CA GLU F 75 -36.50 20.92 36.87
C GLU F 75 -35.83 19.56 36.96
N ASP F 76 -35.70 18.99 38.16
CA ASP F 76 -35.07 17.70 38.36
C ASP F 76 -35.98 16.53 38.01
N GLU F 77 -37.27 16.78 37.81
CA GLU F 77 -38.19 15.71 37.42
C GLU F 77 -37.77 15.17 36.06
N ALA F 78 -37.13 13.99 36.07
CA ALA F 78 -36.56 13.37 34.88
C ALA F 78 -36.16 11.95 35.26
N THR F 79 -35.65 11.23 34.26
CA THR F 79 -35.14 9.87 34.45
C THR F 79 -33.61 9.92 34.55
N TYR F 80 -33.07 9.26 35.56
CA TYR F 80 -31.64 9.24 35.83
C TYR F 80 -31.13 7.82 35.66
N ILE F 81 -30.04 7.65 34.90
CA ILE F 81 -29.59 6.34 34.44
C ILE F 81 -28.12 6.16 34.78
N CYS F 82 -27.78 5.03 35.38
CA CYS F 82 -26.39 4.67 35.60
C CYS F 82 -25.87 3.87 34.41
N ASN F 83 -24.59 4.05 34.11
CA ASN F 83 -23.99 3.51 32.90
C ASN F 83 -22.61 2.97 33.19
N THR F 84 -22.32 1.78 32.69
CA THR F 84 -20.99 1.18 32.78
C THR F 84 -20.62 0.64 31.40
N TYR F 85 -19.70 1.34 30.72
CA TYR F 85 -19.35 1.04 29.34
C TYR F 85 -20.60 1.04 28.46
N GLU F 86 -21.00 -0.13 27.95
CA GLU F 86 -22.16 -0.21 27.08
C GLU F 86 -23.45 -0.54 27.81
N PHE F 87 -23.38 -0.80 29.11
CA PHE F 87 -24.55 -1.22 29.87
C PHE F 87 -25.20 -0.03 30.56
N PHE F 88 -26.53 0.03 30.52
CA PHE F 88 -27.31 1.08 31.15
C PHE F 88 -28.34 0.45 32.09
N GLY F 89 -28.54 1.10 33.23
CA GLY F 89 -29.61 0.70 34.12
C GLY F 89 -30.98 0.96 33.50
N GLY F 90 -32.01 0.47 34.17
CA GLY F 90 -33.36 0.66 33.69
C GLY F 90 -33.83 2.10 33.72
N GLY F 91 -33.17 2.95 34.51
CA GLY F 91 -33.59 4.32 34.67
C GLY F 91 -34.56 4.52 35.82
N THR F 92 -34.27 5.52 36.66
CA THR F 92 -35.13 5.90 37.78
C THR F 92 -35.87 7.17 37.43
N LYS F 93 -37.20 7.10 37.43
CA LYS F 93 -38.04 8.27 37.15
C LYS F 93 -38.20 9.05 38.45
N LEU F 94 -37.41 10.12 38.61
CA LEU F 94 -37.53 11.01 39.76
C LEU F 94 -38.66 11.99 39.52
N THR F 95 -39.72 11.92 40.32
CA THR F 95 -40.81 12.87 40.26
C THR F 95 -40.67 13.86 41.41
N VAL F 96 -40.63 15.15 41.07
CA VAL F 96 -40.69 16.20 42.09
C VAL F 96 -42.16 16.52 42.34
N LEU F 97 -42.65 16.11 43.50
CA LEU F 97 -44.08 16.17 43.79
C LEU F 97 -44.58 17.62 43.79
N SER F 98 -45.64 17.86 43.01
CA SER F 98 -46.34 19.13 43.02
C SER F 98 -47.80 19.00 43.41
N GLN F 99 -48.25 17.79 43.74
CA GLN F 99 -49.60 17.53 44.20
C GLN F 99 -49.58 16.25 45.03
N PRO F 100 -50.55 16.05 45.92
CA PRO F 100 -50.56 14.82 46.71
C PRO F 100 -50.64 13.57 45.85
N LYS F 101 -49.99 12.51 46.33
CA LYS F 101 -50.04 11.22 45.65
C LYS F 101 -51.48 10.73 45.54
N ALA F 102 -51.81 10.19 44.38
CA ALA F 102 -53.16 9.71 44.08
C ALA F 102 -53.08 8.25 43.68
N ALA F 103 -53.89 7.43 44.33
CA ALA F 103 -53.92 6.01 44.02
C ALA F 103 -54.50 5.77 42.63
N PRO F 104 -54.03 4.74 41.94
CA PRO F 104 -54.60 4.39 40.64
C PRO F 104 -56.00 3.81 40.76
N SER F 105 -56.89 4.25 39.89
CA SER F 105 -58.21 3.66 39.71
C SER F 105 -58.14 2.63 38.60
N VAL F 106 -58.67 1.43 38.87
CA VAL F 106 -58.54 0.28 37.99
C VAL F 106 -59.93 -0.18 37.58
N THR F 107 -60.09 -0.48 36.29
CA THR F 107 -61.34 -1.00 35.74
C THR F 107 -61.00 -2.12 34.78
N LEU F 108 -61.63 -3.27 34.96
CA LEU F 108 -61.39 -4.42 34.09
C LEU F 108 -62.67 -4.78 33.36
N PHE F 109 -62.55 -5.06 32.06
CA PHE F 109 -63.69 -5.46 31.27
C PHE F 109 -63.43 -6.82 30.65
N PRO F 110 -64.35 -7.77 30.79
CA PRO F 110 -64.20 -9.07 30.13
C PRO F 110 -64.51 -8.96 28.65
N PRO F 111 -64.32 -10.03 27.87
CA PRO F 111 -64.66 -9.95 26.45
C PRO F 111 -66.16 -9.84 26.25
N SER F 112 -66.56 -8.94 25.35
CA SER F 112 -67.97 -8.73 25.09
C SER F 112 -68.57 -9.95 24.42
N SER F 113 -69.91 -10.04 24.48
CA SER F 113 -70.60 -11.18 23.89
C SER F 113 -70.40 -11.24 22.38
N GLU F 114 -70.50 -10.09 21.71
CA GLU F 114 -70.31 -10.08 20.25
C GLU F 114 -68.86 -10.36 19.89
N GLU F 115 -67.93 -9.86 20.71
CA GLU F 115 -66.51 -10.17 20.49
C GLU F 115 -66.24 -11.67 20.65
N LEU F 116 -66.79 -12.28 21.72
CA LEU F 116 -66.63 -13.71 21.91
C LEU F 116 -67.29 -14.51 20.79
N GLN F 117 -68.48 -14.07 20.37
CA GLN F 117 -69.15 -14.72 19.25
C GLN F 117 -68.38 -14.56 17.95
N ALA F 118 -67.51 -13.55 17.85
CA ALA F 118 -66.59 -13.41 16.74
C ALA F 118 -65.32 -14.24 16.91
N ASN F 119 -65.34 -15.19 17.84
CA ASN F 119 -64.23 -16.13 18.07
C ASN F 119 -62.95 -15.39 18.46
N LYS F 120 -63.09 -14.35 19.27
CA LYS F 120 -61.95 -13.67 19.88
C LYS F 120 -62.34 -13.24 21.29
N ALA F 121 -61.33 -13.00 22.11
CA ALA F 121 -61.56 -12.54 23.48
C ALA F 121 -60.44 -11.60 23.89
N THR F 122 -60.80 -10.43 24.41
CA THR F 122 -59.83 -9.49 24.94
C THR F 122 -60.27 -9.05 26.33
N LEU F 123 -59.34 -9.05 27.27
CA LEU F 123 -59.55 -8.45 28.58
C LEU F 123 -58.89 -7.08 28.59
N VAL F 124 -59.62 -6.08 29.06
CA VAL F 124 -59.19 -4.69 29.01
C VAL F 124 -59.10 -4.16 30.43
N CYS F 125 -57.90 -3.75 30.84
CA CYS F 125 -57.64 -3.24 32.18
C CYS F 125 -57.15 -1.82 32.04
N LEU F 126 -57.95 -0.86 32.52
CA LEU F 126 -57.61 0.55 32.42
C LEU F 126 -57.17 1.07 33.78
N VAL F 127 -56.12 1.88 33.78
CA VAL F 127 -55.57 2.49 35.00
C VAL F 127 -55.58 4.00 34.80
N SER F 128 -56.13 4.72 35.78
CA SER F 128 -56.33 6.16 35.63
C SER F 128 -56.06 6.89 36.93
N ASP F 129 -55.70 8.17 36.80
CA ASP F 129 -55.65 9.11 37.92
C ASP F 129 -54.66 8.68 38.99
N PHE F 130 -53.48 8.23 38.57
CA PHE F 130 -52.42 7.89 39.51
C PHE F 130 -51.28 8.88 39.38
N TYR F 131 -50.75 9.32 40.53
CA TYR F 131 -49.64 10.26 40.59
C TYR F 131 -48.72 9.76 41.69
N PRO F 132 -47.41 9.62 41.43
CA PRO F 132 -46.69 9.85 40.16
C PRO F 132 -46.98 8.80 39.08
N GLY F 133 -46.54 9.04 37.85
CA GLY F 133 -46.79 8.12 36.76
C GLY F 133 -45.80 6.97 36.69
N ALA F 134 -45.88 6.08 37.68
CA ALA F 134 -45.00 4.92 37.78
C ALA F 134 -45.84 3.76 38.26
N VAL F 135 -46.29 2.92 37.34
CA VAL F 135 -47.18 1.81 37.64
C VAL F 135 -46.63 0.54 36.99
N THR F 136 -47.04 -0.59 37.55
CA THR F 136 -46.68 -1.91 37.03
C THR F 136 -47.97 -2.70 36.85
N VAL F 137 -48.16 -3.27 35.68
CA VAL F 137 -49.39 -4.01 35.36
C VAL F 137 -49.03 -5.47 35.13
N ALA F 138 -49.77 -6.36 35.80
CA ALA F 138 -49.55 -7.79 35.69
C ALA F 138 -50.89 -8.50 35.56
N TRP F 139 -50.88 -9.62 34.85
CA TRP F 139 -52.06 -10.44 34.64
C TRP F 139 -51.85 -11.80 35.26
N LYS F 140 -52.92 -12.35 35.85
CA LYS F 140 -52.89 -13.67 36.45
C LYS F 140 -54.17 -14.41 36.09
N ALA F 141 -54.04 -15.72 35.88
CA ALA F 141 -55.17 -16.60 35.58
C ALA F 141 -55.13 -17.75 36.57
N ASP F 142 -56.13 -17.82 37.46
CA ASP F 142 -56.17 -18.83 38.52
C ASP F 142 -54.90 -18.83 39.35
N GLY F 143 -54.41 -17.63 39.65
CA GLY F 143 -53.19 -17.47 40.42
C GLY F 143 -51.90 -17.65 39.65
N SER F 144 -51.96 -18.00 38.37
CA SER F 144 -50.75 -18.23 37.59
C SER F 144 -50.45 -17.02 36.72
N PRO F 145 -49.24 -16.47 36.78
CA PRO F 145 -48.92 -15.28 35.97
C PRO F 145 -49.07 -15.58 34.48
N VAL F 146 -49.57 -14.58 33.75
CA VAL F 146 -49.77 -14.68 32.31
C VAL F 146 -48.97 -13.56 31.66
N LYS F 147 -48.02 -13.94 30.79
CA LYS F 147 -47.16 -12.97 30.12
C LYS F 147 -47.38 -12.92 28.62
N VAL F 148 -47.68 -14.05 28.00
CA VAL F 148 -47.88 -14.09 26.54
C VAL F 148 -49.28 -13.61 26.21
N GLY F 149 -49.40 -12.88 25.11
CA GLY F 149 -50.67 -12.36 24.69
C GLY F 149 -51.08 -11.04 25.31
N VAL F 150 -50.20 -10.41 26.09
CA VAL F 150 -50.53 -9.17 26.78
C VAL F 150 -49.77 -8.02 26.12
N GLU F 151 -50.39 -6.84 26.16
CA GLU F 151 -49.80 -5.62 25.62
C GLU F 151 -50.24 -4.46 26.48
N THR F 152 -49.27 -3.76 27.06
CA THR F 152 -49.52 -2.72 28.03
C THR F 152 -48.97 -1.39 27.54
N THR F 153 -49.69 -0.33 27.88
CA THR F 153 -49.34 1.03 27.52
C THR F 153 -48.44 1.64 28.59
N LYS F 154 -47.41 2.36 28.16
CA LYS F 154 -46.61 3.13 29.10
C LYS F 154 -47.37 4.38 29.53
N PRO F 155 -47.23 4.80 30.79
CA PRO F 155 -48.11 5.86 31.32
C PRO F 155 -47.98 7.17 30.53
N SER F 156 -49.10 7.86 30.40
CA SER F 156 -49.18 9.16 29.74
C SER F 156 -49.96 10.14 30.60
N LYS F 157 -49.56 11.41 30.55
CA LYS F 157 -50.21 12.42 31.37
C LYS F 157 -51.67 12.61 30.95
N GLN F 158 -52.54 12.73 31.94
CA GLN F 158 -53.95 12.98 31.72
C GLN F 158 -54.19 14.48 31.58
N SER F 159 -55.47 14.88 31.59
CA SER F 159 -55.81 16.30 31.65
C SER F 159 -55.14 16.96 32.85
N ASN F 160 -55.43 16.48 34.05
CA ASN F 160 -54.64 16.85 35.21
C ASN F 160 -53.25 16.21 35.10
N ASN F 161 -52.30 16.73 35.88
CA ASN F 161 -50.94 16.21 35.82
C ASN F 161 -50.77 14.83 36.42
N LYS F 162 -51.86 14.10 36.62
CA LYS F 162 -51.82 12.69 36.96
C LYS F 162 -51.61 11.89 35.67
N TYR F 163 -51.68 10.56 35.75
CA TYR F 163 -51.31 9.72 34.61
C TYR F 163 -52.36 8.64 34.38
N ALA F 164 -52.29 8.04 33.19
CA ALA F 164 -53.20 6.98 32.80
C ALA F 164 -52.41 5.92 32.03
N ALA F 165 -53.01 4.73 31.93
CA ALA F 165 -52.43 3.64 31.17
C ALA F 165 -53.51 2.59 30.93
N SER F 166 -53.24 1.68 30.00
CA SER F 166 -54.16 0.62 29.68
C SER F 166 -53.37 -0.63 29.35
N SER F 167 -54.02 -1.78 29.46
CA SER F 167 -53.40 -3.07 29.16
C SER F 167 -54.46 -4.02 28.62
N TYR F 168 -54.03 -4.89 27.71
CA TYR F 168 -54.93 -5.77 26.97
C TYR F 168 -54.39 -7.19 27.01
N LEU F 169 -55.27 -8.15 27.29
CA LEU F 169 -54.92 -9.56 27.25
C LEU F 169 -55.82 -10.22 26.19
N SER F 170 -55.20 -10.65 25.10
CA SER F 170 -55.90 -11.25 23.99
C SER F 170 -55.73 -12.77 24.05
N LEU F 171 -56.84 -13.49 23.99
CA LEU F 171 -56.81 -14.95 23.96
C LEU F 171 -58.07 -15.46 23.28
N THR F 172 -58.15 -16.76 23.10
CA THR F 172 -59.30 -17.35 22.42
C THR F 172 -60.43 -17.64 23.41
N PRO F 173 -61.66 -17.80 22.90
CA PRO F 173 -62.77 -18.18 23.79
C PRO F 173 -62.54 -19.50 24.53
N GLU F 174 -61.79 -20.43 23.93
CA GLU F 174 -61.48 -21.69 24.61
C GLU F 174 -60.74 -21.44 25.92
N GLN F 175 -59.67 -20.64 25.86
CA GLN F 175 -58.89 -20.32 27.07
C GLN F 175 -59.68 -19.42 28.00
N TRP F 176 -60.29 -18.36 27.46
CA TRP F 176 -61.14 -17.49 28.26
C TRP F 176 -62.12 -18.26 29.16
N LYS F 177 -62.92 -19.16 28.58
CA LYS F 177 -63.78 -20.06 29.32
C LYS F 177 -63.01 -20.98 30.23
N SER F 178 -61.96 -21.61 29.72
CA SER F 178 -61.20 -22.65 30.43
C SER F 178 -60.71 -22.21 31.80
N HIS F 179 -60.24 -20.96 31.98
CA HIS F 179 -59.78 -20.53 33.30
C HIS F 179 -60.98 -20.04 34.13
N ARG F 180 -60.94 -20.28 35.45
CA ARG F 180 -62.08 -19.87 36.28
C ARG F 180 -62.09 -18.38 36.55
N SER F 181 -60.93 -17.75 36.53
CA SER F 181 -60.80 -16.38 36.96
C SER F 181 -59.60 -15.73 36.28
N TYR F 182 -59.74 -14.44 35.99
CA TYR F 182 -58.67 -13.62 35.42
C TYR F 182 -58.56 -12.34 36.22
N SER F 183 -57.34 -11.89 36.47
CA SER F 183 -57.12 -10.69 37.26
C SER F 183 -56.04 -9.82 36.63
N CYS F 184 -56.23 -8.51 36.73
CA CYS F 184 -55.22 -7.52 36.41
C CYS F 184 -54.89 -6.77 37.68
N ARG F 185 -53.63 -6.84 38.11
CA ARG F 185 -53.18 -6.16 39.31
C ARG F 185 -52.13 -5.12 38.96
N VAL F 186 -52.32 -3.91 39.48
CA VAL F 186 -51.41 -2.81 39.21
C VAL F 186 -50.79 -2.39 40.54
N THR F 187 -49.47 -2.18 40.52
CA THR F 187 -48.73 -1.75 41.70
C THR F 187 -48.24 -0.33 41.48
N HIS F 188 -48.45 0.52 42.49
CA HIS F 188 -48.10 1.94 42.41
C HIS F 188 -47.64 2.39 43.79
N GLU F 189 -46.42 2.93 43.86
CA GLU F 189 -45.86 3.42 45.13
C GLU F 189 -45.90 2.35 46.21
N GLY F 190 -45.70 1.09 45.81
CA GLY F 190 -45.60 -0.02 46.74
C GLY F 190 -46.90 -0.71 47.07
N SER F 191 -48.04 -0.17 46.65
CA SER F 191 -49.35 -0.74 46.94
C SER F 191 -49.96 -1.30 45.68
N THR F 192 -50.58 -2.47 45.79
CA THR F 192 -51.13 -3.18 44.64
C THR F 192 -52.65 -3.18 44.72
N VAL F 193 -53.30 -2.66 43.67
CA VAL F 193 -54.74 -2.68 43.49
C VAL F 193 -55.06 -3.71 42.40
N GLU F 194 -55.95 -4.64 42.72
CA GLU F 194 -56.27 -5.77 41.84
C GLU F 194 -57.74 -5.77 41.47
N LYS F 195 -58.02 -6.04 40.20
CA LYS F 195 -59.37 -6.25 39.70
C LYS F 195 -59.47 -7.64 39.09
N THR F 196 -60.67 -8.21 39.12
CA THR F 196 -60.88 -9.60 38.76
C THR F 196 -62.21 -9.78 38.05
N VAL F 197 -62.24 -10.67 37.05
CA VAL F 197 -63.48 -11.09 36.41
C VAL F 197 -63.44 -12.60 36.20
N ALA F 198 -64.61 -13.17 35.99
CA ALA F 198 -64.77 -14.60 35.82
C ALA F 198 -65.73 -14.88 34.67
N PRO F 199 -65.51 -15.98 33.94
CA PRO F 199 -66.43 -16.33 32.84
C PRO F 199 -67.87 -16.51 33.28
N ALA F 200 -68.11 -16.90 34.53
CA ALA F 200 -69.47 -16.90 35.09
C ALA F 200 -69.87 -15.51 35.58
N GLU F 201 -69.72 -14.52 34.70
CA GLU F 201 -69.93 -13.12 35.04
C GLU F 201 -71.42 -12.81 35.15
N CYS F 202 -71.74 -11.75 35.90
CA CYS F 202 -73.12 -11.27 35.99
C CYS F 202 -73.13 -9.74 35.92
C1 NAG G . 38.98 43.48 -37.60
C2 NAG G . 38.87 43.35 -39.14
C3 NAG G . 39.92 44.14 -39.94
C4 NAG G . 40.12 45.50 -39.31
C5 NAG G . 40.60 45.25 -37.89
C6 NAG G . 41.12 46.50 -37.22
C7 NAG G . 39.86 41.05 -39.39
C8 NAG G . 39.54 39.67 -39.90
N2 NAG G . 38.86 41.95 -39.54
O3 NAG G . 39.46 44.19 -41.27
O4 NAG G . 41.10 46.23 -40.01
O5 NAG G . 39.50 44.72 -37.18
O6 NAG G . 41.60 46.19 -35.94
O7 NAG G . 40.94 41.31 -38.88
C1 NAG H . 26.90 24.49 -29.81
C2 NAG H . 26.30 23.17 -30.28
C3 NAG H . 27.32 22.43 -31.14
C4 NAG H . 27.79 23.33 -32.29
C5 NAG H . 28.28 24.66 -31.72
C6 NAG H . 28.74 25.64 -32.78
C7 NAG H . 24.60 22.33 -28.71
C8 NAG H . 24.38 21.45 -27.51
N2 NAG H . 25.88 22.38 -29.15
O3 NAG H . 26.70 21.26 -31.61
O4 NAG H . 28.82 22.64 -32.95
O5 NAG H . 27.26 25.27 -30.93
O6 NAG H . 27.69 25.87 -33.69
O7 NAG H . 23.69 22.95 -29.22
C1 NAG I . 30.15 42.59 -27.98
C2 NAG I . 28.89 43.21 -28.60
C3 NAG I . 28.92 44.73 -28.39
C4 NAG I . 29.04 45.01 -26.90
C5 NAG I . 30.26 44.26 -26.33
C6 NAG I . 30.45 44.47 -24.84
C7 NAG I . 28.07 41.82 -30.46
C8 NAG I . 28.09 41.63 -31.95
N2 NAG I . 28.78 42.87 -30.00
O3 NAG I . 27.76 45.27 -28.95
O4 NAG I . 29.15 46.42 -26.76
O5 NAG I . 30.15 42.88 -26.60
O6 NAG I . 29.19 44.60 -24.22
O7 NAG I . 27.46 41.06 -29.71
C1 NAG J . 17.26 33.04 -3.66
C2 NAG J . 17.33 32.15 -2.42
C3 NAG J . 16.24 32.58 -1.43
C4 NAG J . 16.42 34.05 -1.09
C5 NAG J . 16.42 34.89 -2.37
C6 NAG J . 16.74 36.33 -2.08
C7 NAG J . 18.10 29.82 -2.38
C8 NAG J . 17.77 28.42 -2.84
N2 NAG J . 17.21 30.76 -2.75
O3 NAG J . 16.29 31.76 -0.29
O4 NAG J . 15.33 34.42 -0.26
O5 NAG J . 17.38 34.40 -3.29
O6 NAG J . 17.14 36.96 -3.26
O7 NAG J . 19.10 30.06 -1.72
C1 NAG K . 30.03 14.97 -30.44
C2 NAG K . 31.54 15.26 -30.52
C3 NAG K . 31.93 15.40 -32.00
C4 NAG K . 31.43 14.20 -32.81
C5 NAG K . 29.93 13.95 -32.55
C6 NAG K . 29.39 12.73 -33.26
C7 NAG K . 32.36 16.46 -28.52
C8 NAG K . 32.61 17.84 -27.95
N2 NAG K . 31.85 16.44 -29.77
O3 NAG K . 33.32 15.56 -32.07
O4 NAG K . 31.66 14.46 -34.17
O5 NAG K . 29.71 13.80 -31.16
O6 NAG K . 30.14 11.61 -32.88
O7 NAG K . 32.60 15.46 -27.87
C1 NAG L . 12.34 32.61 -24.68
C2 NAG L . 11.54 33.76 -25.31
C3 NAG L . 10.46 33.22 -26.24
C4 NAG L . 11.07 32.27 -27.27
C5 NAG L . 11.81 31.17 -26.50
C6 NAG L . 12.39 30.13 -27.42
C7 NAG L . 11.19 35.91 -24.19
C8 NAG L . 10.43 36.60 -23.07
N2 NAG L . 10.93 34.60 -24.31
O3 NAG L . 9.82 34.32 -26.85
O4 NAG L . 10.04 31.73 -28.04
O5 NAG L . 12.82 31.78 -25.72
O6 NAG L . 13.39 29.38 -26.78
O7 NAG L . 11.98 36.51 -24.90
C1 NAG M . 4.75 32.02 -0.57
C2 NAG M . 4.15 33.42 -0.78
C3 NAG M . 3.52 33.91 0.52
C4 NAG M . 2.51 32.90 1.03
C5 NAG M . 3.19 31.52 1.16
C6 NAG M . 2.25 30.42 1.56
C7 NAG M . 5.11 34.95 -2.43
C8 NAG M . 6.27 35.87 -2.72
N2 NAG M . 5.16 34.34 -1.24
O3 NAG M . 2.91 35.15 0.23
O4 NAG M . 2.05 33.38 2.28
O5 NAG M . 3.76 31.16 -0.08
O6 NAG M . 1.33 30.21 0.51
O7 NAG M . 4.21 34.78 -3.23
C1 NAG N . 0.42 32.76 -13.08
C2 NAG N . -0.28 33.97 -12.46
C3 NAG N . -1.23 34.60 -13.48
C4 NAG N . -0.52 34.84 -14.81
C5 NAG N . 0.06 33.51 -15.27
C6 NAG N . 0.80 33.56 -16.59
C7 NAG N . -0.69 33.94 -10.02
C8 NAG N . -1.62 33.39 -8.95
N2 NAG N . -1.01 33.58 -11.27
O3 NAG N . -1.70 35.81 -12.97
O4 NAG N . -1.49 35.35 -15.70
O5 NAG N . 1.00 33.12 -14.30
O6 NAG N . 2.08 34.11 -16.39
O7 NAG N . 0.26 34.66 -9.74
C1 NAG O . 6.50 11.49 -5.75
C2 NAG O . 6.69 10.21 -4.91
C3 NAG O . 5.98 9.03 -5.56
C4 NAG O . 4.52 9.40 -5.83
C5 NAG O . 4.48 10.64 -6.71
C6 NAG O . 3.08 11.11 -7.05
C7 NAG O . 8.59 9.35 -3.62
C8 NAG O . 10.08 9.12 -3.63
N2 NAG O . 8.09 9.92 -4.73
O3 NAG O . 6.10 7.91 -4.72
O4 NAG O . 3.92 8.29 -6.44
O5 NAG O . 5.14 11.70 -6.05
O6 NAG O . 3.11 12.40 -7.61
O7 NAG O . 7.90 9.03 -2.67
C1 NAG P . -1.47 15.66 -14.65
C2 NAG P . -1.58 14.47 -13.69
C3 NAG P . -3.01 13.92 -13.63
C4 NAG P . -4.04 15.03 -13.50
C5 NAG P . -3.80 16.05 -14.62
C6 NAG P . -4.80 17.18 -14.66
C7 NAG P . 0.02 12.64 -13.26
C8 NAG P . 0.92 11.62 -13.93
N2 NAG P . -0.67 13.43 -14.09
O3 NAG P . -3.08 13.04 -12.55
O4 NAG P . -5.31 14.44 -13.60
O5 NAG P . -2.51 16.59 -14.43
O6 NAG P . -4.73 17.92 -13.46
O7 NAG P . -0.05 12.72 -12.04
C1 NAG Q . 13.93 36.72 -10.38
C2 NAG Q . 14.86 37.75 -9.73
C3 NAG Q . 14.37 39.18 -9.99
C4 NAG Q . 14.09 39.39 -11.47
C5 NAG Q . 13.12 38.31 -11.95
C6 NAG Q . 12.74 38.43 -13.41
C7 NAG Q . 16.11 37.03 -7.74
C8 NAG Q . 16.02 36.84 -6.25
N2 NAG Q . 14.99 37.49 -8.32
O3 NAG Q . 15.36 40.05 -9.49
O4 NAG Q . 13.55 40.68 -11.62
O5 NAG Q . 13.71 37.04 -11.74
O6 NAG Q . 11.72 37.53 -13.72
O7 NAG Q . 17.13 36.77 -8.37
N1 EPE R . 29.01 30.80 -34.45
C2 EPE R . 29.25 29.67 -33.54
C3 EPE R . 27.93 29.20 -32.91
N4 EPE R . 27.31 30.29 -32.17
C5 EPE R . 27.11 31.45 -33.01
C6 EPE R . 28.42 31.89 -33.67
C7 EPE R . 26.11 29.88 -31.47
C8 EPE R . 26.34 28.83 -30.39
O8 EPE R . 27.36 29.21 -29.50
C9 EPE R . 30.18 31.18 -35.24
C10 EPE R . 30.56 30.17 -36.32
S EPE R . 32.03 30.54 -37.34
O1S EPE R . 31.84 31.85 -37.91
O2S EPE R . 32.21 29.31 -38.19
O3S EPE R . 33.10 30.57 -36.33
C1 NAG S . 16.83 -1.89 47.27
C2 NAG S . 18.08 -1.70 48.14
C3 NAG S . 17.75 -1.85 49.62
C4 NAG S . 16.65 -0.83 49.89
C5 NAG S . 15.38 -1.32 49.21
C6 NAG S . 14.39 -0.22 48.92
C7 NAG S . 20.46 -2.34 47.90
C8 NAG S . 21.38 -3.45 47.46
N2 NAG S . 19.14 -2.62 47.78
O3 NAG S . 18.90 -1.60 50.36
O4 NAG S . 16.49 -0.74 51.29
O5 NAG S . 15.63 -2.06 48.02
O6 NAG S . 13.25 -0.75 48.27
O7 NAG S . 20.89 -1.28 48.32
C1 NAG T . -1.65 -5.86 33.86
C2 NAG T . -3.16 -6.06 34.00
C3 NAG T . -3.71 -4.93 34.87
C4 NAG T . -3.01 -4.93 36.22
C5 NAG T . -1.48 -4.91 36.03
C6 NAG T . -0.72 -5.06 37.32
C7 NAG T . -4.08 -7.23 32.05
C8 NAG T . -4.73 -7.05 30.71
N2 NAG T . -3.79 -6.09 32.71
O3 NAG T . -5.10 -5.13 34.98
O4 NAG T . -3.43 -3.79 36.93
O5 NAG T . -1.08 -5.95 35.15
O6 NAG T . 0.64 -5.29 37.04
O7 NAG T . -3.82 -8.34 32.48
C1 NAG U . 16.59 -7.81 35.03
C2 NAG U . 17.24 -8.93 35.88
C3 NAG U . 18.55 -9.38 35.24
C4 NAG U . 18.36 -9.71 33.77
C5 NAG U . 17.75 -8.49 33.09
C6 NAG U . 17.52 -8.68 31.60
C7 NAG U . 17.45 -9.28 38.31
C8 NAG U . 17.73 -8.59 39.62
N2 NAG U . 17.47 -8.49 37.22
O3 NAG U . 19.04 -10.49 35.95
O4 NAG U . 19.63 -10.02 33.24
O5 NAG U . 16.51 -8.21 33.69
O6 NAG U . 16.79 -9.85 31.38
O7 NAG U . 17.25 -10.50 38.25
C1 NAG V . 8.95 -13.51 7.84
C2 NAG V . 8.46 -12.88 6.53
C3 NAG V . 8.77 -13.81 5.36
C4 NAG V . 10.25 -14.17 5.34
C5 NAG V . 10.61 -14.79 6.69
C6 NAG V . 12.06 -15.17 6.82
C7 NAG V . 6.44 -11.48 6.34
C8 NAG V . 4.94 -11.49 6.51
N2 NAG V . 7.05 -12.64 6.62
O3 NAG V . 8.37 -13.22 4.15
O4 NAG V . 10.40 -15.10 4.29
O5 NAG V . 10.31 -13.85 7.71
O6 NAG V . 12.78 -14.10 7.39
O7 NAG V . 7.04 -10.49 5.97
C1 NAG W . -10.34 -0.53 33.87
C2 NAG W . -10.13 0.89 34.41
C3 NAG W . -10.21 0.89 35.94
C4 NAG W . -11.43 0.13 36.44
C5 NAG W . -11.43 -1.26 35.82
C6 NAG W . -12.53 -2.18 36.29
C7 NAG W . -8.63 2.17 32.91
C8 NAG W . -7.19 2.54 32.67
N2 NAG W . -8.85 1.37 33.98
O3 NAG W . -10.19 2.24 36.36
O4 NAG W . -11.35 0.06 37.84
O5 NAG W . -11.51 -1.11 34.41
O6 NAG W . -12.52 -3.37 35.55
O7 NAG W . -9.53 2.57 32.19
C1 NAG X . 3.23 -21.23 27.15
C2 NAG X . 4.02 -22.42 27.71
C3 NAG X . 3.08 -23.46 28.31
C4 NAG X . 2.09 -22.82 29.28
C5 NAG X . 1.37 -21.68 28.56
C6 NAG X . 0.37 -20.96 29.45
C7 NAG X . 6.16 -23.21 26.80
C8 NAG X . 6.83 -23.85 25.59
N2 NAG X . 4.84 -23.02 26.69
O3 NAG X . 3.86 -24.43 28.95
O4 NAG X . 1.19 -23.81 29.71
O5 NAG X . 2.34 -20.74 28.13
O6 NAG X . 0.07 -19.68 28.95
O7 NAG X . 6.81 -22.91 27.79
C1 NAG Y . 5.28 -24.63 2.21
C2 NAG Y . 6.45 -25.57 2.50
C3 NAG Y . 7.03 -26.06 1.17
C4 NAG Y . 5.94 -26.68 0.30
C5 NAG Y . 4.76 -25.72 0.18
C6 NAG Y . 3.56 -26.30 -0.55
C7 NAG Y . 7.87 -25.33 4.49
C8 NAG Y . 8.93 -24.47 5.14
N2 NAG Y . 7.45 -24.90 3.28
O3 NAG Y . 8.03 -27.00 1.46
O4 NAG Y . 6.54 -26.94 -0.95
O5 NAG Y . 4.32 -25.33 1.46
O6 NAG Y . 3.08 -27.42 0.18
O7 NAG Y . 7.43 -26.32 5.05
C1 NAG Z . 2.55 -30.75 13.64
C2 NAG Z . 3.62 -31.65 12.97
C3 NAG Z . 3.70 -32.95 13.78
C4 NAG Z . 3.98 -32.65 15.25
C5 NAG Z . 2.85 -31.77 15.76
C6 NAG Z . 3.02 -31.44 17.21
C7 NAG Z . 4.05 -31.51 10.52
C8 NAG Z . 3.50 -31.88 9.17
N2 NAG Z . 3.30 -31.89 11.58
O3 NAG Z . 4.75 -33.72 13.33
O4 NAG Z . 4.06 -33.89 15.90
O5 NAG Z . 2.86 -30.58 15.01
O6 NAG Z . 2.01 -30.55 17.61
O7 NAG Z . 5.11 -30.91 10.62
C1 NAG AA . -14.46 -17.62 4.54
C2 NAG AA . -15.36 -16.76 3.64
C3 NAG AA . -16.83 -17.05 3.90
C4 NAG AA . -17.09 -18.53 3.86
C5 NAG AA . -16.17 -19.21 4.89
C6 NAG AA . -16.36 -20.71 5.03
C7 NAG AA . -15.24 -14.42 2.90
C8 NAG AA . -14.91 -13.01 3.35
N2 NAG AA . -15.09 -15.36 3.84
O3 NAG AA . -17.60 -16.37 2.93
O4 NAG AA . -18.46 -18.66 4.11
O5 NAG AA . -14.84 -18.97 4.51
O6 NAG AA . -16.85 -21.24 3.81
O7 NAG AA . -15.62 -14.66 1.76
C1 NAG BA . -14.45 -27.43 11.97
C2 NAG BA . -15.05 -27.09 10.60
C3 NAG BA . -16.14 -28.10 10.26
C4 NAG BA . -15.58 -29.51 10.33
C5 NAG BA . -14.94 -29.74 11.71
C6 NAG BA . -14.32 -31.11 11.85
C7 NAG BA . -14.95 -24.70 10.03
C8 NAG BA . -15.68 -23.38 10.14
N2 NAG BA . -15.58 -25.74 10.60
O3 NAG BA . -16.62 -27.80 8.98
O4 NAG BA . -16.66 -30.40 10.12
O5 NAG BA . -13.94 -28.74 11.93
O6 NAG BA . -13.67 -31.21 13.09
O7 NAG BA . -13.86 -24.78 9.45
C1 NAG CA . 10.17 -18.54 13.81
C2 NAG CA . 11.49 -17.83 13.53
C3 NAG CA . 12.62 -18.84 13.55
C4 NAG CA . 12.58 -19.65 14.84
C5 NAG CA . 11.20 -20.24 15.13
C6 NAG CA . 11.08 -20.88 16.49
C7 NAG CA . 11.50 -15.72 12.23
C8 NAG CA . 11.45 -15.18 10.83
N2 NAG CA . 11.46 -17.07 12.31
O3 NAG CA . 13.80 -18.09 13.46
O4 NAG CA . 13.61 -20.63 14.78
O5 NAG CA . 10.24 -19.20 15.06
O6 NAG CA . 11.09 -19.89 17.51
O7 NAG CA . 11.57 -14.98 13.20
C1 NAG DA . -4.64 -37.37 11.97
C2 NAG DA . -3.28 -37.92 11.52
C3 NAG DA . -3.47 -39.18 10.68
C4 NAG DA . -4.10 -40.18 11.64
C5 NAG DA . -5.53 -39.62 11.78
C6 NAG DA . -6.65 -40.48 12.37
C7 NAG DA . -1.29 -36.53 11.22
C8 NAG DA . -0.62 -35.56 10.28
N2 NAG DA . -2.49 -36.96 10.80
O3 NAG DA . -2.26 -39.56 10.10
O4 NAG DA . -3.98 -41.51 11.22
O5 NAG DA . -5.50 -38.38 12.49
O6 NAG DA . -7.83 -39.73 12.54
O7 NAG DA . -0.77 -36.90 12.27
N1 EPE EA . 12.78 10.38 10.49
C2 EPE EA . 13.60 9.38 11.17
C3 EPE EA . 12.78 8.40 11.98
N4 EPE EA . 11.92 9.10 12.91
C5 EPE EA . 11.04 9.98 12.16
C6 EPE EA . 11.87 11.01 11.44
C7 EPE EA . 11.15 8.22 13.78
C8 EPE EA . 9.87 8.82 14.31
O8 EPE EA . 10.17 9.78 15.30
C9 EPE EA . 13.57 11.39 9.85
C10 EPE EA . 14.22 10.87 8.59
S EPE EA . 15.31 12.08 7.82
O1S EPE EA . 16.57 11.34 7.60
O2S EPE EA . 14.64 12.47 6.56
O3S EPE EA . 15.45 13.19 8.77
N1 EPE FA . -11.28 -8.37 -10.15
C2 EPE FA . -11.97 -7.35 -10.90
C3 EPE FA . -12.60 -7.86 -12.15
N4 EPE FA . -11.82 -8.81 -12.95
C5 EPE FA . -11.35 -9.90 -12.11
C6 EPE FA . -10.53 -9.32 -10.97
C7 EPE FA . -12.59 -9.34 -14.05
C8 EPE FA . -11.78 -10.20 -14.97
O8 EPE FA . -11.88 -11.55 -14.56
C9 EPE FA . -10.36 -7.68 -9.28
C10 EPE FA . -9.39 -8.57 -8.53
S EPE FA . -8.88 -7.92 -6.93
O1S EPE FA . -7.74 -7.03 -7.22
O2S EPE FA . -8.50 -9.13 -6.17
O3S EPE FA . -10.05 -7.22 -6.34
#